data_9EYN
#
_entry.id   9EYN
#
_cell.length_a   1.00
_cell.length_b   1.00
_cell.length_c   1.00
_cell.angle_alpha   90.00
_cell.angle_beta   90.00
_cell.angle_gamma   90.00
#
_symmetry.space_group_name_H-M   'P 1'
#
loop_
_entity.id
_entity.type
_entity.pdbx_description
1 polymer Actinoporin
2 non-polymer CHOLESTEROL
3 non-polymer 'Sphingomyelin C18'
#
_entity_poly.entity_id   1
_entity_poly.type   'polypeptide(L)'
_entity_poly.pdbx_seq_one_letter_code
;GHMSAPIKANDPNGEVLEEMPKTKRGAEALLADVGLAHFPEMVPNRQELRALLKRSHNAEAIPQEPMDLENLDSEKRAAR
IAAGTIIAGAELTIGLLQNLLDVLANVNRKCAVGVDNESGFRWQEGSTYFFSGTADENLPYSVSDGYAVLYGPRKTNGPV
ATGVVGVLAYYIPSIGKTLAVMWSVPFDYNFYQNWWNAKLYSGNQDADYDHYVDLYYDANPFKANGWHERSLGSGLKFCG
SMSSSGQATLEIHVLKESETCM
;
_entity_poly.pdbx_strand_id   A,B,C,D,E,F,G,H
#
# COMPACT_ATOMS: atom_id res chain seq x y z
N ALA A 82 -35.38 -17.97 31.72
CA ALA A 82 -35.96 -17.01 30.76
C ALA A 82 -34.92 -15.98 30.28
N ALA A 83 -34.60 -14.93 31.05
CA ALA A 83 -33.90 -13.73 30.52
C ALA A 83 -32.52 -14.01 29.90
N GLY A 84 -31.75 -14.99 30.40
CA GLY A 84 -30.47 -15.36 29.79
C GLY A 84 -30.59 -15.81 28.32
N THR A 85 -31.62 -16.61 27.99
CA THR A 85 -31.86 -17.04 26.61
C THR A 85 -32.58 -15.99 25.76
N ILE A 86 -33.29 -15.02 26.36
CA ILE A 86 -33.80 -13.85 25.63
C ILE A 86 -32.63 -13.01 25.10
N ILE A 87 -31.64 -12.67 25.95
CA ILE A 87 -30.46 -11.92 25.52
C ILE A 87 -29.60 -12.75 24.55
N ALA A 88 -29.45 -14.07 24.75
CA ALA A 88 -28.69 -14.90 23.81
C ALA A 88 -29.39 -15.07 22.45
N GLY A 89 -30.72 -15.17 22.42
CA GLY A 89 -31.53 -15.21 21.20
C GLY A 89 -31.59 -13.86 20.48
N ALA A 90 -31.54 -12.75 21.23
CA ALA A 90 -31.35 -11.44 20.65
C ALA A 90 -29.97 -11.34 19.99
N GLU A 91 -28.89 -11.70 20.69
CA GLU A 91 -27.53 -11.65 20.11
C GLU A 91 -27.39 -12.49 18.83
N LEU A 92 -28.06 -13.65 18.76
CA LEU A 92 -28.17 -14.44 17.53
C LEU A 92 -28.95 -13.70 16.44
N THR A 93 -30.13 -13.17 16.76
CA THR A 93 -30.99 -12.46 15.80
C THR A 93 -30.32 -11.21 15.24
N ILE A 94 -29.62 -10.43 16.06
CA ILE A 94 -28.84 -9.28 15.61
C ILE A 94 -27.68 -9.73 14.71
N GLY A 95 -27.07 -10.88 14.98
CA GLY A 95 -26.07 -11.47 14.08
C GLY A 95 -26.64 -11.83 12.69
N LEU A 96 -27.84 -12.39 12.63
CA LEU A 96 -28.52 -12.69 11.37
C LEU A 96 -28.93 -11.42 10.59
N LEU A 97 -29.52 -10.43 11.26
CA LEU A 97 -29.88 -9.16 10.61
C LEU A 97 -28.63 -8.42 10.12
N GLN A 98 -27.50 -8.46 10.84
CA GLN A 98 -26.25 -7.90 10.33
C GLN A 98 -25.78 -8.62 9.07
N ASN A 99 -25.85 -9.96 9.00
CA ASN A 99 -25.50 -10.69 7.78
C ASN A 99 -26.43 -10.33 6.60
N LEU A 100 -27.73 -10.22 6.83
CA LEU A 100 -28.68 -9.85 5.76
C LEU A 100 -28.38 -8.48 5.19
N LEU A 101 -28.22 -7.47 6.04
CA LEU A 101 -27.96 -6.11 5.58
C LEU A 101 -26.53 -5.97 5.01
N ASP A 102 -25.54 -6.69 5.54
CA ASP A 102 -24.18 -6.71 4.95
C ASP A 102 -24.15 -7.36 3.57
N VAL A 103 -24.96 -8.39 3.31
CA VAL A 103 -25.17 -8.95 1.97
C VAL A 103 -25.87 -7.94 1.05
N LEU A 104 -27.05 -7.43 1.40
CA LEU A 104 -27.79 -6.50 0.54
C LEU A 104 -27.02 -5.20 0.25
N ALA A 105 -26.14 -4.75 1.14
CA ALA A 105 -25.27 -3.59 0.91
C ALA A 105 -24.06 -3.89 -0.01
N ASN A 106 -23.70 -5.16 -0.22
CA ASN A 106 -22.56 -5.60 -1.03
C ASN A 106 -22.94 -6.44 -2.26
N VAL A 107 -24.22 -6.42 -2.65
CA VAL A 107 -24.70 -6.98 -3.92
C VAL A 107 -24.87 -5.80 -4.84
N ASN A 108 -23.93 -5.63 -5.78
CA ASN A 108 -23.73 -4.40 -6.52
C ASN A 108 -24.34 -4.51 -7.93
N ARG A 109 -25.00 -3.44 -8.38
CA ARG A 109 -25.53 -3.32 -9.75
C ARG A 109 -25.13 -1.97 -10.31
N LYS A 110 -24.60 -1.98 -11.52
CA LYS A 110 -24.21 -0.79 -12.26
C LYS A 110 -24.34 -1.05 -13.74
N CYS A 111 -24.55 0.00 -14.51
CA CYS A 111 -24.73 -0.12 -15.95
C CYS A 111 -23.91 0.96 -16.62
N ALA A 112 -22.64 0.72 -16.94
CA ALA A 112 -21.82 1.72 -17.62
C ALA A 112 -22.33 1.93 -19.05
N VAL A 113 -23.13 2.97 -19.26
CA VAL A 113 -23.75 3.35 -20.53
C VAL A 113 -22.78 4.15 -21.38
N GLY A 114 -22.49 3.68 -22.59
CA GLY A 114 -21.80 4.44 -23.63
C GLY A 114 -22.72 4.59 -24.85
N VAL A 115 -23.06 5.82 -25.20
CA VAL A 115 -23.84 6.13 -26.41
C VAL A 115 -23.02 7.04 -27.32
N ASP A 116 -22.72 6.59 -28.53
CA ASP A 116 -21.82 7.26 -29.47
C ASP A 116 -22.63 7.92 -30.59
N ASN A 117 -22.47 9.23 -30.76
CA ASN A 117 -23.26 10.01 -31.70
C ASN A 117 -22.54 10.17 -33.05
N GLU A 118 -22.72 9.21 -33.96
CA GLU A 118 -22.31 9.34 -35.36
C GLU A 118 -23.48 9.79 -36.26
N SER A 119 -24.48 10.48 -35.70
CA SER A 119 -25.72 10.83 -36.42
C SER A 119 -25.54 11.86 -37.52
N GLY A 120 -24.46 12.65 -37.52
CA GLY A 120 -24.37 13.88 -38.32
C GLY A 120 -25.15 15.07 -37.75
N PHE A 121 -25.76 14.93 -36.56
CA PHE A 121 -26.65 15.89 -35.91
C PHE A 121 -26.26 16.13 -34.44
N ARG A 122 -26.33 17.38 -33.98
CA ARG A 122 -26.14 17.77 -32.56
C ARG A 122 -27.30 17.27 -31.70
N TRP A 123 -26.99 16.63 -30.58
CA TRP A 123 -27.95 16.26 -29.55
C TRP A 123 -27.81 17.20 -28.37
N GLN A 124 -28.90 17.69 -27.77
CA GLN A 124 -28.86 18.66 -26.68
C GLN A 124 -29.99 18.48 -25.65
N GLU A 125 -29.89 19.19 -24.53
CA GLU A 125 -30.88 19.21 -23.44
C GLU A 125 -31.02 17.85 -22.74
N GLY A 126 -29.90 17.24 -22.36
CA GLY A 126 -29.87 15.89 -21.80
C GLY A 126 -30.68 15.71 -20.51
N SER A 127 -31.70 14.87 -20.52
CA SER A 127 -32.62 14.64 -19.39
C SER A 127 -32.64 13.16 -19.00
N THR A 128 -32.97 12.88 -17.74
CA THR A 128 -32.81 11.53 -17.17
C THR A 128 -33.96 11.15 -16.25
N TYR A 129 -34.33 9.88 -16.24
CA TYR A 129 -35.27 9.31 -15.30
C TYR A 129 -34.72 8.01 -14.75
N PHE A 130 -34.93 7.72 -13.47
CA PHE A 130 -34.61 6.43 -12.88
C PHE A 130 -35.85 5.80 -12.28
N PHE A 131 -36.23 4.61 -12.77
CA PHE A 131 -37.20 3.79 -12.07
C PHE A 131 -36.58 3.22 -10.79
N SER A 132 -35.29 2.87 -10.81
CA SER A 132 -34.52 2.57 -9.61
C SER A 132 -33.03 2.84 -9.82
N GLY A 133 -32.28 3.09 -8.75
CA GLY A 133 -30.89 3.52 -8.85
C GLY A 133 -30.72 5.01 -9.09
N THR A 134 -29.47 5.46 -9.25
CA THR A 134 -29.04 6.85 -9.39
C THR A 134 -27.72 6.93 -10.17
N ALA A 135 -27.17 8.11 -10.41
CA ALA A 135 -25.80 8.31 -10.85
C ALA A 135 -25.18 9.50 -10.12
N ASP A 136 -23.84 9.59 -10.06
CA ASP A 136 -23.15 10.66 -9.35
C ASP A 136 -22.77 11.85 -10.23
N GLU A 137 -22.39 11.63 -11.49
CA GLU A 137 -22.16 12.69 -12.48
C GLU A 137 -23.44 13.10 -13.23
N ASN A 138 -23.37 14.19 -13.99
CA ASN A 138 -24.42 14.61 -14.91
C ASN A 138 -24.18 14.07 -16.32
N LEU A 139 -25.24 13.98 -17.13
CA LEU A 139 -25.14 13.91 -18.58
C LEU A 139 -24.39 15.15 -19.10
N PRO A 140 -23.63 15.06 -20.20
CA PRO A 140 -23.26 16.24 -20.98
C PRO A 140 -24.51 17.02 -21.40
N TYR A 141 -24.50 18.36 -21.40
CA TYR A 141 -25.66 19.13 -21.87
C TYR A 141 -25.99 18.83 -23.33
N SER A 142 -24.95 18.62 -24.13
CA SER A 142 -25.04 18.24 -25.53
C SER A 142 -23.94 17.25 -25.87
N VAL A 143 -24.20 16.38 -26.84
CA VAL A 143 -23.14 15.60 -27.49
C VAL A 143 -23.16 15.96 -28.97
N SER A 144 -22.06 16.53 -29.45
CA SER A 144 -21.94 16.94 -30.84
C SER A 144 -21.64 15.75 -31.76
N ASP A 145 -21.69 15.95 -33.07
CA ASP A 145 -21.36 14.92 -34.05
C ASP A 145 -19.94 14.33 -33.83
N GLY A 146 -19.83 13.01 -33.73
CA GLY A 146 -18.57 12.29 -33.55
C GLY A 146 -18.09 12.12 -32.11
N TYR A 147 -18.83 12.61 -31.11
CA TYR A 147 -18.53 12.40 -29.69
C TYR A 147 -19.51 11.42 -29.00
N ALA A 148 -19.19 10.98 -27.79
CA ALA A 148 -19.99 10.01 -27.04
C ALA A 148 -20.43 10.53 -25.67
N VAL A 149 -21.64 10.16 -25.26
CA VAL A 149 -22.08 10.18 -23.86
C VAL A 149 -21.52 8.95 -23.17
N LEU A 150 -20.69 9.14 -22.15
CA LEU A 150 -20.36 8.09 -21.18
C LEU A 150 -21.07 8.42 -19.88
N TYR A 151 -21.87 7.50 -19.35
CA TYR A 151 -22.67 7.69 -18.14
C TYR A 151 -22.61 6.43 -17.27
N GLY A 152 -22.45 6.58 -15.96
CA GLY A 152 -22.24 5.48 -15.01
C GLY A 152 -23.31 5.37 -13.91
N PRO A 153 -24.56 5.04 -14.25
CA PRO A 153 -25.60 4.78 -13.28
C PRO A 153 -25.35 3.50 -12.46
N ARG A 154 -25.88 3.47 -11.23
CA ARG A 154 -25.66 2.46 -10.20
C ARG A 154 -26.88 2.30 -9.29
N LYS A 155 -26.99 1.20 -8.54
CA LYS A 155 -28.10 1.03 -7.58
C LYS A 155 -28.03 2.04 -6.43
N THR A 156 -29.16 2.23 -5.73
CA THR A 156 -29.24 3.03 -4.51
C THR A 156 -28.30 2.47 -3.44
N ASN A 157 -27.54 3.32 -2.76
CA ASN A 157 -26.54 2.89 -1.79
C ASN A 157 -27.17 2.26 -0.53
N GLY A 158 -26.41 1.43 0.20
CA GLY A 158 -26.88 0.76 1.41
C GLY A 158 -27.75 -0.47 1.15
N PRO A 159 -28.30 -1.07 2.20
CA PRO A 159 -28.97 -2.37 2.14
C PRO A 159 -30.38 -2.28 1.57
N VAL A 160 -30.50 -2.12 0.25
CA VAL A 160 -31.77 -2.07 -0.49
C VAL A 160 -31.72 -2.99 -1.70
N ALA A 161 -32.76 -3.78 -1.92
CA ALA A 161 -32.82 -4.86 -2.89
C ALA A 161 -33.44 -4.43 -4.23
N THR A 162 -32.97 -3.33 -4.79
CA THR A 162 -33.38 -2.81 -6.11
C THR A 162 -32.17 -2.65 -7.03
N GLY A 163 -32.37 -2.88 -8.33
CA GLY A 163 -31.33 -2.76 -9.35
C GLY A 163 -31.19 -1.33 -9.86
N VAL A 164 -30.53 -1.16 -11.00
CA VAL A 164 -30.48 0.13 -11.70
C VAL A 164 -31.28 0.08 -13.00
N VAL A 165 -32.30 0.92 -13.13
CA VAL A 165 -33.25 0.93 -14.25
C VAL A 165 -33.61 2.37 -14.56
N GLY A 166 -33.53 2.80 -15.82
CA GLY A 166 -33.71 4.20 -16.13
C GLY A 166 -33.81 4.52 -17.60
N VAL A 167 -33.94 5.81 -17.90
CA VAL A 167 -34.07 6.37 -19.23
C VAL A 167 -33.21 7.63 -19.34
N LEU A 168 -32.61 7.85 -20.49
CA LEU A 168 -31.76 8.98 -20.85
C LEU A 168 -32.30 9.55 -22.16
N ALA A 169 -32.45 10.86 -22.30
CA ALA A 169 -33.00 11.44 -23.51
C ALA A 169 -32.35 12.75 -23.92
N TYR A 170 -32.28 13.00 -25.22
CA TYR A 170 -31.74 14.22 -25.81
C TYR A 170 -32.65 14.71 -26.93
N TYR A 171 -32.86 16.01 -27.04
CA TYR A 171 -33.49 16.60 -28.21
C TYR A 171 -32.48 16.67 -29.37
N ILE A 172 -32.94 16.48 -30.59
CA ILE A 172 -32.12 16.52 -31.81
C ILE A 172 -32.74 17.55 -32.76
N PRO A 173 -32.43 18.86 -32.58
CA PRO A 173 -33.17 19.93 -33.23
C PRO A 173 -33.07 19.94 -34.77
N SER A 174 -32.04 19.31 -35.34
CA SER A 174 -31.88 19.21 -36.81
C SER A 174 -32.92 18.32 -37.49
N ILE A 175 -33.64 17.49 -36.72
CA ILE A 175 -34.72 16.61 -37.20
C ILE A 175 -36.05 16.82 -36.47
N GLY A 176 -36.08 17.57 -35.36
CA GLY A 176 -37.31 17.87 -34.63
C GLY A 176 -37.85 16.71 -33.78
N LYS A 177 -36.95 15.84 -33.29
CA LYS A 177 -37.27 14.62 -32.54
C LYS A 177 -36.36 14.47 -31.32
N THR A 178 -36.74 13.66 -30.34
CA THR A 178 -35.89 13.36 -29.18
C THR A 178 -35.55 11.89 -29.11
N LEU A 179 -34.27 11.57 -29.05
CA LEU A 179 -33.76 10.24 -28.76
C LEU A 179 -34.00 9.92 -27.29
N ALA A 180 -34.50 8.73 -26.99
CA ALA A 180 -34.47 8.17 -25.65
C ALA A 180 -33.81 6.80 -25.66
N VAL A 181 -32.99 6.51 -24.65
CA VAL A 181 -32.29 5.25 -24.43
C VAL A 181 -32.69 4.72 -23.06
N MET A 182 -32.98 3.42 -22.94
CA MET A 182 -33.43 2.78 -21.69
C MET A 182 -32.54 1.59 -21.38
N TRP A 183 -32.30 1.34 -20.10
CA TRP A 183 -31.66 0.13 -19.62
C TRP A 183 -32.37 -0.40 -18.38
N SER A 184 -32.29 -1.70 -18.17
CA SER A 184 -32.66 -2.35 -16.92
C SER A 184 -31.56 -3.31 -16.52
N VAL A 185 -31.08 -3.21 -15.29
CA VAL A 185 -30.08 -4.09 -14.69
C VAL A 185 -30.57 -4.49 -13.30
N PRO A 186 -31.40 -5.54 -13.19
CA PRO A 186 -32.23 -5.81 -12.02
C PRO A 186 -31.44 -6.36 -10.83
N PHE A 187 -32.05 -6.37 -9.65
CA PHE A 187 -31.46 -7.06 -8.51
C PHE A 187 -31.60 -8.58 -8.61
N ASP A 188 -32.81 -9.06 -8.87
CA ASP A 188 -33.19 -10.47 -8.73
C ASP A 188 -33.26 -11.21 -10.07
N TYR A 189 -32.13 -11.80 -10.47
CA TYR A 189 -32.01 -12.56 -11.71
C TYR A 189 -32.76 -13.90 -11.75
N ASN A 190 -33.52 -14.24 -10.71
CA ASN A 190 -34.49 -15.35 -10.81
C ASN A 190 -35.77 -14.92 -11.52
N PHE A 191 -36.15 -13.64 -11.40
CA PHE A 191 -37.37 -13.09 -11.99
C PHE A 191 -37.11 -12.30 -13.27
N TYR A 192 -35.98 -11.59 -13.33
CA TYR A 192 -35.65 -10.61 -14.38
C TYR A 192 -34.32 -10.93 -15.08
N GLN A 193 -34.00 -10.16 -16.12
CA GLN A 193 -32.74 -10.19 -16.85
C GLN A 193 -32.40 -8.80 -17.36
N ASN A 194 -31.17 -8.58 -17.80
CA ASN A 194 -30.78 -7.29 -18.37
C ASN A 194 -31.51 -7.03 -19.69
N TRP A 195 -32.09 -5.85 -19.85
CA TRP A 195 -32.72 -5.39 -21.09
C TRP A 195 -32.30 -3.97 -21.44
N TRP A 196 -32.36 -3.56 -22.70
CA TRP A 196 -32.20 -2.18 -23.14
C TRP A 196 -33.07 -1.87 -24.35
N ASN A 197 -33.24 -0.61 -24.70
CA ASN A 197 -33.93 -0.20 -25.91
C ASN A 197 -33.54 1.25 -26.26
N ALA A 198 -33.84 1.70 -27.47
CA ALA A 198 -33.79 3.12 -27.83
C ALA A 198 -34.84 3.46 -28.90
N LYS A 199 -35.35 4.69 -28.91
CA LYS A 199 -36.33 5.15 -29.91
C LYS A 199 -36.27 6.67 -30.08
N LEU A 200 -36.79 7.18 -31.19
CA LEU A 200 -37.02 8.62 -31.37
C LEU A 200 -38.50 8.93 -31.13
N TYR A 201 -38.78 9.88 -30.24
CA TYR A 201 -40.12 10.45 -30.02
C TYR A 201 -40.27 11.80 -30.71
N SER A 202 -41.50 12.23 -30.95
CA SER A 202 -41.78 13.52 -31.60
C SER A 202 -41.57 14.72 -30.66
N GLY A 203 -41.00 15.80 -31.17
CA GLY A 203 -40.78 17.03 -30.42
C GLY A 203 -39.69 16.93 -29.36
N ASN A 204 -39.73 17.85 -28.39
CA ASN A 204 -38.79 17.93 -27.27
C ASN A 204 -39.47 17.42 -26.01
N GLN A 205 -38.90 16.40 -25.36
CA GLN A 205 -39.46 15.76 -24.16
C GLN A 205 -38.36 15.46 -23.15
N ASP A 206 -38.61 15.69 -21.86
CA ASP A 206 -37.81 15.11 -20.79
C ASP A 206 -38.09 13.60 -20.69
N ALA A 207 -37.10 12.80 -20.31
CA ALA A 207 -37.29 11.40 -19.94
C ALA A 207 -38.15 11.29 -18.67
N ASP A 208 -39.13 10.40 -18.66
CA ASP A 208 -40.01 10.14 -17.51
C ASP A 208 -40.62 8.73 -17.60
N TYR A 209 -41.50 8.38 -16.65
CA TYR A 209 -42.06 7.02 -16.55
C TYR A 209 -42.82 6.58 -17.81
N ASP A 210 -43.47 7.49 -18.53
CA ASP A 210 -44.13 7.15 -19.79
C ASP A 210 -43.13 6.79 -20.91
N HIS A 211 -41.87 7.22 -20.85
CA HIS A 211 -40.83 6.67 -21.71
C HIS A 211 -40.32 5.33 -21.20
N TYR A 212 -40.19 5.14 -19.88
CA TYR A 212 -39.74 3.85 -19.35
C TYR A 212 -40.69 2.72 -19.75
N VAL A 213 -42.00 2.85 -19.52
CA VAL A 213 -42.93 1.79 -19.91
C VAL A 213 -43.05 1.62 -21.43
N ASP A 214 -42.95 2.68 -22.22
CA ASP A 214 -43.00 2.55 -23.67
C ASP A 214 -41.73 1.91 -24.24
N LEU A 215 -40.55 2.16 -23.67
CA LEU A 215 -39.30 1.54 -24.11
C LEU A 215 -39.12 0.11 -23.55
N TYR A 216 -39.66 -0.21 -22.38
CA TYR A 216 -39.49 -1.52 -21.75
C TYR A 216 -40.58 -2.54 -22.06
N TYR A 217 -41.83 -2.13 -22.26
CA TYR A 217 -42.95 -3.03 -22.57
C TYR A 217 -43.44 -2.90 -24.01
N ASP A 218 -43.81 -1.70 -24.43
CA ASP A 218 -44.62 -1.52 -25.65
C ASP A 218 -43.82 -1.48 -26.96
N ALA A 219 -42.58 -0.99 -26.96
CA ALA A 219 -41.62 -1.18 -28.04
C ALA A 219 -40.66 -2.33 -27.69
N ASN A 220 -40.47 -3.31 -28.58
CA ASN A 220 -39.75 -4.55 -28.25
C ASN A 220 -38.31 -4.30 -27.78
N PRO A 221 -37.95 -4.54 -26.51
CA PRO A 221 -36.60 -4.30 -26.01
C PRO A 221 -35.63 -5.39 -26.47
N PHE A 222 -34.34 -5.17 -26.26
CA PHE A 222 -33.24 -6.07 -26.59
C PHE A 222 -32.64 -6.71 -25.33
N LYS A 223 -32.41 -8.01 -25.37
CA LYS A 223 -31.72 -8.77 -24.32
C LYS A 223 -30.23 -8.43 -24.26
N ALA A 224 -29.56 -8.88 -23.20
CA ALA A 224 -28.10 -8.87 -23.09
C ALA A 224 -27.44 -10.12 -23.72
N ASN A 225 -27.63 -10.34 -25.04
CA ASN A 225 -27.11 -11.50 -25.76
C ASN A 225 -26.25 -11.13 -27.00
N GLY A 226 -25.61 -9.96 -26.98
CA GLY A 226 -24.73 -9.48 -28.05
C GLY A 226 -25.32 -8.37 -28.91
N TRP A 227 -24.77 -8.15 -30.09
CA TRP A 227 -25.07 -6.98 -30.91
C TRP A 227 -26.38 -7.07 -31.67
N HIS A 228 -27.18 -6.01 -31.59
CA HIS A 228 -28.45 -5.80 -32.30
C HIS A 228 -28.44 -4.49 -33.07
N GLU A 229 -29.21 -4.40 -34.16
CA GLU A 229 -29.25 -3.24 -35.06
C GLU A 229 -30.70 -2.92 -35.45
N ARG A 230 -31.06 -1.64 -35.52
CA ARG A 230 -32.46 -1.17 -35.58
C ARG A 230 -32.57 0.22 -36.19
N SER A 231 -33.46 0.41 -37.15
CA SER A 231 -33.75 1.74 -37.71
C SER A 231 -34.57 2.59 -36.75
N LEU A 232 -34.32 3.92 -36.74
CA LEU A 232 -35.03 4.90 -35.90
C LEU A 232 -36.04 5.75 -36.66
N GLY A 233 -36.08 5.67 -38.00
CA GLY A 233 -36.78 6.65 -38.84
C GLY A 233 -36.02 7.97 -38.94
N SER A 234 -36.51 8.92 -39.73
CA SER A 234 -35.87 10.21 -40.01
C SER A 234 -34.42 10.10 -40.54
N GLY A 235 -34.06 8.95 -41.11
CA GLY A 235 -32.74 8.69 -41.69
C GLY A 235 -31.66 8.21 -40.71
N LEU A 236 -32.01 7.93 -39.45
CA LEU A 236 -31.10 7.35 -38.45
C LEU A 236 -31.35 5.86 -38.21
N LYS A 237 -30.34 5.19 -37.66
CA LYS A 237 -30.42 3.85 -37.05
C LYS A 237 -29.50 3.78 -35.84
N PHE A 238 -29.55 2.70 -35.10
CA PHE A 238 -28.51 2.36 -34.14
C PHE A 238 -28.09 0.91 -34.29
N CYS A 239 -26.89 0.61 -33.81
CA CYS A 239 -26.49 -0.74 -33.42
C CYS A 239 -25.98 -0.67 -31.98
N GLY A 240 -26.16 -1.71 -31.19
CA GLY A 240 -25.70 -1.71 -29.81
C GLY A 240 -25.76 -3.08 -29.16
N SER A 241 -25.22 -3.19 -27.96
CA SER A 241 -25.26 -4.41 -27.14
C SER A 241 -25.21 -4.06 -25.65
N MET A 242 -25.66 -4.98 -24.79
CA MET A 242 -25.43 -4.90 -23.35
C MET A 242 -24.84 -6.22 -22.85
N SER A 243 -23.90 -6.19 -21.91
CA SER A 243 -23.42 -7.39 -21.24
C SER A 243 -24.36 -7.85 -20.13
N SER A 244 -24.41 -9.15 -19.85
CA SER A 244 -25.37 -9.77 -18.91
C SER A 244 -24.93 -9.73 -17.44
N SER A 245 -23.81 -9.10 -17.11
CA SER A 245 -23.12 -9.25 -15.83
C SER A 245 -23.89 -8.84 -14.58
N GLY A 246 -24.59 -7.70 -14.61
CA GLY A 246 -25.09 -7.02 -13.41
C GLY A 246 -24.16 -5.90 -12.96
N GLN A 247 -22.85 -6.05 -13.13
CA GLN A 247 -21.94 -4.93 -13.33
C GLN A 247 -21.80 -4.67 -14.85
N ALA A 248 -22.91 -4.33 -15.49
CA ALA A 248 -23.07 -4.34 -16.93
C ALA A 248 -22.31 -3.20 -17.62
N THR A 249 -22.06 -3.37 -18.92
CA THR A 249 -21.81 -2.27 -19.86
C THR A 249 -22.95 -2.25 -20.88
N LEU A 250 -23.49 -1.08 -21.21
CA LEU A 250 -24.39 -0.85 -22.35
C LEU A 250 -23.62 -0.03 -23.37
N GLU A 251 -23.67 -0.41 -24.64
CA GLU A 251 -22.89 0.24 -25.69
C GLU A 251 -23.71 0.38 -26.96
N ILE A 252 -23.95 1.62 -27.40
CA ILE A 252 -24.78 1.94 -28.55
C ILE A 252 -24.04 2.90 -29.46
N HIS A 253 -24.06 2.65 -30.77
CA HIS A 253 -23.65 3.61 -31.79
C HIS A 253 -24.87 4.05 -32.57
N VAL A 254 -25.16 5.34 -32.60
CA VAL A 254 -26.29 5.90 -33.34
C VAL A 254 -25.75 6.54 -34.61
N LEU A 255 -26.28 6.17 -35.77
CA LEU A 255 -25.65 6.32 -37.08
C LEU A 255 -26.64 6.81 -38.13
N LYS A 256 -26.16 7.41 -39.22
CA LYS A 256 -26.97 7.55 -40.45
C LYS A 256 -27.35 6.15 -40.96
N GLU A 257 -28.55 5.98 -41.48
CA GLU A 257 -29.07 4.65 -41.82
C GLU A 257 -28.24 3.89 -42.87
N SER A 258 -27.60 4.62 -43.79
CA SER A 258 -26.71 4.07 -44.82
C SER A 258 -25.35 3.60 -44.31
N GLU A 259 -24.94 3.99 -43.10
CA GLU A 259 -23.58 3.76 -42.57
C GLU A 259 -23.36 2.32 -42.10
N THR A 260 -22.15 1.77 -42.26
CA THR A 260 -21.79 0.47 -41.67
C THR A 260 -21.48 0.63 -40.17
N CYS A 261 -22.10 -0.19 -39.32
CA CYS A 261 -21.88 -0.14 -37.87
C CYS A 261 -20.41 -0.42 -37.50
N MET A 262 -19.85 0.37 -36.59
CA MET A 262 -18.50 0.22 -36.01
C MET A 262 -17.40 -0.11 -37.05
N ALA B 82 -32.77 -27.29 27.60
CA ALA B 82 -33.25 -27.12 26.22
C ALA B 82 -32.71 -25.84 25.58
N ALA B 83 -33.29 -24.65 25.85
CA ALA B 83 -33.06 -23.44 25.03
C ALA B 83 -31.60 -22.98 24.92
N GLY B 84 -30.77 -23.17 25.95
CA GLY B 84 -29.35 -22.84 25.87
C GLY B 84 -28.59 -23.60 24.77
N THR B 85 -28.88 -24.90 24.60
CA THR B 85 -28.27 -25.71 23.53
C THR B 85 -28.95 -25.52 22.17
N ILE B 86 -30.20 -25.05 22.12
CA ILE B 86 -30.81 -24.63 20.84
C ILE B 86 -30.08 -23.41 20.28
N ILE B 87 -29.84 -22.37 21.09
CA ILE B 87 -29.08 -21.20 20.64
C ILE B 87 -27.61 -21.55 20.36
N ALA B 88 -26.97 -22.42 21.16
CA ALA B 88 -25.59 -22.84 20.87
C ALA B 88 -25.47 -23.71 19.60
N GLY B 89 -26.44 -24.59 19.32
CA GLY B 89 -26.51 -25.38 18.10
C GLY B 89 -26.88 -24.54 16.87
N ALA B 90 -27.68 -23.49 17.03
CA ALA B 90 -27.89 -22.50 16.00
C ALA B 90 -26.58 -21.75 15.70
N GLU B 91 -25.88 -21.23 16.70
CA GLU B 91 -24.61 -20.53 16.47
C GLU B 91 -23.56 -21.40 15.76
N LEU B 92 -23.50 -22.70 16.06
CA LEU B 92 -22.68 -23.66 15.32
C LEU B 92 -23.17 -23.82 13.86
N THR B 93 -24.47 -24.03 13.64
CA THR B 93 -25.04 -24.23 12.30
C THR B 93 -24.87 -23.00 11.41
N ILE B 94 -25.04 -21.79 11.94
CA ILE B 94 -24.77 -20.54 11.23
C ILE B 94 -23.28 -20.42 10.89
N GLY B 95 -22.38 -20.87 11.77
CA GLY B 95 -20.95 -20.96 11.48
C GLY B 95 -20.63 -21.89 10.30
N LEU B 96 -21.27 -23.05 10.22
CA LEU B 96 -21.11 -23.98 9.10
C LEU B 96 -21.68 -23.43 7.78
N LEU B 97 -22.88 -22.87 7.79
CA LEU B 97 -23.47 -22.26 6.59
C LEU B 97 -22.63 -21.05 6.12
N GLN B 98 -22.06 -20.24 7.01
CA GLN B 98 -21.12 -19.19 6.60
C GLN B 98 -19.88 -19.77 5.93
N ASN B 99 -19.29 -20.86 6.44
CA ASN B 99 -18.15 -21.51 5.77
C ASN B 99 -18.52 -22.05 4.39
N LEU B 100 -19.68 -22.69 4.24
CA LEU B 100 -20.12 -23.22 2.95
C LEU B 100 -20.28 -22.12 1.91
N LEU B 101 -20.99 -21.05 2.24
CA LEU B 101 -21.22 -19.95 1.30
C LEU B 101 -19.93 -19.13 1.06
N ASP B 102 -19.06 -18.97 2.06
CA ASP B 102 -17.75 -18.33 1.86
C ASP B 102 -16.82 -19.14 0.95
N VAL B 103 -16.87 -20.47 0.99
CA VAL B 103 -16.19 -21.35 0.02
C VAL B 103 -16.80 -21.19 -1.37
N LEU B 104 -18.10 -21.42 -1.56
CA LEU B 104 -18.73 -21.35 -2.88
C LEU B 104 -18.61 -19.95 -3.53
N ALA B 105 -18.53 -18.87 -2.75
CA ALA B 105 -18.28 -17.53 -3.26
C ALA B 105 -16.82 -17.26 -3.67
N ASN B 106 -15.86 -18.07 -3.21
CA ASN B 106 -14.42 -17.92 -3.47
C ASN B 106 -13.80 -19.08 -4.26
N VAL B 107 -14.62 -19.93 -4.88
CA VAL B 107 -14.19 -20.95 -5.86
C VAL B 107 -14.47 -20.34 -7.22
N ASN B 108 -13.42 -19.89 -7.89
CA ASN B 108 -13.51 -19.00 -9.04
C ASN B 108 -13.33 -19.77 -10.35
N ARG B 109 -14.13 -19.45 -11.36
CA ARG B 109 -14.01 -19.99 -12.72
C ARG B 109 -14.07 -18.85 -13.71
N LYS B 110 -13.15 -18.83 -14.65
CA LYS B 110 -13.08 -17.85 -15.73
C LYS B 110 -12.42 -18.48 -16.92
N CYS B 111 -12.73 -17.98 -18.10
CA CYS B 111 -12.19 -18.52 -19.34
C CYS B 111 -11.76 -17.37 -20.22
N ALA B 112 -10.53 -16.87 -20.11
CA ALA B 112 -10.07 -15.79 -20.96
C ALA B 112 -9.94 -16.26 -22.41
N VAL B 113 -10.96 -15.98 -23.23
CA VAL B 113 -11.06 -16.35 -24.64
C VAL B 113 -10.31 -15.36 -25.51
N GLY B 114 -9.35 -15.83 -26.29
CA GLY B 114 -8.72 -15.10 -27.38
C GLY B 114 -8.98 -15.79 -28.70
N VAL B 115 -9.66 -15.15 -29.64
CA VAL B 115 -9.88 -15.66 -30.99
C VAL B 115 -9.27 -14.69 -32.00
N ASP B 116 -8.31 -15.14 -32.79
CA ASP B 116 -7.52 -14.31 -33.70
C ASP B 116 -7.96 -14.55 -35.14
N ASN B 117 -8.38 -13.49 -35.84
CA ASN B 117 -8.94 -13.58 -37.18
C ASN B 117 -7.87 -13.36 -38.26
N GLU B 118 -7.18 -14.40 -38.67
CA GLU B 118 -6.32 -14.40 -39.85
C GLU B 118 -7.05 -14.95 -41.10
N SER B 119 -8.38 -14.89 -41.13
CA SER B 119 -9.18 -15.52 -42.19
C SER B 119 -9.05 -14.87 -43.56
N GLY B 120 -8.58 -13.63 -43.67
CA GLY B 120 -8.73 -12.82 -44.88
C GLY B 120 -10.13 -12.23 -45.08
N PHE B 121 -11.05 -12.42 -44.13
CA PHE B 121 -12.47 -12.06 -44.18
C PHE B 121 -12.91 -11.30 -42.92
N ARG B 122 -13.75 -10.26 -43.07
CA ARG B 122 -14.39 -9.52 -41.98
C ARG B 122 -15.42 -10.38 -41.26
N TRP B 123 -15.37 -10.42 -39.94
CA TRP B 123 -16.40 -11.04 -39.09
C TRP B 123 -17.23 -9.95 -38.45
N GLN B 124 -18.56 -10.08 -38.38
CA GLN B 124 -19.45 -9.05 -37.86
C GLN B 124 -20.67 -9.62 -37.13
N GLU B 125 -21.43 -8.74 -36.45
CA GLU B 125 -22.67 -9.06 -35.73
C GLU B 125 -22.46 -10.02 -34.55
N GLY B 126 -21.47 -9.73 -33.70
CA GLY B 126 -21.06 -10.62 -32.61
C GLY B 126 -22.16 -10.93 -31.59
N SER B 127 -22.56 -12.19 -31.46
CA SER B 127 -23.64 -12.65 -30.58
C SER B 127 -23.16 -13.70 -29.60
N THR B 128 -23.82 -13.82 -28.45
CA THR B 128 -23.32 -14.62 -27.32
C THR B 128 -24.42 -15.39 -26.61
N TYR B 129 -24.12 -16.57 -26.13
CA TYR B 129 -25.00 -17.36 -25.28
C TYR B 129 -24.20 -17.90 -24.10
N PHE B 130 -24.79 -17.94 -22.91
CA PHE B 130 -24.19 -18.61 -21.76
C PHE B 130 -25.12 -19.69 -21.23
N PHE B 131 -24.66 -20.93 -21.22
CA PHE B 131 -25.32 -21.98 -20.46
C PHE B 131 -25.14 -21.76 -18.97
N SER B 132 -23.97 -21.26 -18.54
CA SER B 132 -23.76 -20.75 -17.20
C SER B 132 -22.64 -19.71 -17.16
N GLY B 133 -22.63 -18.82 -16.17
CA GLY B 133 -21.71 -17.69 -16.14
C GLY B 133 -22.17 -16.50 -16.97
N THR B 134 -21.34 -15.46 -17.02
CA THR B 134 -21.59 -14.16 -17.66
C THR B 134 -20.26 -13.50 -18.08
N ALA B 135 -20.29 -12.32 -18.69
CA ALA B 135 -19.12 -11.46 -18.84
C ALA B 135 -19.51 -10.00 -18.60
N ASP B 136 -18.55 -9.13 -18.29
CA ASP B 136 -18.81 -7.72 -17.98
C ASP B 136 -18.68 -6.79 -19.19
N GLU B 137 -17.75 -7.03 -20.10
CA GLU B 137 -17.63 -6.31 -21.38
C GLU B 137 -18.49 -6.94 -22.49
N ASN B 138 -18.61 -6.23 -23.62
CA ASN B 138 -19.22 -6.76 -24.84
C ASN B 138 -18.17 -7.37 -25.78
N LEU B 139 -18.61 -8.25 -26.68
CA LEU B 139 -17.87 -8.59 -27.89
C LEU B 139 -17.63 -7.32 -28.72
N PRO B 140 -16.53 -7.18 -29.47
CA PRO B 140 -16.46 -6.25 -30.58
C PRO B 140 -17.60 -6.49 -31.57
N TYR B 141 -18.22 -5.45 -32.15
CA TYR B 141 -19.27 -5.65 -33.16
C TYR B 141 -18.74 -6.43 -34.37
N SER B 142 -17.50 -6.15 -34.74
CA SER B 142 -16.79 -6.84 -35.81
C SER B 142 -15.34 -7.02 -35.43
N VAL B 143 -14.72 -8.08 -35.95
CA VAL B 143 -13.26 -8.21 -35.94
C VAL B 143 -12.79 -8.30 -37.39
N SER B 144 -12.00 -7.32 -37.81
CA SER B 144 -11.50 -7.25 -39.18
C SER B 144 -10.32 -8.22 -39.39
N ASP B 145 -9.88 -8.40 -40.62
CA ASP B 145 -8.72 -9.23 -40.95
C ASP B 145 -7.45 -8.79 -40.18
N GLY B 146 -6.80 -9.72 -39.50
CA GLY B 146 -5.56 -9.48 -38.75
C GLY B 146 -5.74 -8.98 -37.30
N TYR B 147 -6.97 -8.81 -36.81
CA TYR B 147 -7.25 -8.46 -35.41
C TYR B 147 -7.85 -9.62 -34.60
N ALA B 148 -7.93 -9.50 -33.29
CA ALA B 148 -8.43 -10.53 -32.39
C ALA B 148 -9.60 -10.07 -31.53
N VAL B 149 -10.54 -10.98 -31.27
CA VAL B 149 -11.50 -10.89 -30.17
C VAL B 149 -10.79 -11.34 -28.90
N LEU B 150 -10.68 -10.46 -27.90
CA LEU B 150 -10.35 -10.85 -26.53
C LEU B 150 -11.62 -10.71 -25.70
N TYR B 151 -12.04 -11.76 -25.01
CA TYR B 151 -13.26 -11.80 -24.22
C TYR B 151 -13.02 -12.53 -22.90
N GLY B 152 -13.53 -12.01 -21.79
CA GLY B 152 -13.26 -12.51 -20.43
C GLY B 152 -14.51 -12.97 -19.67
N PRO B 153 -15.18 -14.05 -20.10
CA PRO B 153 -16.29 -14.64 -19.37
C PRO B 153 -15.86 -15.28 -18.04
N ARG B 154 -16.78 -15.32 -17.07
CA ARG B 154 -16.59 -15.72 -15.68
C ARG B 154 -17.85 -16.36 -15.09
N LYS B 155 -17.76 -17.10 -13.98
CA LYS B 155 -18.95 -17.65 -13.32
C LYS B 155 -19.87 -16.56 -12.74
N THR B 156 -21.12 -16.93 -12.48
CA THR B 156 -22.09 -16.07 -11.78
C THR B 156 -21.56 -15.68 -10.39
N ASN B 157 -21.66 -14.42 -10.01
CA ASN B 157 -21.11 -13.93 -8.74
C ASN B 157 -21.85 -14.49 -7.51
N GLY B 158 -21.19 -14.50 -6.35
CA GLY B 158 -21.77 -15.01 -5.10
C GLY B 158 -21.75 -16.53 -4.98
N PRO B 159 -22.35 -17.09 -3.93
CA PRO B 159 -22.25 -18.49 -3.57
C PRO B 159 -23.14 -19.38 -4.42
N VAL B 160 -22.74 -19.65 -5.66
CA VAL B 160 -23.42 -20.53 -6.60
C VAL B 160 -22.43 -21.50 -7.24
N ALA B 161 -22.78 -22.78 -7.32
CA ALA B 161 -21.90 -23.88 -7.71
C ALA B 161 -22.00 -24.23 -9.20
N THR B 162 -21.91 -23.24 -10.07
CA THR B 162 -21.89 -23.39 -11.53
C THR B 162 -20.63 -22.77 -12.13
N GLY B 163 -20.12 -23.37 -13.21
CA GLY B 163 -18.93 -22.90 -13.91
C GLY B 163 -19.25 -21.84 -14.94
N VAL B 164 -18.34 -21.59 -15.88
CA VAL B 164 -18.60 -20.73 -17.04
C VAL B 164 -18.63 -21.56 -18.32
N VAL B 165 -19.75 -21.53 -19.04
CA VAL B 165 -20.01 -22.36 -20.23
C VAL B 165 -20.82 -21.54 -21.21
N GLY B 166 -20.42 -21.46 -22.47
CA GLY B 166 -21.06 -20.56 -23.40
C GLY B 166 -20.66 -20.72 -24.85
N VAL B 167 -21.23 -19.88 -25.70
CA VAL B 167 -21.01 -19.84 -27.14
C VAL B 167 -20.88 -18.39 -27.59
N LEU B 168 -20.02 -18.13 -28.56
CA LEU B 168 -19.73 -16.84 -29.18
C LEU B 168 -19.85 -17.03 -30.68
N ALA B 169 -20.51 -16.14 -31.41
CA ALA B 169 -20.68 -16.32 -32.85
C ALA B 169 -20.61 -15.01 -33.63
N TYR B 170 -20.11 -15.09 -34.86
CA TYR B 170 -20.00 -13.97 -35.79
C TYR B 170 -20.44 -14.39 -37.18
N TYR B 171 -21.16 -13.54 -37.89
CA TYR B 171 -21.42 -13.74 -39.31
C TYR B 171 -20.17 -13.37 -40.13
N ILE B 172 -19.91 -14.08 -41.22
CA ILE B 172 -18.76 -13.84 -42.11
C ILE B 172 -19.31 -13.63 -43.52
N PRO B 173 -19.75 -12.42 -43.87
CA PRO B 173 -20.54 -12.18 -45.08
C PRO B 173 -19.80 -12.47 -46.39
N SER B 174 -18.47 -12.47 -46.39
CA SER B 174 -17.66 -12.81 -47.58
C SER B 174 -17.75 -14.27 -48.01
N ILE B 175 -18.27 -15.15 -47.15
CA ILE B 175 -18.48 -16.59 -47.41
C ILE B 175 -19.93 -17.04 -47.17
N GLY B 176 -20.78 -16.23 -46.54
CA GLY B 176 -22.19 -16.54 -46.31
C GLY B 176 -22.44 -17.55 -45.18
N LYS B 177 -21.55 -17.58 -44.18
CA LYS B 177 -21.55 -18.53 -43.05
C LYS B 177 -21.31 -17.82 -41.73
N THR B 178 -21.65 -18.43 -40.60
CA THR B 178 -21.35 -17.90 -39.27
C THR B 178 -20.44 -18.81 -38.49
N LEU B 179 -19.32 -18.27 -38.00
CA LEU B 179 -18.45 -18.93 -37.06
C LEU B 179 -19.11 -18.97 -35.69
N ALA B 180 -19.08 -20.12 -35.02
CA ALA B 180 -19.38 -20.21 -33.60
C ALA B 180 -18.23 -20.87 -32.86
N VAL B 181 -17.90 -20.38 -31.67
CA VAL B 181 -16.86 -20.87 -30.76
C VAL B 181 -17.52 -21.20 -29.44
N MET B 182 -17.20 -22.33 -28.82
CA MET B 182 -17.79 -22.80 -27.56
C MET B 182 -16.69 -23.11 -26.57
N TRP B 183 -16.94 -22.86 -25.29
CA TRP B 183 -16.08 -23.30 -24.19
C TRP B 183 -16.93 -23.83 -23.04
N SER B 184 -16.35 -24.74 -22.27
CA SER B 184 -16.88 -25.16 -20.98
C SER B 184 -15.76 -25.16 -19.97
N VAL B 185 -15.96 -24.52 -18.83
CA VAL B 185 -15.03 -24.45 -17.70
C VAL B 185 -15.84 -24.72 -16.42
N PRO B 186 -16.03 -25.99 -16.05
CA PRO B 186 -17.06 -26.42 -15.10
C PRO B 186 -16.71 -26.09 -13.65
N PHE B 187 -17.68 -26.19 -12.75
CA PHE B 187 -17.41 -26.08 -11.32
C PHE B 187 -16.77 -27.37 -10.77
N ASP B 188 -17.36 -28.53 -11.07
CA ASP B 188 -17.07 -29.79 -10.40
C ASP B 188 -16.20 -30.73 -11.26
N TYR B 189 -14.89 -30.61 -11.10
CA TYR B 189 -13.89 -31.41 -11.81
C TYR B 189 -13.85 -32.89 -11.43
N ASN B 190 -14.71 -33.36 -10.54
CA ASN B 190 -14.91 -34.81 -10.35
C ASN B 190 -15.81 -35.40 -11.46
N PHE B 191 -16.74 -34.62 -12.00
CA PHE B 191 -17.69 -35.06 -13.03
C PHE B 191 -17.29 -34.60 -14.43
N TYR B 192 -16.71 -33.41 -14.54
CA TYR B 192 -16.47 -32.71 -15.81
C TYR B 192 -14.99 -32.33 -15.98
N GLN B 193 -14.65 -31.79 -17.16
CA GLN B 193 -13.34 -31.23 -17.49
C GLN B 193 -13.51 -30.08 -18.47
N ASN B 194 -12.47 -29.28 -18.68
CA ASN B 194 -12.50 -28.21 -19.65
C ASN B 194 -12.62 -28.75 -21.08
N TRP B 195 -13.55 -28.21 -21.87
CA TRP B 195 -13.73 -28.54 -23.29
C TRP B 195 -13.90 -27.26 -24.12
N TRP B 196 -13.58 -27.29 -25.40
CA TRP B 196 -13.92 -26.23 -26.37
C TRP B 196 -14.21 -26.80 -27.75
N ASN B 197 -14.77 -26.01 -28.64
CA ASN B 197 -14.97 -26.39 -30.03
C ASN B 197 -15.19 -25.12 -30.89
N ALA B 198 -15.12 -25.24 -32.20
CA ALA B 198 -15.58 -24.21 -33.13
C ALA B 198 -16.08 -24.82 -34.44
N LYS B 199 -17.04 -24.18 -35.11
CA LYS B 199 -17.58 -24.64 -36.40
C LYS B 199 -18.16 -23.47 -37.19
N LEU B 200 -18.33 -23.65 -38.51
CA LEU B 200 -19.09 -22.74 -39.35
C LEU B 200 -20.48 -23.31 -39.61
N TYR B 201 -21.52 -22.54 -39.31
CA TYR B 201 -22.92 -22.82 -39.66
C TYR B 201 -23.36 -22.05 -40.90
N SER B 202 -24.42 -22.50 -41.57
CA SER B 202 -24.95 -21.82 -42.76
C SER B 202 -25.75 -20.56 -42.43
N GLY B 203 -25.58 -19.51 -43.22
CA GLY B 203 -26.31 -18.25 -43.05
C GLY B 203 -25.88 -17.43 -41.84
N ASN B 204 -26.74 -16.52 -41.41
CA ASN B 204 -26.54 -15.64 -40.26
C ASN B 204 -27.38 -16.14 -39.09
N GLN B 205 -26.74 -16.42 -37.95
CA GLN B 205 -27.40 -16.97 -36.75
C GLN B 205 -26.84 -16.31 -35.49
N ASP B 206 -27.70 -15.98 -34.54
CA ASP B 206 -27.28 -15.70 -33.17
C ASP B 206 -26.85 -17.00 -32.48
N ALA B 207 -25.86 -16.93 -31.58
CA ALA B 207 -25.52 -18.03 -30.68
C ALA B 207 -26.68 -18.33 -29.71
N ASP B 208 -27.04 -19.59 -29.53
CA ASP B 208 -28.09 -20.04 -28.61
C ASP B 208 -27.88 -21.52 -28.21
N TYR B 209 -28.80 -22.09 -27.43
CA TYR B 209 -28.65 -23.43 -26.87
C TYR B 209 -28.49 -24.53 -27.94
N ASP B 210 -29.11 -24.37 -29.11
CA ASP B 210 -28.91 -25.33 -30.21
C ASP B 210 -27.49 -25.28 -30.80
N HIS B 211 -26.74 -24.19 -30.65
CA HIS B 211 -25.31 -24.20 -30.94
C HIS B 211 -24.51 -24.81 -29.79
N TYR B 212 -24.89 -24.57 -28.53
CA TYR B 212 -24.18 -25.17 -27.40
C TYR B 212 -24.21 -26.69 -27.46
N VAL B 213 -25.39 -27.31 -27.61
CA VAL B 213 -25.45 -28.78 -27.70
C VAL B 213 -24.80 -29.33 -28.96
N ASP B 214 -24.88 -28.65 -30.09
CA ASP B 214 -24.24 -29.11 -31.32
C ASP B 214 -22.71 -29.00 -31.24
N LEU B 215 -22.16 -27.96 -30.60
CA LEU B 215 -20.71 -27.81 -30.43
C LEU B 215 -20.16 -28.67 -29.28
N TYR B 216 -20.93 -28.96 -28.24
CA TYR B 216 -20.46 -29.72 -27.07
C TYR B 216 -20.70 -31.23 -27.14
N TYR B 217 -21.79 -31.69 -27.77
CA TYR B 217 -22.09 -33.12 -27.89
C TYR B 217 -21.91 -33.65 -29.31
N ASP B 218 -22.56 -33.06 -30.30
CA ASP B 218 -22.76 -33.68 -31.61
C ASP B 218 -21.59 -33.48 -32.59
N ALA B 219 -20.85 -32.37 -32.53
CA ALA B 219 -19.55 -32.20 -33.17
C ALA B 219 -18.43 -32.44 -32.15
N ASN B 220 -17.45 -33.29 -32.44
CA ASN B 220 -16.46 -33.75 -31.46
C ASN B 220 -15.66 -32.58 -30.83
N PRO B 221 -15.81 -32.26 -29.54
CA PRO B 221 -15.10 -31.16 -28.91
C PRO B 221 -13.64 -31.53 -28.62
N PHE B 222 -12.84 -30.54 -28.24
CA PHE B 222 -11.43 -30.67 -27.89
C PHE B 222 -11.22 -30.50 -26.38
N LYS B 223 -10.41 -31.38 -25.79
CA LYS B 223 -9.99 -31.31 -24.39
C LYS B 223 -9.01 -30.15 -24.16
N ALA B 224 -8.74 -29.84 -22.88
CA ALA B 224 -7.67 -28.95 -22.47
C ALA B 224 -6.30 -29.67 -22.32
N ASN B 225 -5.78 -30.25 -23.41
CA ASN B 225 -4.53 -31.02 -23.42
C ASN B 225 -3.50 -30.52 -24.46
N GLY B 226 -3.55 -29.23 -24.83
CA GLY B 226 -2.63 -28.60 -25.77
C GLY B 226 -3.23 -28.29 -27.13
N TRP B 227 -2.40 -28.07 -28.14
CA TRP B 227 -2.82 -27.55 -29.43
C TRP B 227 -3.46 -28.58 -30.35
N HIS B 228 -4.61 -28.21 -30.92
CA HIS B 228 -5.38 -28.97 -31.91
C HIS B 228 -5.64 -28.13 -33.16
N GLU B 229 -5.81 -28.78 -34.31
CA GLU B 229 -5.99 -28.13 -35.61
C GLU B 229 -7.09 -28.83 -36.42
N ARG B 230 -7.94 -28.08 -37.12
CA ARG B 230 -9.21 -28.56 -37.69
C ARG B 230 -9.67 -27.69 -38.85
N SER B 231 -10.04 -28.30 -39.98
CA SER B 231 -10.63 -27.58 -41.11
C SER B 231 -12.09 -27.19 -40.83
N LEU B 232 -12.50 -26.03 -41.36
CA LEU B 232 -13.86 -25.48 -41.21
C LEU B 232 -14.72 -25.61 -42.47
N GLY B 233 -14.14 -26.00 -43.61
CA GLY B 233 -14.76 -25.87 -44.93
C GLY B 233 -14.74 -24.42 -45.43
N SER B 234 -15.23 -24.17 -46.64
CA SER B 234 -15.20 -22.86 -47.31
C SER B 234 -13.80 -22.21 -47.39
N GLY B 235 -12.74 -23.02 -47.31
CA GLY B 235 -11.35 -22.58 -47.40
C GLY B 235 -10.72 -22.07 -46.10
N LEU B 236 -11.40 -22.19 -44.96
CA LEU B 236 -10.86 -21.86 -43.63
C LEU B 236 -10.47 -23.10 -42.82
N LYS B 237 -9.61 -22.89 -41.82
CA LYS B 237 -9.31 -23.82 -40.72
C LYS B 237 -9.10 -23.05 -39.44
N PHE B 238 -8.96 -23.74 -38.33
CA PHE B 238 -8.40 -23.16 -37.11
C PHE B 238 -7.35 -24.06 -36.50
N CYS B 239 -6.49 -23.47 -35.69
CA CYS B 239 -5.72 -24.17 -34.68
C CYS B 239 -5.98 -23.48 -33.34
N GLY B 240 -5.98 -24.20 -32.23
CA GLY B 240 -6.21 -23.60 -30.92
C GLY B 240 -5.92 -24.54 -29.78
N SER B 241 -5.96 -24.02 -28.55
CA SER B 241 -5.78 -24.78 -27.32
C SER B 241 -6.55 -24.14 -26.16
N MET B 242 -6.84 -24.91 -25.12
CA MET B 242 -7.32 -24.37 -23.84
C MET B 242 -6.48 -24.93 -22.70
N SER B 243 -6.17 -24.11 -21.69
CA SER B 243 -5.53 -24.60 -20.46
C SER B 243 -6.53 -25.25 -19.51
N SER B 244 -6.08 -26.21 -18.70
CA SER B 244 -6.93 -27.03 -17.82
C SER B 244 -7.25 -26.39 -16.47
N SER B 245 -6.82 -25.16 -16.20
CA SER B 245 -6.77 -24.57 -14.87
C SER B 245 -8.10 -24.42 -14.14
N GLY B 246 -9.15 -23.96 -14.82
CA GLY B 246 -10.37 -23.45 -14.19
C GLY B 246 -10.37 -21.92 -14.08
N GLN B 247 -9.21 -21.31 -13.87
CA GLN B 247 -8.94 -19.95 -14.34
C GLN B 247 -8.29 -20.03 -15.73
N ALA B 248 -9.04 -20.57 -16.69
CA ALA B 248 -8.53 -21.02 -17.98
C ALA B 248 -8.17 -19.85 -18.91
N THR B 249 -7.33 -20.14 -19.90
CA THR B 249 -7.24 -19.38 -21.15
C THR B 249 -7.70 -20.28 -22.31
N LEU B 250 -8.52 -19.77 -23.23
CA LEU B 250 -8.82 -20.40 -24.51
C LEU B 250 -8.17 -19.56 -25.59
N GLU B 251 -7.49 -20.17 -26.54
CA GLU B 251 -6.73 -19.45 -27.57
C GLU B 251 -6.88 -20.14 -28.92
N ILE B 252 -7.44 -19.43 -29.90
CA ILE B 252 -7.74 -19.95 -31.23
C ILE B 252 -7.21 -18.98 -32.27
N HIS B 253 -6.56 -19.50 -33.32
CA HIS B 253 -6.24 -18.75 -34.52
C HIS B 253 -7.05 -19.33 -35.67
N VAL B 254 -7.86 -18.52 -36.34
CA VAL B 254 -8.67 -18.93 -37.48
C VAL B 254 -8.01 -18.41 -38.74
N LEU B 255 -7.75 -19.28 -39.70
CA LEU B 255 -6.76 -19.11 -40.77
C LEU B 255 -7.31 -19.57 -42.12
N LYS B 256 -6.73 -19.08 -43.22
CA LYS B 256 -6.89 -19.74 -44.53
C LYS B 256 -6.32 -21.16 -44.44
N GLU B 257 -6.95 -22.13 -45.10
CA GLU B 257 -6.59 -23.55 -44.93
C GLU B 257 -5.14 -23.89 -45.33
N SER B 258 -4.58 -23.16 -46.30
CA SER B 258 -3.19 -23.30 -46.76
C SER B 258 -2.13 -22.73 -45.79
N GLU B 259 -2.53 -21.91 -44.82
CA GLU B 259 -1.60 -21.15 -43.96
C GLU B 259 -0.96 -22.02 -42.87
N THR B 260 0.29 -21.76 -42.50
CA THR B 260 0.93 -22.41 -41.33
C THR B 260 0.43 -21.76 -40.03
N CYS B 261 -0.03 -22.54 -39.06
CA CYS B 261 -0.50 -22.03 -37.78
C CYS B 261 0.60 -21.30 -37.00
N MET B 262 0.28 -20.14 -36.44
CA MET B 262 1.14 -19.32 -35.56
C MET B 262 2.58 -19.16 -36.08
N ALA C 82 -24.65 -33.90 28.70
CA ALA C 82 -24.51 -34.38 27.31
C ALA C 82 -24.41 -33.23 26.31
N ALA C 83 -25.52 -32.59 25.90
CA ALA C 83 -25.56 -31.72 24.70
C ALA C 83 -24.58 -30.52 24.73
N GLY C 84 -24.31 -29.93 25.89
CA GLY C 84 -23.32 -28.85 26.00
C GLY C 84 -21.91 -29.25 25.54
N THR C 85 -21.45 -30.46 25.90
CA THR C 85 -20.15 -30.98 25.46
C THR C 85 -20.17 -31.56 24.04
N ILE C 86 -21.33 -31.95 23.51
CA ILE C 86 -21.46 -32.29 22.08
C ILE C 86 -21.20 -31.04 21.22
N ILE C 87 -21.85 -29.91 21.52
CA ILE C 87 -21.62 -28.67 20.78
C ILE C 87 -20.19 -28.14 21.02
N ALA C 88 -19.63 -28.24 22.24
CA ALA C 88 -18.25 -27.81 22.48
C ALA C 88 -17.20 -28.71 21.79
N GLY C 89 -17.43 -30.02 21.71
CA GLY C 89 -16.59 -30.97 20.98
C GLY C 89 -16.73 -30.83 19.46
N ALA C 90 -17.91 -30.46 18.97
CA ALA C 90 -18.08 -30.07 17.58
C ALA C 90 -17.28 -28.79 17.28
N GLU C 91 -17.41 -27.73 18.08
CA GLU C 91 -16.66 -26.48 17.86
C GLU C 91 -15.13 -26.71 17.86
N LEU C 92 -14.62 -27.60 18.70
CA LEU C 92 -13.22 -28.04 18.66
C LEU C 92 -12.90 -28.78 17.36
N THR C 93 -13.71 -29.77 16.96
CA THR C 93 -13.49 -30.58 15.76
C THR C 93 -13.53 -29.74 14.48
N ILE C 94 -14.46 -28.79 14.37
CA ILE C 94 -14.51 -27.84 13.27
C ILE C 94 -13.27 -26.94 13.25
N GLY C 95 -12.75 -26.54 14.42
CA GLY C 95 -11.47 -25.84 14.51
C GLY C 95 -10.28 -26.64 13.97
N LEU C 96 -10.21 -27.94 14.27
CA LEU C 96 -9.17 -28.82 13.75
C LEU C 96 -9.29 -29.04 12.23
N LEU C 97 -10.50 -29.32 11.72
CA LEU C 97 -10.72 -29.48 10.27
C LEU C 97 -10.41 -28.17 9.52
N GLN C 98 -10.73 -27.00 10.07
CA GLN C 98 -10.32 -25.73 9.46
C GLN C 98 -8.79 -25.60 9.41
N ASN C 99 -8.06 -25.96 10.46
CA ASN C 99 -6.59 -25.95 10.42
C ASN C 99 -6.02 -26.92 9.37
N LEU C 100 -6.56 -28.13 9.26
CA LEU C 100 -6.10 -29.11 8.27
C LEU C 100 -6.28 -28.60 6.85
N LEU C 101 -7.48 -28.11 6.51
CA LEU C 101 -7.75 -27.62 5.16
C LEU C 101 -7.03 -26.29 4.88
N ASP C 102 -6.86 -25.41 5.87
CA ASP C 102 -6.06 -24.18 5.71
C ASP C 102 -4.58 -24.48 5.47
N VAL C 103 -4.01 -25.53 6.09
CA VAL C 103 -2.66 -26.02 5.78
C VAL C 103 -2.60 -26.60 4.37
N LEU C 104 -3.43 -27.58 4.02
CA LEU C 104 -3.37 -28.22 2.69
C LEU C 104 -3.64 -27.22 1.54
N ALA C 105 -4.41 -26.16 1.76
CA ALA C 105 -4.63 -25.10 0.78
C ALA C 105 -3.45 -24.12 0.63
N ASN C 106 -2.53 -24.06 1.60
CA ASN C 106 -1.37 -23.16 1.64
C ASN C 106 0.00 -23.88 1.59
N VAL C 107 0.01 -25.16 1.23
CA VAL C 107 1.24 -25.91 0.94
C VAL C 107 1.34 -25.95 -0.57
N ASN C 108 2.23 -25.13 -1.13
CA ASN C 108 2.24 -24.77 -2.54
C ASN C 108 3.31 -25.57 -3.30
N ARG C 109 2.97 -26.03 -4.50
CA ARG C 109 3.90 -26.70 -5.42
C ARG C 109 3.75 -26.10 -6.80
N LYS C 110 4.87 -25.75 -7.41
CA LYS C 110 4.94 -25.22 -8.76
C LYS C 110 6.25 -25.59 -9.38
N CYS C 111 6.30 -25.67 -10.70
CA CYS C 111 7.49 -26.06 -11.42
C CYS C 111 7.67 -25.12 -12.60
N ALA C 112 8.34 -23.99 -12.44
CA ALA C 112 8.56 -23.08 -13.56
C ALA C 112 9.51 -23.71 -14.59
N VAL C 113 8.95 -24.29 -15.64
CA VAL C 113 9.66 -24.98 -16.73
C VAL C 113 10.15 -23.98 -17.76
N GLY C 114 11.45 -23.95 -18.01
CA GLY C 114 12.07 -23.26 -19.14
C GLY C 114 12.77 -24.28 -20.04
N VAL C 115 12.34 -24.40 -21.29
CA VAL C 115 12.99 -25.24 -22.30
C VAL C 115 13.45 -24.38 -23.47
N ASP C 116 14.74 -24.34 -23.74
CA ASP C 116 15.37 -23.45 -24.72
C ASP C 116 15.75 -24.24 -25.98
N ASN C 117 15.25 -23.83 -27.14
CA ASN C 117 15.43 -24.55 -28.39
C ASN C 117 16.62 -24.00 -29.19
N GLU C 118 17.82 -24.49 -28.92
CA GLU C 118 19.00 -24.26 -29.77
C GLU C 118 19.22 -25.41 -30.76
N SER C 119 18.18 -26.16 -31.13
CA SER C 119 18.30 -27.37 -31.95
C SER C 119 18.70 -27.12 -33.40
N GLY C 120 18.54 -25.91 -33.93
CA GLY C 120 18.57 -25.67 -35.38
C GLY C 120 17.29 -26.09 -36.12
N PHE C 121 16.26 -26.55 -35.41
CA PHE C 121 15.01 -27.13 -35.94
C PHE C 121 13.77 -26.51 -35.27
N ARG C 122 12.72 -26.24 -36.04
CA ARG C 122 11.40 -25.79 -35.57
C ARG C 122 10.69 -26.89 -34.79
N TRP C 123 10.18 -26.58 -33.61
CA TRP C 123 9.30 -27.46 -32.83
C TRP C 123 7.88 -26.97 -32.94
N GLN C 124 6.88 -27.84 -33.11
CA GLN C 124 5.49 -27.45 -33.31
C GLN C 124 4.48 -28.44 -32.70
N GLU C 125 3.21 -28.05 -32.66
CA GLU C 125 2.09 -28.86 -32.17
C GLU C 125 2.19 -29.20 -30.68
N GLY C 126 2.45 -28.19 -29.84
CA GLY C 126 2.71 -28.37 -28.42
C GLY C 126 1.56 -29.02 -27.63
N SER C 127 1.78 -30.20 -27.06
CA SER C 127 0.76 -30.98 -26.33
C SER C 127 1.21 -31.27 -24.90
N THR C 128 0.25 -31.48 -24.00
CA THR C 128 0.53 -31.54 -22.56
C THR C 128 -0.28 -32.62 -21.86
N TYR C 129 0.29 -33.24 -20.84
CA TYR C 129 -0.40 -34.16 -19.95
C TYR C 129 -0.04 -33.82 -18.51
N PHE C 130 -0.98 -33.93 -17.59
CA PHE C 130 -0.71 -33.81 -16.16
C PHE C 130 -1.16 -35.07 -15.43
N PHE C 131 -0.22 -35.76 -14.78
CA PHE C 131 -0.59 -36.77 -13.81
C PHE C 131 -1.19 -36.14 -12.56
N SER C 132 -0.70 -34.97 -12.16
CA SER C 132 -1.36 -34.13 -11.15
C SER C 132 -0.98 -32.65 -11.33
N GLY C 133 -1.82 -31.73 -10.86
CA GLY C 133 -1.64 -30.30 -11.12
C GLY C 133 -2.20 -29.85 -12.47
N THR C 134 -2.01 -28.57 -12.79
CA THR C 134 -2.53 -27.87 -13.97
C THR C 134 -1.63 -26.67 -14.33
N ALA C 135 -1.93 -25.93 -15.38
CA ALA C 135 -1.36 -24.61 -15.64
C ALA C 135 -2.44 -23.66 -16.15
N ASP C 136 -2.23 -22.35 -16.05
CA ASP C 136 -3.22 -21.34 -16.45
C ASP C 136 -3.04 -20.84 -17.89
N GLU C 137 -1.80 -20.68 -18.37
CA GLU C 137 -1.49 -20.37 -19.77
C GLU C 137 -1.39 -21.62 -20.65
N ASN C 138 -1.32 -21.42 -21.97
CA ASN C 138 -1.02 -22.47 -22.94
C ASN C 138 0.48 -22.54 -23.26
N LEU C 139 0.94 -23.69 -23.75
CA LEU C 139 2.19 -23.80 -24.48
C LEU C 139 2.14 -22.88 -25.72
N PRO C 140 3.26 -22.30 -26.18
CA PRO C 140 3.36 -21.80 -27.55
C PRO C 140 3.02 -22.90 -28.56
N TYR C 141 2.31 -22.60 -29.65
CA TYR C 141 2.03 -23.62 -30.68
C TYR C 141 3.31 -24.18 -31.27
N SER C 142 4.32 -23.33 -31.44
CA SER C 142 5.64 -23.69 -31.91
C SER C 142 6.69 -22.87 -31.17
N VAL C 143 7.88 -23.44 -31.02
CA VAL C 143 9.06 -22.68 -30.63
C VAL C 143 10.09 -22.81 -31.75
N SER C 144 10.43 -21.69 -32.37
CA SER C 144 11.38 -21.66 -33.47
C SER C 144 12.83 -21.76 -32.97
N ASP C 145 13.79 -21.93 -33.87
CA ASP C 145 15.21 -21.96 -33.53
C ASP C 145 15.66 -20.69 -32.78
N GLY C 146 16.30 -20.85 -31.62
CA GLY C 146 16.82 -19.76 -30.80
C GLY C 146 15.83 -19.14 -29.80
N TYR C 147 14.58 -19.62 -29.72
CA TYR C 147 13.60 -19.18 -28.72
C TYR C 147 13.33 -20.26 -27.65
N ALA C 148 12.64 -19.88 -26.57
CA ALA C 148 12.35 -20.77 -25.44
C ALA C 148 10.86 -20.91 -25.16
N VAL C 149 10.43 -22.10 -24.74
CA VAL C 149 9.18 -22.33 -24.03
C VAL C 149 9.39 -21.96 -22.57
N LEU C 150 8.63 -20.98 -22.07
CA LEU C 150 8.47 -20.77 -20.63
C LEU C 150 7.06 -21.21 -20.25
N TYR C 151 6.93 -22.11 -19.29
CA TYR C 151 5.66 -22.68 -18.85
C TYR C 151 5.62 -22.77 -17.33
N GLY C 152 4.50 -22.41 -16.70
CA GLY C 152 4.35 -22.33 -15.25
C GLY C 152 3.27 -23.24 -14.66
N PRO C 153 3.44 -24.56 -14.71
CA PRO C 153 2.53 -25.51 -14.06
C PRO C 153 2.59 -25.43 -12.53
N ARG C 154 1.48 -25.78 -11.88
CA ARG C 154 1.21 -25.65 -10.44
C ARG C 154 0.28 -26.74 -9.93
N LYS C 155 0.21 -26.99 -8.62
CA LYS C 155 -0.75 -27.96 -8.06
C LYS C 155 -2.20 -27.53 -8.25
N THR C 156 -3.13 -28.49 -8.13
CA THR C 156 -4.57 -28.25 -8.13
C THR C 156 -4.94 -27.31 -6.97
N ASN C 157 -5.77 -26.30 -7.21
CA ASN C 157 -6.11 -25.30 -6.20
C ASN C 157 -6.95 -25.88 -5.05
N GLY C 158 -6.94 -25.22 -3.88
CA GLY C 158 -7.69 -25.66 -2.71
C GLY C 158 -7.03 -26.79 -1.93
N PRO C 159 -7.70 -27.32 -0.90
CA PRO C 159 -7.12 -28.25 0.05
C PRO C 159 -7.03 -29.69 -0.49
N VAL C 160 -6.06 -29.93 -1.37
CA VAL C 160 -5.77 -31.25 -1.96
C VAL C 160 -4.28 -31.55 -1.86
N ALA C 161 -3.93 -32.77 -1.45
CA ALA C 161 -2.57 -33.18 -1.11
C ALA C 161 -1.84 -33.87 -2.27
N THR C 162 -1.85 -33.26 -3.44
CA THR C 162 -1.14 -33.71 -4.65
C THR C 162 -0.19 -32.63 -5.16
N GLY C 163 0.95 -33.04 -5.72
CA GLY C 163 1.96 -32.14 -6.27
C GLY C 163 1.66 -31.76 -7.71
N VAL C 164 2.66 -31.24 -8.43
CA VAL C 164 2.56 -31.02 -9.88
C VAL C 164 3.47 -31.97 -10.64
N VAL C 165 2.91 -32.79 -11.52
CA VAL C 165 3.60 -33.86 -12.25
C VAL C 165 3.02 -33.93 -13.65
N GLY C 166 3.84 -33.94 -14.69
CA GLY C 166 3.32 -33.84 -16.04
C GLY C 166 4.34 -34.07 -17.13
N VAL C 167 3.87 -33.97 -18.37
CA VAL C 167 4.64 -34.15 -19.60
C VAL C 167 4.27 -33.06 -20.59
N LEU C 168 5.24 -32.59 -21.36
CA LEU C 168 5.13 -31.56 -22.40
C LEU C 168 5.78 -32.13 -23.65
N ALA C 169 5.17 -32.01 -24.82
CA ALA C 169 5.74 -32.58 -26.03
C ALA C 169 5.53 -31.73 -27.27
N TYR C 170 6.48 -31.78 -28.19
CA TYR C 170 6.45 -31.08 -29.48
C TYR C 170 6.90 -31.99 -30.60
N TYR C 171 6.26 -31.94 -31.76
CA TYR C 171 6.77 -32.57 -32.95
C TYR C 171 7.91 -31.73 -33.55
N ILE C 172 8.91 -32.39 -34.13
CA ILE C 172 10.07 -31.74 -34.75
C ILE C 172 10.17 -32.24 -36.19
N PRO C 173 9.41 -31.64 -37.14
CA PRO C 173 9.21 -32.22 -38.47
C PRO C 173 10.49 -32.31 -39.32
N SER C 174 11.52 -31.52 -39.01
CA SER C 174 12.81 -31.58 -39.72
C SER C 174 13.61 -32.87 -39.48
N ILE C 175 13.24 -33.65 -38.45
CA ILE C 175 13.85 -34.95 -38.10
C ILE C 175 12.84 -36.09 -38.01
N GLY C 176 11.53 -35.82 -38.01
CA GLY C 176 10.49 -36.84 -37.99
C GLY C 176 10.28 -37.50 -36.62
N LYS C 177 10.54 -36.76 -35.53
CA LYS C 177 10.49 -37.23 -34.14
C LYS C 177 9.78 -36.22 -33.25
N THR C 178 9.31 -36.63 -32.07
CA THR C 178 8.72 -35.73 -31.09
C THR C 178 9.51 -35.69 -29.79
N LEU C 179 9.91 -34.51 -29.36
CA LEU C 179 10.49 -34.27 -28.06
C LEU C 179 9.41 -34.38 -27.00
N ALA C 180 9.67 -35.08 -25.91
CA ALA C 180 8.87 -34.99 -24.69
C ALA C 180 9.75 -34.64 -23.50
N VAL C 181 9.26 -33.79 -22.61
CA VAL C 181 9.90 -33.34 -21.37
C VAL C 181 8.97 -33.68 -20.22
N MET C 182 9.48 -34.20 -19.11
CA MET C 182 8.69 -34.62 -17.94
C MET C 182 9.27 -33.98 -16.69
N TRP C 183 8.40 -33.63 -15.75
CA TRP C 183 8.79 -33.19 -14.41
C TRP C 183 7.89 -33.84 -13.36
N SER C 184 8.42 -34.01 -12.16
CA SER C 184 7.65 -34.34 -10.97
C SER C 184 8.08 -33.44 -9.85
N VAL C 185 7.12 -32.79 -9.18
CA VAL C 185 7.33 -31.92 -8.02
C VAL C 185 6.28 -32.31 -6.97
N PRO C 186 6.55 -33.31 -6.13
CA PRO C 186 5.54 -34.02 -5.34
C PRO C 186 5.04 -33.22 -4.15
N PHE C 187 3.94 -33.66 -3.55
CA PHE C 187 3.49 -33.08 -2.28
C PHE C 187 4.34 -33.56 -1.10
N ASP C 188 4.54 -34.87 -0.98
CA ASP C 188 5.08 -35.51 0.22
C ASP C 188 6.55 -35.92 0.08
N TYR C 189 7.44 -35.01 0.45
CA TYR C 189 8.89 -35.21 0.41
C TYR C 189 9.45 -36.24 1.41
N ASN C 190 8.60 -36.90 2.19
CA ASN C 190 9.04 -38.09 2.94
C ASN C 190 9.11 -39.34 2.05
N PHE C 191 8.25 -39.41 1.03
CA PHE C 191 8.17 -40.56 0.11
C PHE C 191 8.86 -40.30 -1.22
N TYR C 192 8.80 -39.06 -1.71
CA TYR C 192 9.22 -38.68 -3.07
C TYR C 192 10.26 -37.56 -3.06
N GLN C 193 10.79 -37.21 -4.23
CA GLN C 193 11.69 -36.09 -4.48
C GLN C 193 11.45 -35.54 -5.88
N ASN C 194 11.98 -34.35 -6.17
CA ASN C 194 11.87 -33.77 -7.51
C ASN C 194 12.64 -34.59 -8.54
N TRP C 195 12.02 -34.93 -9.67
CA TRP C 195 12.65 -35.61 -10.80
C TRP C 195 12.28 -34.94 -12.12
N TRP C 196 13.09 -35.07 -13.16
CA TRP C 196 12.76 -34.68 -14.53
C TRP C 196 13.40 -35.61 -15.55
N ASN C 197 12.98 -35.56 -16.80
CA ASN C 197 13.60 -36.29 -17.89
C ASN C 197 13.22 -35.65 -19.24
N ALA C 198 13.90 -36.02 -20.31
CA ALA C 198 13.46 -35.70 -21.67
C ALA C 198 13.92 -36.78 -22.66
N LYS C 199 13.17 -37.02 -23.73
CA LYS C 199 13.52 -38.00 -24.77
C LYS C 199 12.88 -37.63 -26.11
N LEU C 200 13.40 -38.18 -27.21
CA LEU C 200 12.74 -38.12 -28.52
C LEU C 200 12.05 -39.46 -28.80
N TYR C 201 10.76 -39.40 -29.12
CA TYR C 201 9.96 -40.54 -29.60
C TYR C 201 9.79 -40.50 -31.12
N SER C 202 9.48 -41.63 -31.74
CA SER C 202 9.27 -41.70 -33.20
C SER C 202 7.92 -41.12 -33.63
N GLY C 203 7.90 -40.41 -34.76
CA GLY C 203 6.68 -39.83 -35.32
C GLY C 203 6.11 -38.65 -34.53
N ASN C 204 4.84 -38.37 -34.76
CA ASN C 204 4.09 -37.29 -34.10
C ASN C 204 3.17 -37.89 -33.04
N GLN C 205 3.30 -37.48 -31.78
CA GLN C 205 2.53 -38.00 -30.65
C GLN C 205 2.10 -36.86 -29.72
N ASP C 206 0.87 -36.89 -29.22
CA ASP C 206 0.48 -36.10 -28.06
C ASP C 206 1.12 -36.68 -26.79
N ALA C 207 1.46 -35.83 -25.81
CA ALA C 207 1.85 -36.27 -24.48
C ALA C 207 0.67 -36.95 -23.76
N ASP C 208 0.90 -38.09 -23.13
CA ASP C 208 -0.10 -38.85 -22.36
C ASP C 208 0.57 -39.76 -21.32
N TYR C 209 -0.22 -40.56 -20.60
CA TYR C 209 0.28 -41.38 -19.48
C TYR C 209 1.37 -42.38 -19.90
N ASP C 210 1.33 -42.91 -21.13
CA ASP C 210 2.40 -43.78 -21.62
C ASP C 210 3.73 -43.04 -21.83
N HIS C 211 3.74 -41.72 -22.02
CA HIS C 211 4.98 -40.94 -21.94
C HIS C 211 5.38 -40.68 -20.50
N TYR C 212 4.43 -40.41 -19.59
CA TYR C 212 4.78 -40.19 -18.19
C TYR C 212 5.48 -41.39 -17.57
N VAL C 213 4.92 -42.60 -17.70
CA VAL C 213 5.58 -43.79 -17.14
C VAL C 213 6.90 -44.14 -17.86
N ASP C 214 7.00 -43.93 -19.16
CA ASP C 214 8.25 -44.19 -19.88
C ASP C 214 9.34 -43.17 -19.53
N LEU C 215 9.02 -41.90 -19.30
CA LEU C 215 9.99 -40.88 -18.88
C LEU C 215 10.32 -40.94 -17.38
N TYR C 216 9.40 -41.38 -16.53
CA TYR C 216 9.61 -41.41 -15.07
C TYR C 216 10.16 -42.73 -14.53
N TYR C 217 9.81 -43.88 -15.11
CA TYR C 217 10.29 -45.19 -14.65
C TYR C 217 11.29 -45.83 -15.62
N ASP C 218 10.92 -45.99 -16.89
CA ASP C 218 11.64 -46.90 -17.80
C ASP C 218 12.87 -46.28 -18.47
N ALA C 219 12.90 -44.98 -18.75
CA ALA C 219 14.11 -44.23 -19.09
C ALA C 219 14.64 -43.50 -17.84
N ASN C 220 15.93 -43.64 -17.50
CA ASN C 220 16.47 -43.18 -16.22
C ASN C 220 16.29 -41.66 -16.02
N PRO C 221 15.45 -41.19 -15.07
CA PRO C 221 15.23 -39.77 -14.84
C PRO C 221 16.40 -39.13 -14.11
N PHE C 222 16.40 -37.80 -14.03
CA PHE C 222 17.40 -36.99 -13.36
C PHE C 222 16.84 -36.38 -12.07
N LYS C 223 17.61 -36.43 -10.99
CA LYS C 223 17.30 -35.79 -9.70
C LYS C 223 17.41 -34.27 -9.80
N ALA C 224 16.94 -33.57 -8.76
CA ALA C 224 17.17 -32.14 -8.55
C ALA C 224 18.50 -31.86 -7.81
N ASN C 225 19.65 -32.26 -8.38
CA ASN C 225 20.97 -32.11 -7.77
C ASN C 225 21.99 -31.35 -8.66
N GLY C 226 21.51 -30.48 -9.55
CA GLY C 226 22.33 -29.67 -10.45
C GLY C 226 22.31 -30.11 -11.91
N TRP C 227 23.29 -29.69 -12.69
CA TRP C 227 23.29 -29.85 -14.15
C TRP C 227 23.65 -31.24 -14.64
N HIS C 228 22.85 -31.77 -15.55
CA HIS C 228 23.03 -33.03 -16.25
C HIS C 228 22.98 -32.85 -17.76
N GLU C 229 23.65 -33.72 -18.51
CA GLU C 229 23.77 -33.63 -19.98
C GLU C 229 23.59 -35.01 -20.62
N ARG C 230 22.89 -35.11 -21.75
CA ARG C 230 22.37 -36.36 -22.31
C ARG C 230 22.12 -36.25 -23.81
N SER C 231 22.60 -37.19 -24.60
CA SER C 231 22.30 -37.26 -26.03
C SER C 231 20.87 -37.76 -26.30
N LEU C 232 20.23 -37.23 -27.36
CA LEU C 232 18.87 -37.58 -27.76
C LEU C 232 18.81 -38.49 -29.01
N GLY C 233 19.94 -38.71 -29.68
CA GLY C 233 19.96 -39.29 -31.04
C GLY C 233 19.52 -38.29 -32.10
N SER C 234 19.55 -38.67 -33.38
CA SER C 234 19.25 -37.80 -34.52
C SER C 234 20.08 -36.49 -34.57
N GLY C 235 21.24 -36.46 -33.90
CA GLY C 235 22.14 -35.32 -33.87
C GLY C 235 21.83 -34.26 -32.82
N LEU C 236 20.87 -34.48 -31.92
CA LEU C 236 20.57 -33.59 -30.79
C LEU C 236 21.09 -34.12 -29.46
N LYS C 237 21.22 -33.21 -28.49
CA LYS C 237 21.41 -33.50 -27.06
C LYS C 237 20.66 -32.47 -26.23
N PHE C 238 20.61 -32.65 -24.93
CA PHE C 238 20.24 -31.59 -24.00
C PHE C 238 21.22 -31.51 -22.84
N CYS C 239 21.26 -30.35 -22.20
CA CYS C 239 21.74 -30.21 -20.84
C CYS C 239 20.64 -29.51 -20.04
N GLY C 240 20.50 -29.80 -18.75
CA GLY C 240 19.47 -29.17 -17.93
C GLY C 240 19.64 -29.44 -16.45
N SER C 241 18.84 -28.78 -15.63
CA SER C 241 18.80 -28.97 -14.18
C SER C 241 17.41 -28.65 -13.63
N MET C 242 17.09 -29.17 -12.44
CA MET C 242 15.92 -28.74 -11.68
C MET C 242 16.33 -28.40 -10.25
N SER C 243 15.76 -27.36 -9.66
CA SER C 243 15.94 -27.05 -8.24
C SER C 243 15.07 -27.92 -7.35
N SER C 244 15.50 -28.21 -6.12
CA SER C 244 14.84 -29.14 -5.19
C SER C 244 13.71 -28.51 -4.36
N SER C 245 13.37 -27.25 -4.57
CA SER C 245 12.56 -26.44 -3.66
C SER C 245 11.14 -26.95 -3.39
N GLY C 246 10.41 -27.38 -4.42
CA GLY C 246 8.95 -27.55 -4.36
C GLY C 246 8.21 -26.36 -4.94
N GLN C 247 8.72 -25.15 -4.77
CA GLN C 247 8.51 -24.05 -5.71
C GLN C 247 9.65 -24.06 -6.74
N ALA C 248 9.74 -25.15 -7.51
CA ALA C 248 10.89 -25.49 -8.32
C ALA C 248 11.03 -24.60 -9.56
N THR C 249 12.24 -24.56 -10.11
CA THR C 249 12.50 -24.22 -11.52
C THR C 249 13.06 -25.45 -12.23
N LEU C 250 12.59 -25.77 -13.43
CA LEU C 250 13.20 -26.74 -14.34
C LEU C 250 13.78 -25.95 -15.51
N GLU C 251 15.01 -26.24 -15.91
CA GLU C 251 15.71 -25.48 -16.95
C GLU C 251 16.49 -26.42 -17.86
N ILE C 252 16.15 -26.44 -19.14
CA ILE C 252 16.73 -27.34 -20.15
C ILE C 252 17.15 -26.53 -21.36
N HIS C 253 18.34 -26.78 -21.89
CA HIS C 253 18.77 -26.30 -23.20
C HIS C 253 18.90 -27.50 -24.12
N VAL C 254 18.18 -27.51 -25.25
CA VAL C 254 18.24 -28.59 -26.24
C VAL C 254 19.06 -28.09 -27.41
N LEU C 255 20.08 -28.84 -27.82
CA LEU C 255 21.23 -28.36 -28.60
C LEU C 255 21.60 -29.36 -29.69
N LYS C 256 22.29 -28.91 -30.75
CA LYS C 256 23.04 -29.81 -31.62
C LYS C 256 24.10 -30.55 -30.79
N GLU C 257 24.35 -31.83 -31.08
CA GLU C 257 25.21 -32.67 -30.23
C GLU C 257 26.66 -32.16 -30.10
N SER C 258 27.17 -31.50 -31.15
CA SER C 258 28.51 -30.90 -31.17
C SER C 258 28.65 -29.60 -30.35
N GLU C 259 27.55 -28.97 -29.95
CA GLU C 259 27.55 -27.64 -29.33
C GLU C 259 27.97 -27.66 -27.85
N THR C 260 28.67 -26.64 -27.36
CA THR C 260 28.94 -26.49 -25.92
C THR C 260 27.70 -25.96 -25.19
N CYS C 261 27.29 -26.62 -24.11
CA CYS C 261 26.13 -26.21 -23.32
C CYS C 261 26.31 -24.79 -22.71
N MET C 262 25.27 -23.95 -22.80
CA MET C 262 25.18 -22.61 -22.21
C MET C 262 26.46 -21.75 -22.40
N ALA D 82 -15.79 -33.92 34.36
CA ALA D 82 -14.85 -34.53 33.40
C ALA D 82 -14.88 -33.83 32.04
N ALA D 83 -15.85 -34.08 31.16
CA ALA D 83 -15.76 -33.72 29.73
C ALA D 83 -15.58 -32.22 29.43
N GLY D 84 -16.14 -31.33 30.25
CA GLY D 84 -15.93 -29.88 30.09
C GLY D 84 -14.45 -29.46 30.19
N THR D 85 -13.69 -30.04 31.13
CA THR D 85 -12.24 -29.77 31.27
C THR D 85 -11.39 -30.57 30.28
N ILE D 86 -11.87 -31.68 29.73
CA ILE D 86 -11.19 -32.35 28.61
C ILE D 86 -11.21 -31.45 27.37
N ILE D 87 -12.37 -30.89 26.99
CA ILE D 87 -12.44 -29.97 25.85
C ILE D 87 -11.68 -28.66 26.14
N ALA D 88 -11.73 -28.12 27.38
CA ALA D 88 -10.96 -26.91 27.71
C ALA D 88 -9.43 -27.14 27.74
N GLY D 89 -8.97 -28.31 28.19
CA GLY D 89 -7.57 -28.72 28.15
C GLY D 89 -7.08 -29.05 26.74
N ALA D 90 -7.95 -29.58 25.88
CA ALA D 90 -7.67 -29.71 24.47
C ALA D 90 -7.52 -28.32 23.82
N GLU D 91 -8.45 -27.39 24.03
CA GLU D 91 -8.35 -26.04 23.46
C GLU D 91 -7.07 -25.30 23.89
N LEU D 92 -6.62 -25.49 25.13
CA LEU D 92 -5.31 -25.01 25.60
C LEU D 92 -4.15 -25.70 24.87
N THR D 93 -4.16 -27.03 24.78
CA THR D 93 -3.08 -27.81 24.14
C THR D 93 -2.96 -27.49 22.65
N ILE D 94 -4.07 -27.33 21.93
CA ILE D 94 -4.08 -26.90 20.53
C ILE D 94 -3.52 -25.46 20.41
N GLY D 95 -3.80 -24.58 21.37
CA GLY D 95 -3.19 -23.26 21.42
C GLY D 95 -1.66 -23.30 21.57
N LEU D 96 -1.13 -24.18 22.41
CA LEU D 96 0.31 -24.38 22.57
C LEU D 96 0.97 -24.98 21.33
N LEU D 97 0.39 -26.03 20.73
CA LEU D 97 0.92 -26.62 19.50
C LEU D 97 0.87 -25.62 18.33
N GLN D 98 -0.16 -24.77 18.22
CA GLN D 98 -0.16 -23.69 17.23
C GLN D 98 0.98 -22.70 17.46
N ASN D 99 1.27 -22.29 18.71
CA ASN D 99 2.42 -21.41 19.00
C ASN D 99 3.75 -22.07 18.64
N LEU D 100 3.94 -23.36 18.95
CA LEU D 100 5.18 -24.07 18.62
C LEU D 100 5.42 -24.12 17.12
N LEU D 101 4.42 -24.53 16.34
CA LEU D 101 4.57 -24.64 14.90
C LEU D 101 4.62 -23.26 14.22
N ASP D 102 3.92 -22.25 14.74
CA ASP D 102 4.04 -20.86 14.24
C ASP D 102 5.43 -20.26 14.49
N VAL D 103 6.08 -20.59 15.61
CA VAL D 103 7.49 -20.24 15.87
C VAL D 103 8.41 -20.98 14.90
N LEU D 104 8.39 -22.32 14.85
CA LEU D 104 9.29 -23.09 13.98
C LEU D 104 9.12 -22.76 12.48
N ALA D 105 7.93 -22.35 12.03
CA ALA D 105 7.70 -21.89 10.67
C ALA D 105 8.23 -20.46 10.38
N ASN D 106 8.50 -19.65 11.40
CA ASN D 106 8.96 -18.26 11.28
C ASN D 106 10.36 -18.01 11.87
N VAL D 107 11.13 -19.08 12.13
CA VAL D 107 12.56 -19.00 12.47
C VAL D 107 13.30 -19.33 11.19
N ASN D 108 13.85 -18.30 10.55
CA ASN D 108 14.30 -18.34 9.17
C ASN D 108 15.83 -18.51 9.10
N ARG D 109 16.30 -19.35 8.18
CA ARG D 109 17.73 -19.53 7.88
C ARG D 109 17.93 -19.48 6.38
N LYS D 110 18.89 -18.70 5.95
CA LYS D 110 19.28 -18.56 4.55
C LYS D 110 20.74 -18.22 4.46
N CYS D 111 21.38 -18.57 3.37
CA CYS D 111 22.80 -18.32 3.18
C CYS D 111 23.01 -17.79 1.78
N ALA D 112 22.94 -16.47 1.57
CA ALA D 112 23.17 -15.91 0.25
C ALA D 112 24.64 -16.07 -0.16
N VAL D 113 24.93 -17.11 -0.95
CA VAL D 113 26.26 -17.47 -1.44
C VAL D 113 26.63 -16.65 -2.66
N GLY D 114 27.73 -15.93 -2.60
CA GLY D 114 28.38 -15.29 -3.75
C GLY D 114 29.78 -15.86 -3.94
N VAL D 115 30.05 -16.51 -5.07
CA VAL D 115 31.38 -17.02 -5.42
C VAL D 115 31.83 -16.36 -6.72
N ASP D 116 32.94 -15.62 -6.68
CA ASP D 116 33.43 -14.80 -7.79
C ASP D 116 34.63 -15.47 -8.45
N ASN D 117 34.56 -15.74 -9.75
CA ASN D 117 35.57 -16.48 -10.48
C ASN D 117 36.59 -15.54 -11.15
N GLU D 118 37.63 -15.14 -10.44
CA GLU D 118 38.79 -14.46 -11.01
C GLU D 118 39.94 -15.45 -11.33
N SER D 119 39.62 -16.74 -11.55
CA SER D 119 40.64 -17.79 -11.70
C SER D 119 41.46 -17.71 -12.98
N GLY D 120 41.00 -17.00 -14.01
CA GLY D 120 41.54 -17.13 -15.37
C GLY D 120 41.07 -18.39 -16.12
N PHE D 121 40.18 -19.19 -15.53
CA PHE D 121 39.70 -20.50 -16.01
C PHE D 121 38.17 -20.58 -15.98
N ARG D 122 37.57 -21.20 -17.01
CA ARG D 122 36.13 -21.51 -17.08
C ARG D 122 35.76 -22.60 -16.07
N TRP D 123 34.71 -22.39 -15.31
CA TRP D 123 34.11 -23.40 -14.43
C TRP D 123 32.82 -23.89 -15.07
N GLN D 124 32.53 -25.19 -15.05
CA GLN D 124 31.35 -25.76 -15.71
C GLN D 124 30.77 -26.98 -14.97
N GLU D 125 29.58 -27.42 -15.39
CA GLU D 125 28.87 -28.60 -14.86
C GLU D 125 28.46 -28.44 -13.39
N GLY D 126 27.84 -27.31 -13.04
CA GLY D 126 27.51 -26.96 -11.66
C GLY D 126 26.58 -27.96 -10.95
N SER D 127 27.05 -28.60 -9.89
CA SER D 127 26.32 -29.63 -9.14
C SER D 127 26.17 -29.25 -7.67
N THR D 128 25.14 -29.78 -7.00
CA THR D 128 24.76 -29.31 -5.66
C THR D 128 24.32 -30.45 -4.76
N TYR D 129 24.62 -30.35 -3.48
CA TYR D 129 24.13 -31.25 -2.45
C TYR D 129 23.63 -30.45 -1.26
N PHE D 130 22.54 -30.87 -0.63
CA PHE D 130 22.08 -30.28 0.62
C PHE D 130 22.00 -31.34 1.71
N PHE D 131 22.76 -31.16 2.79
CA PHE D 131 22.53 -31.93 4.00
C PHE D 131 21.23 -31.51 4.67
N SER D 132 20.89 -30.21 4.62
CA SER D 132 19.57 -29.72 4.98
C SER D 132 19.25 -28.41 4.26
N GLY D 133 17.97 -28.08 4.08
CA GLY D 133 17.57 -26.94 3.26
C GLY D 133 17.51 -27.24 1.77
N THR D 134 17.20 -26.22 0.97
CA THR D 134 16.98 -26.26 -0.48
C THR D 134 17.29 -24.89 -1.11
N ALA D 135 17.16 -24.75 -2.43
CA ALA D 135 17.10 -23.46 -3.10
C ALA D 135 16.04 -23.48 -4.21
N ASP D 136 15.56 -22.32 -4.64
CA ASP D 136 14.50 -22.23 -5.67
C ASP D 136 15.03 -22.08 -7.09
N GLU D 137 16.12 -21.34 -7.30
CA GLU D 137 16.83 -21.24 -8.59
C GLU D 137 17.86 -22.36 -8.79
N ASN D 138 18.39 -22.47 -10.01
CA ASN D 138 19.53 -23.33 -10.32
C ASN D 138 20.86 -22.57 -10.23
N LEU D 139 21.96 -23.30 -10.05
CA LEU D 139 23.30 -22.82 -10.36
C LEU D 139 23.36 -22.43 -11.85
N PRO D 140 24.16 -21.43 -12.26
CA PRO D 140 24.59 -21.31 -13.65
C PRO D 140 25.27 -22.60 -14.12
N TYR D 141 25.06 -23.04 -15.36
CA TYR D 141 25.75 -24.24 -15.88
C TYR D 141 27.27 -24.06 -15.85
N SER D 142 27.72 -22.85 -16.15
CA SER D 142 29.12 -22.45 -16.11
C SER D 142 29.24 -21.02 -15.59
N VAL D 143 30.35 -20.73 -14.95
CA VAL D 143 30.75 -19.34 -14.68
C VAL D 143 32.09 -19.10 -15.36
N SER D 144 32.10 -18.18 -16.32
CA SER D 144 33.30 -17.85 -17.08
C SER D 144 34.25 -16.95 -16.27
N ASP D 145 35.46 -16.73 -16.77
CA ASP D 145 36.42 -15.83 -16.14
C ASP D 145 35.85 -14.41 -15.94
N GLY D 146 35.94 -13.88 -14.72
CA GLY D 146 35.48 -12.53 -14.36
C GLY D 146 34.00 -12.41 -13.99
N TYR D 147 33.21 -13.51 -13.99
CA TYR D 147 31.82 -13.51 -13.54
C TYR D 147 31.64 -14.24 -12.19
N ALA D 148 30.47 -14.10 -11.57
CA ALA D 148 30.16 -14.69 -10.26
C ALA D 148 28.95 -15.62 -10.29
N VAL D 149 29.00 -16.69 -9.50
CA VAL D 149 27.83 -17.45 -9.06
C VAL D 149 27.18 -16.69 -7.91
N LEU D 150 25.93 -16.26 -8.06
CA LEU D 150 25.09 -15.86 -6.95
C LEU D 150 24.04 -16.94 -6.74
N TYR D 151 23.93 -17.48 -5.54
CA TYR D 151 23.02 -18.57 -5.18
C TYR D 151 22.38 -18.31 -3.82
N GLY D 152 21.08 -18.55 -3.69
CA GLY D 152 20.29 -18.22 -2.50
C GLY D 152 19.62 -19.43 -1.82
N PRO D 153 20.39 -20.36 -1.24
CA PRO D 153 19.84 -21.46 -0.47
C PRO D 153 19.19 -21.01 0.84
N ARG D 154 18.21 -21.79 1.31
CA ARG D 154 17.32 -21.50 2.45
C ARG D 154 16.89 -22.77 3.16
N LYS D 155 16.38 -22.70 4.40
CA LYS D 155 15.86 -23.89 5.10
C LYS D 155 14.61 -24.46 4.42
N THR D 156 14.29 -25.72 4.74
CA THR D 156 13.05 -26.38 4.31
C THR D 156 11.83 -25.60 4.83
N ASN D 157 10.83 -25.38 3.99
CA ASN D 157 9.66 -24.57 4.35
C ASN D 157 8.78 -25.24 5.42
N GLY D 158 7.98 -24.45 6.15
CA GLY D 158 7.09 -24.95 7.20
C GLY D 158 7.80 -25.26 8.52
N PRO D 159 7.09 -25.81 9.50
CA PRO D 159 7.55 -25.96 10.87
C PRO D 159 8.51 -27.14 11.04
N VAL D 160 9.76 -26.96 10.61
CA VAL D 160 10.84 -27.94 10.73
C VAL D 160 12.10 -27.27 11.28
N ALA D 161 12.76 -27.90 12.25
CA ALA D 161 13.85 -27.33 13.04
C ALA D 161 15.24 -27.71 12.49
N THR D 162 15.45 -27.53 11.19
CA THR D 162 16.74 -27.73 10.51
C THR D 162 17.19 -26.46 9.79
N GLY D 163 18.51 -26.23 9.74
CA GLY D 163 19.11 -25.07 9.09
C GLY D 163 19.33 -25.29 7.61
N VAL D 164 20.17 -24.48 6.98
CA VAL D 164 20.61 -24.71 5.59
C VAL D 164 22.09 -25.08 5.56
N VAL D 165 22.41 -26.25 5.02
CA VAL D 165 23.75 -26.83 5.01
C VAL D 165 23.95 -27.57 3.71
N GLY D 166 25.03 -27.33 2.98
CA GLY D 166 25.17 -27.89 1.65
C GLY D 166 26.54 -27.71 1.02
N VAL D 167 26.66 -28.20 -0.20
CA VAL D 167 27.88 -28.17 -1.02
C VAL D 167 27.50 -27.80 -2.45
N LEU D 168 28.37 -27.04 -3.11
CA LEU D 168 28.26 -26.55 -4.48
C LEU D 168 29.56 -26.91 -5.18
N ALA D 169 29.55 -27.45 -6.39
CA ALA D 169 30.78 -27.85 -7.06
C ALA D 169 30.75 -27.61 -8.57
N TYR D 170 31.91 -27.30 -9.14
CA TYR D 170 32.11 -27.08 -10.57
C TYR D 170 33.37 -27.78 -11.04
N TYR D 171 33.35 -28.39 -12.21
CA TYR D 171 34.55 -28.87 -12.86
C TYR D 171 35.31 -27.69 -13.49
N ILE D 172 36.64 -27.73 -13.49
CA ILE D 172 37.51 -26.69 -14.06
C ILE D 172 38.43 -27.37 -15.08
N PRO D 173 37.98 -27.57 -16.32
CA PRO D 173 38.66 -28.45 -17.28
C PRO D 173 40.06 -27.97 -17.69
N SER D 174 40.36 -26.67 -17.54
CA SER D 174 41.70 -26.13 -17.84
C SER D 174 42.80 -26.59 -16.89
N ILE D 175 42.44 -27.15 -15.73
CA ILE D 175 43.36 -27.71 -14.72
C ILE D 175 43.07 -29.18 -14.37
N GLY D 176 41.94 -29.74 -14.78
CA GLY D 176 41.58 -31.14 -14.54
C GLY D 176 41.13 -31.44 -13.10
N LYS D 177 40.53 -30.47 -12.43
CA LYS D 177 40.10 -30.52 -11.02
C LYS D 177 38.70 -29.95 -10.84
N THR D 178 38.02 -30.27 -9.74
CA THR D 178 36.72 -29.69 -9.42
C THR D 178 36.76 -28.90 -8.13
N LEU D 179 36.34 -27.64 -8.19
CA LEU D 179 36.11 -26.81 -7.03
C LEU D 179 34.86 -27.28 -6.30
N ALA D 180 34.92 -27.41 -4.98
CA ALA D 180 33.74 -27.53 -4.14
C ALA D 180 33.73 -26.46 -3.06
N VAL D 181 32.58 -25.88 -2.77
CA VAL D 181 32.33 -24.86 -1.75
C VAL D 181 31.26 -25.40 -0.81
N MET D 182 31.43 -25.25 0.50
CA MET D 182 30.50 -25.75 1.52
C MET D 182 30.11 -24.62 2.46
N TRP D 183 28.87 -24.64 2.94
CA TRP D 183 28.40 -23.76 4.00
C TRP D 183 27.54 -24.54 4.99
N SER D 184 27.52 -24.07 6.23
CA SER D 184 26.57 -24.51 7.24
C SER D 184 25.98 -23.29 7.92
N VAL D 185 24.66 -23.19 8.00
CA VAL D 185 23.92 -22.14 8.68
C VAL D 185 22.83 -22.81 9.52
N PRO D 186 23.14 -23.22 10.75
CA PRO D 186 22.36 -24.18 11.53
C PRO D 186 21.08 -23.58 12.10
N PHE D 187 20.16 -24.42 12.57
CA PHE D 187 19.01 -23.94 13.33
C PHE D 187 19.37 -23.53 14.75
N ASP D 188 20.08 -24.39 15.48
CA ASP D 188 20.27 -24.29 16.92
C ASP D 188 21.66 -23.76 17.30
N TYR D 189 21.77 -22.43 17.44
CA TYR D 189 23.00 -21.75 17.80
C TYR D 189 23.48 -21.97 19.24
N ASN D 190 22.80 -22.80 20.04
CA ASN D 190 23.36 -23.27 21.31
C ASN D 190 24.37 -24.40 21.09
N PHE D 191 24.19 -25.21 20.04
CA PHE D 191 25.04 -26.36 19.73
C PHE D 191 26.04 -26.07 18.61
N TYR D 192 25.64 -25.27 17.63
CA TYR D 192 26.37 -25.04 16.37
C TYR D 192 26.66 -23.56 16.12
N GLN D 193 27.41 -23.26 15.06
CA GLN D 193 27.70 -21.92 14.57
C GLN D 193 27.85 -21.97 13.04
N ASN D 194 27.84 -20.82 12.38
CA ASN D 194 28.07 -20.75 10.95
C ASN D 194 29.49 -21.17 10.58
N TRP D 195 29.65 -22.06 9.61
CA TRP D 195 30.95 -22.48 9.07
C TRP D 195 30.91 -22.48 7.54
N TRP D 196 32.06 -22.36 6.88
CA TRP D 196 32.21 -22.58 5.43
C TRP D 196 33.58 -23.16 5.10
N ASN D 197 33.76 -23.66 3.89
CA ASN D 197 35.06 -24.12 3.41
C ASN D 197 35.05 -24.16 1.87
N ALA D 198 36.20 -24.30 1.24
CA ALA D 198 36.31 -24.64 -0.18
C ALA D 198 37.60 -25.43 -0.46
N LYS D 199 37.59 -26.32 -1.46
CA LYS D 199 38.77 -27.12 -1.86
C LYS D 199 38.67 -27.53 -3.32
N LEU D 200 39.80 -27.89 -3.93
CA LEU D 200 39.84 -28.55 -5.23
C LEU D 200 40.03 -30.05 -5.05
N TYR D 201 39.15 -30.86 -5.64
CA TYR D 201 39.27 -32.31 -5.74
C TYR D 201 39.78 -32.74 -7.11
N SER D 202 40.32 -33.95 -7.23
CA SER D 202 40.82 -34.47 -8.51
C SER D 202 39.70 -34.93 -9.44
N GLY D 203 39.84 -34.66 -10.74
CA GLY D 203 38.87 -35.06 -11.76
C GLY D 203 37.54 -34.31 -11.71
N ASN D 204 36.52 -34.90 -12.32
CA ASN D 204 35.16 -34.36 -12.39
C ASN D 204 34.27 -35.12 -11.40
N GLN D 205 33.64 -34.42 -10.46
CA GLN D 205 32.79 -35.02 -9.42
C GLN D 205 31.53 -34.17 -9.20
N ASP D 206 30.38 -34.80 -9.04
CA ASP D 206 29.21 -34.15 -8.46
C ASP D 206 29.42 -33.91 -6.95
N ALA D 207 28.87 -32.83 -6.40
CA ALA D 207 28.79 -32.62 -4.96
C ALA D 207 27.89 -33.68 -4.31
N ASP D 208 28.33 -34.27 -3.20
CA ASP D 208 27.57 -35.27 -2.43
C ASP D 208 28.06 -35.32 -0.96
N TYR D 209 27.51 -36.23 -0.16
CA TYR D 209 27.79 -36.30 1.28
C TYR D 209 29.28 -36.53 1.60
N ASP D 210 30.02 -37.25 0.75
CA ASP D 210 31.46 -37.41 0.95
C ASP D 210 32.25 -36.10 0.73
N HIS D 211 31.73 -35.12 -0.01
CA HIS D 211 32.29 -33.76 0.00
C HIS D 211 31.85 -32.98 1.22
N TYR D 212 30.60 -33.13 1.69
CA TYR D 212 30.16 -32.42 2.89
C TYR D 212 31.00 -32.79 4.11
N VAL D 213 31.18 -34.08 4.40
CA VAL D 213 32.01 -34.47 5.56
C VAL D 213 33.48 -34.12 5.38
N ASP D 214 34.03 -34.21 4.18
CA ASP D 214 35.44 -33.84 3.95
C ASP D 214 35.65 -32.33 4.05
N LEU D 215 34.71 -31.48 3.62
CA LEU D 215 34.82 -30.03 3.75
C LEU D 215 34.45 -29.52 5.15
N TYR D 216 33.58 -30.20 5.89
CA TYR D 216 33.12 -29.76 7.21
C TYR D 216 33.92 -30.32 8.39
N TYR D 217 34.44 -31.55 8.31
CA TYR D 217 35.21 -32.17 9.38
C TYR D 217 36.70 -32.29 9.05
N ASP D 218 37.04 -32.93 7.94
CA ASP D 218 38.40 -33.42 7.71
C ASP D 218 39.37 -32.38 7.12
N ALA D 219 38.90 -31.43 6.31
CA ALA D 219 39.65 -30.21 5.96
C ALA D 219 39.18 -29.04 6.85
N ASN D 220 40.09 -28.31 7.48
CA ASN D 220 39.75 -27.33 8.52
C ASN D 220 38.81 -26.22 7.99
N PRO D 221 37.54 -26.13 8.43
CA PRO D 221 36.62 -25.11 7.95
C PRO D 221 36.90 -23.75 8.57
N PHE D 222 36.26 -22.71 8.05
CA PHE D 222 36.36 -21.33 8.50
C PHE D 222 35.08 -20.89 9.23
N LYS D 223 35.25 -20.21 10.37
CA LYS D 223 34.15 -19.60 11.14
C LYS D 223 33.58 -18.38 10.41
N ALA D 224 32.44 -17.88 10.90
CA ALA D 224 31.87 -16.60 10.51
C ALA D 224 32.44 -15.42 11.32
N ASN D 225 33.75 -15.18 11.25
CA ASN D 225 34.45 -14.13 12.02
C ASN D 225 35.28 -13.17 11.13
N GLY D 226 34.89 -12.99 9.87
CA GLY D 226 35.54 -12.09 8.92
C GLY D 226 36.36 -12.79 7.84
N TRP D 227 37.26 -12.07 7.19
CA TRP D 227 37.95 -12.53 5.99
C TRP D 227 39.10 -13.49 6.26
N HIS D 228 39.11 -14.60 5.52
CA HIS D 228 40.14 -15.64 5.51
C HIS D 228 40.67 -15.88 4.10
N GLU D 229 41.91 -16.34 3.97
CA GLU D 229 42.60 -16.54 2.69
C GLU D 229 43.38 -17.86 2.70
N ARG D 230 43.37 -18.62 1.59
CA ARG D 230 43.79 -20.02 1.55
C ARG D 230 44.19 -20.44 0.13
N SER D 231 45.34 -21.07 -0.03
CA SER D 231 45.76 -21.63 -1.32
C SER D 231 44.99 -22.93 -1.65
N LEU D 232 44.72 -23.15 -2.94
CA LEU D 232 44.00 -24.33 -3.45
C LEU D 232 44.92 -25.35 -4.14
N GLY D 233 46.18 -25.02 -4.39
CA GLY D 233 47.05 -25.77 -5.30
C GLY D 233 46.70 -25.51 -6.77
N SER D 234 47.46 -26.09 -7.70
CA SER D 234 47.32 -25.87 -9.15
C SER D 234 47.36 -24.38 -9.58
N GLY D 235 47.96 -23.52 -8.75
CA GLY D 235 48.13 -22.09 -9.02
C GLY D 235 46.93 -21.21 -8.65
N LEU D 236 45.91 -21.73 -7.98
CA LEU D 236 44.77 -20.96 -7.46
C LEU D 236 44.85 -20.74 -5.95
N LYS D 237 44.11 -19.74 -5.47
CA LYS D 237 43.77 -19.51 -4.06
C LYS D 237 42.35 -18.96 -3.95
N PHE D 238 41.84 -18.82 -2.75
CA PHE D 238 40.66 -18.01 -2.49
C PHE D 238 40.88 -17.09 -1.30
N CYS D 239 40.10 -16.02 -1.24
CA CYS D 239 39.81 -15.31 -0.02
C CYS D 239 38.29 -15.23 0.13
N GLY D 240 37.76 -15.24 1.34
CA GLY D 240 36.33 -15.17 1.55
C GLY D 240 35.95 -14.92 3.00
N SER D 241 34.67 -14.70 3.24
CA SER D 241 34.09 -14.52 4.58
C SER D 241 32.63 -14.97 4.60
N MET D 242 32.11 -15.28 5.79
CA MET D 242 30.67 -15.46 6.01
C MET D 242 30.22 -14.62 7.19
N SER D 243 29.03 -14.01 7.12
CA SER D 243 28.43 -13.33 8.27
C SER D 243 27.76 -14.31 9.23
N SER D 244 27.70 -13.98 10.52
CA SER D 244 27.22 -14.87 11.59
C SER D 244 25.70 -14.86 11.79
N SER D 245 24.94 -14.14 10.97
CA SER D 245 23.54 -13.78 11.24
C SER D 245 22.57 -14.95 11.37
N GLY D 246 22.64 -15.96 10.50
CA GLY D 246 21.57 -16.95 10.30
C GLY D 246 20.69 -16.60 9.11
N GLN D 247 20.46 -15.32 8.85
CA GLN D 247 20.19 -14.82 7.49
C GLN D 247 21.52 -14.40 6.85
N ALA D 248 22.42 -15.36 6.68
CA ALA D 248 23.83 -15.14 6.38
C ALA D 248 24.06 -14.67 4.95
N THR D 249 25.22 -14.05 4.72
CA THR D 249 25.86 -13.97 3.40
C THR D 249 27.18 -14.74 3.45
N LEU D 250 27.47 -15.55 2.43
CA LEU D 250 28.80 -16.16 2.20
C LEU D 250 29.38 -15.49 0.98
N GLU D 251 30.64 -15.08 1.03
CA GLU D 251 31.28 -14.33 -0.05
C GLU D 251 32.71 -14.80 -0.26
N ILE D 252 33.01 -15.32 -1.45
CA ILE D 252 34.32 -15.90 -1.79
C ILE D 252 34.78 -15.32 -3.12
N HIS D 253 36.05 -14.93 -3.20
CA HIS D 253 36.72 -14.62 -4.45
C HIS D 253 37.78 -15.68 -4.70
N VAL D 254 37.72 -16.38 -5.83
CA VAL D 254 38.69 -17.41 -6.21
C VAL D 254 39.60 -16.82 -7.27
N LEU D 255 40.91 -16.88 -7.06
CA LEU D 255 41.91 -16.02 -7.69
C LEU D 255 43.14 -16.83 -8.12
N LYS D 256 43.92 -16.32 -9.09
CA LYS D 256 45.30 -16.78 -9.28
C LYS D 256 46.11 -16.53 -8.00
N GLU D 257 47.01 -17.43 -7.63
CA GLU D 257 47.70 -17.37 -6.34
C GLU D 257 48.53 -16.08 -6.12
N SER D 258 49.07 -15.52 -7.21
CA SER D 258 49.84 -14.27 -7.20
C SER D 258 48.99 -12.99 -7.02
N GLU D 259 47.68 -13.06 -7.19
CA GLU D 259 46.78 -11.89 -7.24
C GLU D 259 46.49 -11.32 -5.85
N THR D 260 46.34 -9.99 -5.72
CA THR D 260 45.87 -9.38 -4.47
C THR D 260 44.34 -9.53 -4.33
N CYS D 261 43.86 -10.03 -3.20
CA CYS D 261 42.43 -10.21 -2.95
C CYS D 261 41.66 -8.88 -3.01
N MET D 262 40.51 -8.87 -3.68
CA MET D 262 39.56 -7.74 -3.78
C MET D 262 40.23 -6.37 -4.04
N ALA E 82 -11.36 -27.34 41.28
CA ALA E 82 -9.94 -27.49 40.92
C ALA E 82 -9.70 -27.28 39.42
N ALA E 83 -9.95 -28.27 38.55
CA ALA E 83 -9.43 -28.27 37.16
C ALA E 83 -9.86 -27.07 36.29
N GLY E 84 -11.06 -26.52 36.48
CA GLY E 84 -11.50 -25.33 35.75
C GLY E 84 -10.58 -24.10 35.99
N THR E 85 -10.14 -23.88 37.23
CA THR E 85 -9.21 -22.78 37.56
C THR E 85 -7.75 -23.12 37.23
N ILE E 86 -7.37 -24.39 37.14
CA ILE E 86 -6.05 -24.77 36.61
C ILE E 86 -5.94 -24.38 35.13
N ILE E 87 -6.93 -24.72 34.30
CA ILE E 87 -6.92 -24.33 32.89
C ILE E 87 -7.07 -22.80 32.74
N ALA E 88 -7.89 -22.12 33.56
CA ALA E 88 -8.00 -20.66 33.49
C ALA E 88 -6.72 -19.93 33.95
N GLY E 89 -6.02 -20.45 34.96
CA GLY E 89 -4.73 -19.93 35.42
C GLY E 89 -3.59 -20.24 34.45
N ALA E 90 -3.65 -21.37 33.74
CA ALA E 90 -2.76 -21.64 32.63
C ALA E 90 -3.00 -20.62 31.49
N GLU E 91 -4.24 -20.41 31.06
CA GLU E 91 -4.55 -19.44 29.99
C GLU E 91 -4.07 -18.02 30.33
N LEU E 92 -4.18 -17.60 31.60
CA LEU E 92 -3.60 -16.34 32.08
C LEU E 92 -2.07 -16.36 32.00
N THR E 93 -1.41 -17.41 32.51
CA THR E 93 0.05 -17.53 32.53
C THR E 93 0.65 -17.56 31.12
N ILE E 94 0.03 -18.27 30.18
CA ILE E 94 0.42 -18.27 28.77
C ILE E 94 0.25 -16.87 28.16
N GLY E 95 -0.80 -16.13 28.54
CA GLY E 95 -0.95 -14.73 28.14
C GLY E 95 0.18 -13.82 28.62
N LEU E 96 0.63 -13.99 29.87
CA LEU E 96 1.77 -13.24 30.42
C LEU E 96 3.10 -13.62 29.74
N LEU E 97 3.39 -14.90 29.56
CA LEU E 97 4.61 -15.34 28.86
C LEU E 97 4.61 -14.87 27.39
N GLN E 98 3.47 -14.85 26.70
CA GLN E 98 3.39 -14.26 25.36
C GLN E 98 3.72 -12.77 25.38
N ASN E 99 3.22 -11.98 26.35
CA ASN E 99 3.58 -10.56 26.47
C ASN E 99 5.07 -10.36 26.75
N LEU E 100 5.68 -11.16 27.63
CA LEU E 100 7.11 -11.05 27.93
C LEU E 100 7.97 -11.32 26.70
N LEU E 101 7.71 -12.40 25.98
CA LEU E 101 8.50 -12.74 24.80
C LEU E 101 8.20 -11.81 23.62
N ASP E 102 6.96 -11.31 23.47
CA ASP E 102 6.63 -10.30 22.45
C ASP E 102 7.32 -8.96 22.73
N VAL E 103 7.50 -8.56 23.98
CA VAL E 103 8.31 -7.39 24.37
C VAL E 103 9.79 -7.65 24.06
N LEU E 104 10.40 -8.70 24.59
CA LEU E 104 11.84 -8.97 24.38
C LEU E 104 12.20 -9.16 22.89
N ALA E 105 11.28 -9.66 22.05
CA ALA E 105 11.49 -9.76 20.62
C ALA E 105 11.36 -8.42 19.85
N ASN E 106 10.74 -7.39 20.45
CA ASN E 106 10.51 -6.08 19.84
C ASN E 106 11.23 -4.92 20.55
N VAL E 107 12.20 -5.22 21.41
CA VAL E 107 13.12 -4.24 22.00
C VAL E 107 14.40 -4.35 21.19
N ASN E 108 14.63 -3.38 20.31
CA ASN E 108 15.60 -3.48 19.23
C ASN E 108 16.88 -2.72 19.57
N ARG E 109 18.04 -3.30 19.25
CA ARG E 109 19.35 -2.67 19.39
C ARG E 109 20.13 -2.86 18.11
N LYS E 110 20.71 -1.79 17.60
CA LYS E 110 21.55 -1.79 16.42
C LYS E 110 22.56 -0.68 16.51
N CYS E 111 23.69 -0.83 15.86
CA CYS E 111 24.75 0.16 15.91
C CYS E 111 25.27 0.37 14.49
N ALA E 112 24.70 1.29 13.72
CA ALA E 112 25.19 1.54 12.37
C ALA E 112 26.58 2.18 12.41
N VAL E 113 27.62 1.38 12.24
CA VAL E 113 29.04 1.77 12.28
C VAL E 113 29.47 2.33 10.94
N GLY E 114 29.96 3.56 10.91
CA GLY E 114 30.66 4.16 9.78
C GLY E 114 32.09 4.50 10.19
N VAL E 115 33.09 3.89 9.54
CA VAL E 115 34.50 4.21 9.75
C VAL E 115 35.11 4.68 8.44
N ASP E 116 35.60 5.91 8.39
CA ASP E 116 36.09 6.57 7.18
C ASP E 116 37.62 6.61 7.17
N ASN E 117 38.24 6.05 6.14
CA ASN E 117 39.68 5.91 6.04
C ASN E 117 40.33 7.08 5.28
N GLU E 118 40.64 8.17 5.95
CA GLU E 118 41.48 9.24 5.42
C GLU E 118 42.95 9.09 5.84
N SER E 119 43.41 7.86 6.14
CA SER E 119 44.74 7.61 6.70
C SER E 119 45.89 7.87 5.73
N GLY E 120 45.65 7.90 4.41
CA GLY E 120 46.72 7.79 3.41
C GLY E 120 47.26 6.36 3.20
N PHE E 121 46.68 5.36 3.87
CA PHE E 121 47.13 3.96 3.93
C PHE E 121 45.98 2.99 3.65
N ARG E 122 46.23 1.92 2.88
CA ARG E 122 45.30 0.81 2.64
C ARG E 122 45.08 -0.01 3.91
N TRP E 123 43.84 -0.29 4.26
CA TRP E 123 43.46 -1.22 5.32
C TRP E 123 42.97 -2.52 4.70
N GLN E 124 43.34 -3.68 5.22
CA GLN E 124 42.98 -4.98 4.64
C GLN E 124 42.77 -6.08 5.68
N GLU E 125 42.24 -7.22 5.25
CA GLU E 125 42.00 -8.43 6.07
C GLU E 125 40.98 -8.20 7.19
N GLY E 126 39.83 -7.62 6.85
CA GLY E 126 38.81 -7.22 7.83
C GLY E 126 38.25 -8.37 8.67
N SER E 127 38.45 -8.34 9.98
CA SER E 127 38.03 -9.38 10.93
C SER E 127 37.11 -8.83 12.01
N THR E 128 36.26 -9.68 12.59
CA THR E 128 35.17 -9.24 13.46
C THR E 128 34.98 -10.16 14.65
N TYR E 129 34.61 -9.60 15.80
CA TYR E 129 34.20 -10.35 16.97
C TYR E 129 32.92 -9.74 17.54
N PHE E 130 32.01 -10.56 18.04
CA PHE E 130 30.84 -10.08 18.76
C PHE E 130 30.80 -10.68 20.16
N PHE E 131 30.84 -9.85 21.19
CA PHE E 131 30.49 -10.28 22.53
C PHE E 131 29.00 -10.57 22.63
N SER E 132 28.16 -9.78 21.95
CA SER E 132 26.75 -10.11 21.75
C SER E 132 26.20 -9.45 20.48
N GLY E 133 25.15 -10.00 19.89
CA GLY E 133 24.65 -9.56 18.58
C GLY E 133 25.40 -10.18 17.40
N THR E 134 25.03 -9.76 16.20
CA THR E 134 25.51 -10.27 14.90
C THR E 134 25.38 -9.19 13.82
N ALA E 135 25.79 -9.46 12.59
CA ALA E 135 25.43 -8.66 11.42
C ALA E 135 25.10 -9.56 10.23
N ASP E 136 24.38 -9.07 9.23
CA ASP E 136 23.96 -9.87 8.06
C ASP E 136 24.92 -9.77 6.88
N GLU E 137 25.51 -8.60 6.61
CA GLU E 137 26.56 -8.42 5.60
C GLU E 137 27.97 -8.71 6.15
N ASN E 138 28.96 -8.77 5.26
CA ASN E 138 30.37 -8.83 5.62
C ASN E 138 31.01 -7.44 5.66
N LEU E 139 32.12 -7.31 6.39
CA LEU E 139 33.07 -6.21 6.20
C LEU E 139 33.59 -6.23 4.75
N PRO E 140 33.92 -5.08 4.13
CA PRO E 140 34.80 -5.07 2.96
C PRO E 140 36.12 -5.76 3.27
N TYR E 141 36.70 -6.52 2.34
CA TYR E 141 38.02 -7.16 2.57
C TYR E 141 39.09 -6.11 2.85
N SER E 142 39.01 -4.99 2.16
CA SER E 142 39.88 -3.84 2.33
C SER E 142 39.09 -2.56 2.18
N VAL E 143 39.54 -1.50 2.87
CA VAL E 143 39.09 -0.14 2.58
C VAL E 143 40.31 0.68 2.18
N SER E 144 40.31 1.16 0.94
CA SER E 144 41.41 1.94 0.40
C SER E 144 41.38 3.39 0.92
N ASP E 145 42.43 4.17 0.67
CA ASP E 145 42.49 5.57 1.03
C ASP E 145 41.31 6.39 0.46
N GLY E 146 40.59 7.13 1.30
CA GLY E 146 39.47 7.97 0.92
C GLY E 146 38.09 7.28 0.85
N TYR E 147 38.00 5.98 1.16
CA TYR E 147 36.73 5.25 1.25
C TYR E 147 36.34 4.89 2.70
N ALA E 148 35.11 4.46 2.92
CA ALA E 148 34.59 4.14 4.25
C ALA E 148 34.08 2.69 4.36
N VAL E 149 34.27 2.09 5.53
CA VAL E 149 33.52 0.91 5.98
C VAL E 149 32.18 1.39 6.51
N LEU E 150 31.08 0.94 5.91
CA LEU E 150 29.76 1.01 6.51
C LEU E 150 29.35 -0.39 6.93
N TYR E 151 29.01 -0.58 8.21
CA TYR E 151 28.65 -1.88 8.78
C TYR E 151 27.45 -1.74 9.70
N GLY E 152 26.49 -2.66 9.63
CA GLY E 152 25.22 -2.60 10.36
C GLY E 152 24.97 -3.76 11.32
N PRO E 153 25.74 -3.88 12.41
CA PRO E 153 25.50 -4.88 13.45
C PRO E 153 24.22 -4.61 14.24
N ARG E 154 23.61 -5.68 14.77
CA ARG E 154 22.30 -5.71 15.44
C ARG E 154 22.24 -6.78 16.52
N LYS E 155 21.29 -6.73 17.45
CA LYS E 155 21.12 -7.79 18.46
C LYS E 155 20.71 -9.13 17.85
N THR E 156 20.91 -10.21 18.60
CA THR E 156 20.45 -11.55 18.25
C THR E 156 18.93 -11.56 18.09
N ASN E 157 18.40 -12.18 17.03
CA ASN E 157 16.97 -12.17 16.73
C ASN E 157 16.14 -12.95 17.76
N GLY E 158 14.84 -12.65 17.86
CA GLY E 158 13.93 -13.31 18.80
C GLY E 158 14.04 -12.81 20.24
N PRO E 159 13.33 -13.43 21.18
CA PRO E 159 13.16 -12.94 22.54
C PRO E 159 14.39 -13.24 23.42
N VAL E 160 15.45 -12.46 23.25
CA VAL E 160 16.70 -12.55 24.03
C VAL E 160 17.12 -11.16 24.50
N ALA E 161 17.50 -11.02 25.76
CA ALA E 161 17.74 -9.75 26.44
C ALA E 161 19.22 -9.34 26.43
N THR E 162 19.86 -9.39 25.27
CA THR E 162 21.25 -8.94 25.06
C THR E 162 21.32 -7.87 23.97
N GLY E 163 22.25 -6.93 24.13
CA GLY E 163 22.46 -5.82 23.19
C GLY E 163 23.38 -6.22 22.04
N VAL E 164 23.92 -5.25 21.32
CA VAL E 164 24.97 -5.49 20.31
C VAL E 164 26.30 -4.90 20.78
N VAL E 165 27.32 -5.74 20.90
CA VAL E 165 28.64 -5.40 21.45
C VAL E 165 29.69 -6.16 20.67
N GLY E 166 30.74 -5.50 20.18
CA GLY E 166 31.68 -6.17 19.29
C GLY E 166 32.92 -5.37 18.98
N VAL E 167 33.78 -5.96 18.16
CA VAL E 167 35.06 -5.42 17.70
C VAL E 167 35.21 -5.68 16.21
N LEU E 168 35.81 -4.74 15.50
CA LEU E 168 36.10 -4.76 14.07
C LEU E 168 37.58 -4.42 13.91
N ALA E 169 38.34 -5.14 13.09
CA ALA E 169 39.76 -4.87 12.95
C ALA E 169 40.28 -5.06 11.53
N TYR E 170 41.28 -4.28 11.16
CA TYR E 170 41.96 -4.31 9.86
C TYR E 170 43.46 -4.22 10.04
N TYR E 171 44.23 -4.99 9.28
CA TYR E 171 45.66 -4.79 9.20
C TYR E 171 45.97 -3.59 8.29
N ILE E 172 47.02 -2.83 8.61
CA ILE E 172 47.46 -1.65 7.86
C ILE E 172 48.92 -1.86 7.47
N PRO E 173 49.21 -2.59 6.37
CA PRO E 173 50.56 -3.08 6.09
C PRO E 173 51.59 -1.97 5.83
N SER E 174 51.16 -0.77 5.46
CA SER E 174 52.07 0.37 5.25
C SER E 174 52.73 0.89 6.53
N ILE E 175 52.21 0.52 7.71
CA ILE E 175 52.75 0.88 9.04
C ILE E 175 53.05 -0.33 9.92
N GLY E 176 52.61 -1.54 9.56
CA GLY E 176 52.88 -2.78 10.29
C GLY E 176 52.05 -2.93 11.58
N LYS E 177 50.84 -2.38 11.60
CA LYS E 177 49.93 -2.34 12.76
C LYS E 177 48.51 -2.69 12.36
N THR E 178 47.65 -3.08 13.30
CA THR E 178 46.24 -3.33 13.04
C THR E 178 45.34 -2.38 13.82
N LEU E 179 44.46 -1.69 13.12
CA LEU E 179 43.39 -0.90 13.72
C LEU E 179 42.33 -1.84 14.28
N ALA E 180 41.87 -1.59 15.49
CA ALA E 180 40.64 -2.19 16.01
C ALA E 180 39.68 -1.10 16.48
N VAL E 181 38.39 -1.27 16.22
CA VAL E 181 37.29 -0.40 16.60
C VAL E 181 36.31 -1.22 17.43
N MET E 182 35.79 -0.69 18.54
CA MET E 182 34.87 -1.38 19.45
C MET E 182 33.64 -0.53 19.67
N TRP E 183 32.48 -1.17 19.82
CA TRP E 183 31.25 -0.52 20.25
C TRP E 183 30.52 -1.39 21.26
N SER E 184 29.75 -0.76 22.13
CA SER E 184 28.77 -1.41 22.99
C SER E 184 27.47 -0.66 22.92
N VAL E 185 26.37 -1.35 22.65
CA VAL E 185 25.01 -0.81 22.61
C VAL E 185 24.11 -1.78 23.39
N PRO E 186 24.01 -1.61 24.72
CA PRO E 186 23.51 -2.64 25.63
C PRO E 186 22.00 -2.79 25.59
N PHE E 187 21.48 -3.87 26.17
CA PHE E 187 20.03 -4.02 26.34
C PHE E 187 19.51 -3.15 27.49
N ASP E 188 20.15 -3.22 28.66
CA ASP E 188 19.62 -2.68 29.91
C ASP E 188 20.29 -1.36 30.33
N TYR E 189 19.71 -0.25 29.88
CA TYR E 189 20.18 1.10 30.17
C TYR E 189 20.03 1.55 31.63
N ASN E 190 19.54 0.70 32.53
CA ASN E 190 19.65 0.96 33.97
C ASN E 190 21.05 0.64 34.51
N PHE E 191 21.73 -0.33 33.91
CA PHE E 191 23.06 -0.79 34.34
C PHE E 191 24.18 -0.23 33.46
N TYR E 192 23.92 -0.09 32.16
CA TYR E 192 24.93 0.22 31.13
C TYR E 192 24.57 1.47 30.33
N GLN E 193 25.47 1.89 29.44
CA GLN E 193 25.29 2.98 28.48
C GLN E 193 26.09 2.67 27.21
N ASN E 194 25.83 3.40 26.13
CA ASN E 194 26.59 3.25 24.90
C ASN E 194 28.05 3.69 25.09
N TRP E 195 29.01 2.86 24.66
CA TRP E 195 30.44 3.18 24.67
C TRP E 195 31.08 2.79 23.33
N TRP E 196 32.19 3.41 22.95
CA TRP E 196 33.03 2.99 21.82
C TRP E 196 34.50 3.27 22.10
N ASN E 197 35.40 2.72 21.31
CA ASN E 197 36.82 3.02 21.38
C ASN E 197 37.51 2.61 20.06
N ALA E 198 38.74 3.03 19.83
CA ALA E 198 39.58 2.50 18.76
C ALA E 198 41.07 2.59 19.15
N LYS E 199 41.90 1.66 18.67
CA LYS E 199 43.35 1.66 18.94
C LYS E 199 44.11 0.94 17.83
N LEU E 200 45.42 1.18 17.71
CA LEU E 200 46.30 0.39 16.87
C LEU E 200 47.08 -0.61 17.74
N TYR E 201 47.01 -1.89 17.38
CA TYR E 201 47.83 -2.96 17.96
C TYR E 201 49.01 -3.32 17.06
N SER E 202 50.05 -3.96 17.61
CA SER E 202 51.23 -4.36 16.84
C SER E 202 50.97 -5.60 15.97
N GLY E 203 51.51 -5.62 14.76
CA GLY E 203 51.39 -6.75 13.83
C GLY E 203 50.00 -6.93 13.25
N ASN E 204 49.74 -8.14 12.76
CA ASN E 204 48.47 -8.54 12.16
C ASN E 204 47.70 -9.43 13.14
N GLN E 205 46.49 -9.04 13.52
CA GLN E 205 45.66 -9.76 14.49
C GLN E 205 44.20 -9.80 14.03
N ASP E 206 43.53 -10.93 14.20
CA ASP E 206 42.07 -10.98 14.16
C ASP E 206 41.47 -10.33 15.40
N ALA E 207 40.31 -9.68 15.29
CA ALA E 207 39.53 -9.23 16.43
C ALA E 207 39.04 -10.43 17.26
N ASP E 208 39.17 -10.36 18.58
CA ASP E 208 38.71 -11.38 19.53
C ASP E 208 38.49 -10.80 20.93
N TYR E 209 38.13 -11.63 21.91
CA TYR E 209 37.76 -11.18 23.26
C TYR E 209 38.88 -10.40 23.96
N ASP E 210 40.15 -10.71 23.71
CA ASP E 210 41.26 -9.93 24.27
C ASP E 210 41.35 -8.50 23.69
N HIS E 211 40.81 -8.24 22.49
CA HIS E 211 40.62 -6.86 22.03
C HIS E 211 39.39 -6.23 22.65
N TYR E 212 38.29 -6.97 22.84
CA TYR E 212 37.10 -6.41 23.48
C TYR E 212 37.39 -5.90 24.89
N VAL E 213 38.00 -6.71 25.75
CA VAL E 213 38.32 -6.25 27.11
C VAL E 213 39.39 -5.15 27.14
N ASP E 214 40.38 -5.19 26.25
CA ASP E 214 41.38 -4.13 26.20
C ASP E 214 40.81 -2.80 25.68
N LEU E 215 39.88 -2.82 24.72
CA LEU E 215 39.23 -1.60 24.22
C LEU E 215 38.10 -1.10 25.13
N TYR E 216 37.42 -1.96 25.88
CA TYR E 216 36.29 -1.58 26.73
C TYR E 216 36.66 -1.25 28.19
N TYR E 217 37.67 -1.92 28.77
CA TYR E 217 38.09 -1.68 30.15
C TYR E 217 39.44 -0.97 30.25
N ASP E 218 40.48 -1.53 29.64
CA ASP E 218 41.87 -1.16 29.95
C ASP E 218 42.38 0.08 29.20
N ALA E 219 41.93 0.36 27.98
CA ALA E 219 42.09 1.64 27.30
C ALA E 219 40.81 2.48 27.45
N ASN E 220 40.90 3.73 27.89
CA ASN E 220 39.73 4.53 28.28
C ASN E 220 38.72 4.70 27.12
N PRO E 221 37.51 4.13 27.18
CA PRO E 221 36.53 4.24 26.12
C PRO E 221 35.86 5.62 26.12
N PHE E 222 35.10 5.91 25.07
CA PHE E 222 34.34 7.13 24.87
C PHE E 222 32.84 6.89 25.03
N LYS E 223 32.16 7.78 25.76
CA LYS E 223 30.69 7.79 25.92
C LYS E 223 30.00 8.21 24.62
N ALA E 224 28.67 8.03 24.58
CA ALA E 224 27.81 8.60 23.54
C ALA E 224 27.35 10.04 23.86
N ASN E 225 28.29 10.98 23.99
CA ASN E 225 28.02 12.38 24.35
C ASN E 225 28.58 13.41 23.34
N GLY E 226 28.75 13.01 22.08
CA GLY E 226 29.25 13.87 21.00
C GLY E 226 30.67 13.55 20.54
N TRP E 227 31.31 14.49 19.86
CA TRP E 227 32.59 14.26 19.18
C TRP E 227 33.80 14.26 20.10
N HIS E 228 34.64 13.24 19.94
CA HIS E 228 35.92 13.06 20.62
C HIS E 228 37.05 12.85 19.61
N GLU E 229 38.28 13.20 19.97
CA GLU E 229 39.47 13.15 19.11
C GLU E 229 40.67 12.59 19.87
N ARG E 230 41.49 11.75 19.24
CA ARG E 230 42.49 10.91 19.91
C ARG E 230 43.60 10.49 18.95
N SER E 231 44.85 10.64 19.34
CA SER E 231 46.00 10.15 18.56
C SER E 231 46.15 8.62 18.67
N LEU E 232 46.60 7.98 17.58
CA LEU E 232 46.80 6.53 17.50
C LEU E 232 48.29 6.12 17.55
N GLY E 233 49.21 7.06 17.47
CA GLY E 233 50.63 6.78 17.20
C GLY E 233 50.88 6.43 15.73
N SER E 234 52.13 6.22 15.34
CA SER E 234 52.54 5.97 13.95
C SER E 234 52.08 7.04 12.94
N GLY E 235 51.79 8.24 13.41
CA GLY E 235 51.36 9.38 12.58
C GLY E 235 49.88 9.44 12.26
N LEU E 236 49.04 8.58 12.84
CA LEU E 236 47.58 8.62 12.70
C LEU E 236 46.88 9.20 13.94
N LYS E 237 45.64 9.65 13.74
CA LYS E 237 44.66 9.96 14.79
C LYS E 237 43.27 9.57 14.34
N PHE E 238 42.28 9.65 15.20
CA PHE E 238 40.88 9.64 14.81
C PHE E 238 40.11 10.76 15.50
N CYS E 239 38.99 11.13 14.90
CA CYS E 239 37.91 11.80 15.59
C CYS E 239 36.63 11.00 15.34
N GLY E 240 35.70 10.97 16.28
CA GLY E 240 34.46 10.22 16.11
C GLY E 240 33.43 10.52 17.18
N SER E 241 32.23 9.99 17.01
CA SER E 241 31.13 10.11 17.96
C SER E 241 30.19 8.90 17.87
N MET E 242 29.42 8.63 18.91
CA MET E 242 28.30 7.69 18.86
C MET E 242 27.04 8.36 19.42
N SER E 243 25.88 8.10 18.83
CA SER E 243 24.60 8.54 19.39
C SER E 243 24.13 7.61 20.51
N SER E 244 23.36 8.14 21.48
CA SER E 244 22.94 7.43 22.69
C SER E 244 21.68 6.58 22.52
N SER E 245 21.11 6.49 21.32
CA SER E 245 19.75 6.00 21.08
C SER E 245 19.47 4.55 21.50
N GLY E 246 20.37 3.62 21.20
CA GLY E 246 20.08 2.18 21.22
C GLY E 246 19.76 1.63 19.83
N GLN E 247 19.11 2.42 18.99
CA GLN E 247 19.25 2.32 17.54
C GLN E 247 20.36 3.29 17.09
N ALA E 248 21.58 3.03 17.57
CA ALA E 248 22.69 3.97 17.52
C ALA E 248 23.27 4.14 16.12
N THR E 249 23.98 5.24 15.90
CA THR E 249 25.02 5.38 14.87
C THR E 249 26.37 5.57 15.54
N LEU E 250 27.42 4.89 15.08
CA LEU E 250 28.81 5.15 15.44
C LEU E 250 29.48 5.73 14.21
N GLU E 251 30.25 6.79 14.35
CA GLU E 251 30.86 7.49 13.22
C GLU E 251 32.28 7.92 13.57
N ILE E 252 33.26 7.42 12.83
CA ILE E 252 34.69 7.67 13.08
C ILE E 252 35.35 8.09 11.78
N HIS E 253 36.20 9.12 11.82
CA HIS E 253 37.11 9.46 10.74
C HIS E 253 38.53 9.21 11.22
N VAL E 254 39.30 8.36 10.53
CA VAL E 254 40.69 8.05 10.87
C VAL E 254 41.57 8.80 9.89
N LEU E 255 42.53 9.57 10.39
CA LEU E 255 43.18 10.68 9.69
C LEU E 255 44.69 10.68 9.94
N LYS E 256 45.48 11.31 9.06
CA LYS E 256 46.84 11.73 9.40
C LYS E 256 46.79 12.70 10.58
N GLU E 257 47.75 12.63 11.50
CA GLU E 257 47.69 13.40 12.75
C GLU E 257 47.66 14.93 12.56
N SER E 258 48.28 15.43 11.49
CA SER E 258 48.29 16.85 11.12
C SER E 258 46.96 17.37 10.53
N GLU E 259 46.05 16.49 10.11
CA GLU E 259 44.85 16.85 9.36
C GLU E 259 43.74 17.46 10.25
N THR E 260 42.96 18.41 9.75
CA THR E 260 41.77 18.91 10.46
C THR E 260 40.61 17.91 10.31
N CYS E 261 39.97 17.52 11.41
CA CYS E 261 38.84 16.58 11.38
C CYS E 261 37.65 17.14 10.57
N MET E 262 37.04 16.31 9.72
CA MET E 262 35.83 16.59 8.93
C MET E 262 35.83 17.98 8.26
N ALA F 82 -13.97 -18.01 45.40
CA ALA F 82 -12.65 -17.37 45.46
C ALA F 82 -11.91 -17.43 44.12
N ALA F 83 -11.26 -18.54 43.75
CA ALA F 83 -10.27 -18.57 42.65
C ALA F 83 -10.77 -18.10 41.28
N GLY F 84 -12.04 -18.35 40.93
CA GLY F 84 -12.62 -17.86 39.68
C GLY F 84 -12.58 -16.32 39.54
N THR F 85 -12.87 -15.58 40.63
CA THR F 85 -12.81 -14.11 40.63
C THR F 85 -11.38 -13.58 40.83
N ILE F 86 -10.46 -14.37 41.39
CA ILE F 86 -9.03 -14.00 41.39
C ILE F 86 -8.49 -13.98 39.95
N ILE F 87 -8.73 -15.04 39.16
CA ILE F 87 -8.30 -15.06 37.76
C ILE F 87 -9.06 -14.00 36.93
N ALA F 88 -10.36 -13.77 37.16
CA ALA F 88 -11.09 -12.72 36.43
C ALA F 88 -10.64 -11.30 36.80
N GLY F 89 -10.29 -11.04 38.06
CA GLY F 89 -9.73 -9.77 38.53
C GLY F 89 -8.29 -9.55 38.07
N ALA F 90 -7.51 -10.63 37.93
CA ALA F 90 -6.21 -10.58 37.28
C ALA F 90 -6.38 -10.21 35.79
N GLU F 91 -7.25 -10.89 35.04
CA GLU F 91 -7.46 -10.58 33.62
C GLU F 91 -7.91 -9.11 33.40
N LEU F 92 -8.73 -8.55 34.30
CA LEU F 92 -9.08 -7.12 34.29
C LEU F 92 -7.84 -6.25 34.58
N THR F 93 -7.07 -6.55 35.63
CA THR F 93 -5.89 -5.77 36.02
C THR F 93 -4.81 -5.78 34.94
N ILE F 94 -4.56 -6.91 34.29
CA ILE F 94 -3.64 -7.00 33.16
C ILE F 94 -4.16 -6.19 31.97
N GLY F 95 -5.48 -6.14 31.74
CA GLY F 95 -6.08 -5.25 30.74
C GLY F 95 -5.83 -3.76 31.02
N LEU F 96 -5.94 -3.33 32.28
CA LEU F 96 -5.64 -1.95 32.68
C LEU F 96 -4.15 -1.61 32.55
N LEU F 97 -3.24 -2.47 33.02
CA LEU F 97 -1.80 -2.25 32.88
C LEU F 97 -1.38 -2.24 31.40
N GLN F 98 -1.98 -3.07 30.53
CA GLN F 98 -1.73 -2.97 29.09
C GLN F 98 -2.18 -1.62 28.53
N ASN F 99 -3.35 -1.09 28.91
CA ASN F 99 -3.78 0.25 28.47
C ASN F 99 -2.83 1.35 28.97
N LEU F 100 -2.37 1.31 30.22
CA LEU F 100 -1.45 2.31 30.75
C LEU F 100 -0.13 2.33 29.98
N LEU F 101 0.49 1.17 29.78
CA LEU F 101 1.77 1.09 29.08
C LEU F 101 1.61 1.35 27.57
N ASP F 102 0.49 0.97 26.95
CA ASP F 102 0.20 1.31 25.54
C ASP F 102 -0.01 2.82 25.34
N VAL F 103 -0.60 3.53 26.30
CA VAL F 103 -0.67 5.00 26.31
C VAL F 103 0.72 5.60 26.48
N LEU F 104 1.46 5.29 27.54
CA LEU F 104 2.78 5.88 27.80
C LEU F 104 3.79 5.59 26.67
N ALA F 105 3.68 4.47 25.95
CA ALA F 105 4.50 4.17 24.79
C ALA F 105 4.11 4.94 23.51
N ASN F 106 2.91 5.51 23.44
CA ASN F 106 2.38 6.24 22.28
C ASN F 106 2.09 7.73 22.56
N VAL F 107 2.61 8.28 23.66
CA VAL F 107 2.62 9.72 23.93
C VAL F 107 4.01 10.19 23.57
N ASN F 108 4.12 10.87 22.42
CA ASN F 108 5.38 11.11 21.75
C ASN F 108 5.87 12.54 22.00
N ARG F 109 7.18 12.69 22.23
CA ARG F 109 7.84 14.00 22.36
C ARG F 109 9.09 14.01 21.51
N LYS F 110 9.25 15.05 20.72
CA LYS F 110 10.42 15.27 19.88
C LYS F 110 10.64 16.75 19.71
N CYS F 111 11.87 17.15 19.45
CA CYS F 111 12.21 18.56 19.30
C CYS F 111 13.13 18.68 18.09
N ALA F 112 12.60 18.88 16.89
CA ALA F 112 13.44 19.04 15.71
C ALA F 112 14.19 20.37 15.77
N VAL F 113 15.45 20.32 16.21
CA VAL F 113 16.35 21.48 16.39
C VAL F 113 17.00 21.84 15.06
N GLY F 114 16.83 23.08 14.62
CA GLY F 114 17.59 23.69 13.53
C GLY F 114 18.35 24.90 14.05
N VAL F 115 19.68 24.86 13.98
CA VAL F 115 20.55 25.99 14.34
C VAL F 115 21.36 26.40 13.12
N ASP F 116 21.20 27.64 12.65
CA ASP F 116 21.78 28.15 11.42
C ASP F 116 22.96 29.08 11.72
N ASN F 117 24.15 28.77 11.21
CA ASN F 117 25.37 29.50 11.52
C ASN F 117 25.66 30.59 10.48
N GLU F 118 25.10 31.78 10.66
CA GLU F 118 25.48 32.99 9.91
C GLU F 118 26.52 33.83 10.67
N SER F 119 27.30 33.23 11.58
CA SER F 119 28.21 33.96 12.47
C SER F 119 29.41 34.61 11.77
N GLY F 120 29.77 34.18 10.56
CA GLY F 120 31.09 34.48 9.97
C GLY F 120 32.25 33.66 10.54
N PHE F 121 31.98 32.71 11.44
CA PHE F 121 32.95 31.90 12.19
C PHE F 121 32.62 30.40 12.12
N ARG F 122 33.65 29.56 11.99
CA ARG F 122 33.55 28.09 12.05
C ARG F 122 33.22 27.63 13.47
N TRP F 123 32.23 26.76 13.61
CA TRP F 123 31.91 26.07 14.87
C TRP F 123 32.39 24.64 14.78
N GLN F 124 32.99 24.09 15.83
CA GLN F 124 33.56 22.73 15.81
C GLN F 124 33.46 22.01 17.16
N GLU F 125 33.77 20.72 17.17
CA GLU F 125 33.79 19.84 18.35
C GLU F 125 32.41 19.67 19.00
N GLY F 126 31.40 19.35 18.19
CA GLY F 126 30.00 19.30 18.65
C GLY F 126 29.73 18.28 19.75
N SER F 127 29.30 18.73 20.93
CA SER F 127 29.06 17.90 22.12
C SER F 127 27.62 18.03 22.61
N THR F 128 27.12 17.01 23.30
CA THR F 128 25.68 16.92 23.62
C THR F 128 25.44 16.38 25.02
N TYR F 129 24.40 16.86 25.69
CA TYR F 129 23.92 16.31 26.95
C TYR F 129 22.42 16.16 26.89
N PHE F 130 21.87 15.10 27.48
CA PHE F 130 20.43 14.95 27.64
C PHE F 130 20.08 14.80 29.12
N PHE F 131 19.27 15.71 29.65
CA PHE F 131 18.63 15.49 30.93
C PHE F 131 17.56 14.40 30.81
N SER F 132 16.85 14.35 29.69
CA SER F 132 15.99 13.21 29.33
C SER F 132 15.82 13.10 27.82
N GLY F 133 15.50 11.91 27.32
CA GLY F 133 15.48 11.65 25.88
C GLY F 133 16.85 11.33 25.28
N THR F 134 16.89 11.15 23.97
CA THR F 134 18.06 10.74 23.17
C THR F 134 17.93 11.23 21.72
N ALA F 135 18.91 10.97 20.86
CA ALA F 135 18.76 11.11 19.42
C ALA F 135 19.44 9.93 18.71
N ASP F 136 19.08 9.65 17.45
CA ASP F 136 19.63 8.52 16.70
C ASP F 136 20.83 8.87 15.83
N GLU F 137 20.87 10.05 15.23
CA GLU F 137 22.04 10.59 14.50
C GLU F 137 23.03 11.32 15.42
N ASN F 138 24.21 11.65 14.89
CA ASN F 138 25.17 12.52 15.54
C ASN F 138 25.01 13.98 15.11
N LEU F 139 25.49 14.91 15.93
CA LEU F 139 25.79 16.28 15.50
C LEU F 139 26.83 16.23 14.37
N PRO F 140 26.82 17.15 13.39
CA PRO F 140 27.99 17.42 12.57
C PRO F 140 29.21 17.74 13.43
N TYR F 141 30.41 17.28 13.09
CA TYR F 141 31.63 17.63 13.87
C TYR F 141 31.86 19.13 13.89
N SER F 142 31.57 19.79 12.78
CA SER F 142 31.64 21.24 12.62
C SER F 142 30.50 21.73 11.75
N VAL F 143 30.07 22.95 11.98
CA VAL F 143 29.21 23.67 11.03
C VAL F 143 29.95 24.92 10.60
N SER F 144 30.25 25.00 9.30
CA SER F 144 30.98 26.14 8.74
C SER F 144 30.07 27.35 8.55
N ASP F 145 30.63 28.51 8.22
CA ASP F 145 29.86 29.72 7.93
C ASP F 145 28.82 29.50 6.81
N GLY F 146 27.57 29.85 7.06
CA GLY F 146 26.47 29.74 6.10
C GLY F 146 25.75 28.38 6.05
N TYR F 147 26.15 27.39 6.87
CA TYR F 147 25.46 26.10 6.98
C TYR F 147 24.69 25.95 8.31
N ALA F 148 23.84 24.93 8.42
CA ALA F 148 23.02 24.69 9.60
C ALA F 148 23.25 23.30 10.21
N VAL F 149 23.17 23.23 11.54
CA VAL F 149 22.95 21.99 12.29
C VAL F 149 21.45 21.68 12.24
N LEU F 150 21.07 20.55 11.67
CA LEU F 150 19.75 19.95 11.86
C LEU F 150 19.91 18.73 12.76
N TYR F 151 19.18 18.68 13.87
CA TYR F 151 19.26 17.61 14.86
C TYR F 151 17.85 17.22 15.33
N GLY F 152 17.58 15.93 15.46
CA GLY F 152 16.24 15.39 15.78
C GLY F 152 16.17 14.58 17.08
N PRO F 153 16.36 15.19 18.25
CA PRO F 153 16.19 14.53 19.53
C PRO F 153 14.72 14.17 19.81
N ARG F 154 14.52 13.12 20.61
CA ARG F 154 13.23 12.48 20.92
C ARG F 154 13.22 11.87 22.32
N LYS F 155 12.05 11.56 22.89
CA LYS F 155 11.98 10.89 24.20
C LYS F 155 12.55 9.47 24.16
N THR F 156 12.88 8.93 25.34
CA THR F 156 13.29 7.54 25.52
C THR F 156 12.18 6.59 25.04
N ASN F 157 12.52 5.56 24.28
CA ASN F 157 11.54 4.65 23.69
C ASN F 157 10.81 3.79 24.74
N GLY F 158 9.62 3.29 24.42
CA GLY F 158 8.82 2.46 25.31
C GLY F 158 8.06 3.26 26.38
N PRO F 159 7.38 2.57 27.31
CA PRO F 159 6.45 3.16 28.24
C PRO F 159 7.14 3.88 29.41
N VAL F 160 7.69 5.06 29.15
CA VAL F 160 8.35 5.92 30.15
C VAL F 160 7.83 7.35 30.04
N ALA F 161 7.52 7.98 31.17
CA ALA F 161 6.82 9.26 31.24
C ALA F 161 7.79 10.45 31.40
N THR F 162 8.80 10.52 30.55
CA THR F 162 9.77 11.63 30.48
C THR F 162 9.79 12.25 29.08
N GLY F 163 10.01 13.56 29.00
CA GLY F 163 10.07 14.32 27.76
C GLY F 163 11.45 14.28 27.13
N VAL F 164 11.73 15.18 26.19
CA VAL F 164 13.09 15.38 25.66
C VAL F 164 13.65 16.73 26.11
N VAL F 165 14.77 16.72 26.81
CA VAL F 165 15.40 17.89 27.42
C VAL F 165 16.90 17.75 27.32
N GLY F 166 17.62 18.76 26.84
CA GLY F 166 19.04 18.58 26.57
C GLY F 166 19.77 19.86 26.22
N VAL F 167 21.06 19.72 25.95
CA VAL F 167 21.99 20.79 25.61
C VAL F 167 22.88 20.32 24.45
N LEU F 168 23.22 21.23 23.56
CA LEU F 168 24.07 21.06 22.39
C LEU F 168 25.13 22.16 22.43
N ALA F 169 26.40 21.86 22.20
CA ALA F 169 27.44 22.88 22.28
C ALA F 169 28.55 22.70 21.24
N TYR F 170 29.11 23.81 20.80
CA TYR F 170 30.21 23.87 19.84
C TYR F 170 31.26 24.87 20.29
N TYR F 171 32.53 24.56 20.13
CA TYR F 171 33.59 25.54 20.29
C TYR F 171 33.66 26.45 19.05
N ILE F 172 33.98 27.72 19.23
CA ILE F 172 34.10 28.71 18.15
C ILE F 172 35.50 29.33 18.24
N PRO F 173 36.53 28.68 17.66
CA PRO F 173 37.93 29.03 17.93
C PRO F 173 38.33 30.43 17.45
N SER F 174 37.60 31.03 16.51
CA SER F 174 37.87 32.38 16.02
C SER F 174 37.58 33.48 17.05
N ILE F 175 36.85 33.17 18.13
CA ILE F 175 36.52 34.08 19.25
C ILE F 175 36.93 33.53 20.62
N GLY F 176 37.31 32.24 20.73
CA GLY F 176 37.77 31.64 21.98
C GLY F 176 36.64 31.32 22.98
N LYS F 177 35.44 31.04 22.49
CA LYS F 177 34.22 30.81 23.28
C LYS F 177 33.46 29.59 22.76
N THR F 178 32.57 29.01 23.56
CA THR F 178 31.69 27.92 23.13
C THR F 178 30.23 28.30 23.19
N LEU F 179 29.52 28.15 22.08
CA LEU F 179 28.08 28.26 22.01
C LEU F 179 27.45 27.05 22.68
N ALA F 180 26.45 27.25 23.52
CA ALA F 180 25.55 26.19 23.96
C ALA F 180 24.10 26.57 23.68
N VAL F 181 23.30 25.61 23.24
CA VAL F 181 21.87 25.71 22.94
C VAL F 181 21.14 24.70 23.80
N MET F 182 20.02 25.06 24.42
CA MET F 182 19.24 24.20 25.31
C MET F 182 17.78 24.18 24.86
N TRP F 183 17.12 23.04 25.01
CA TRP F 183 15.68 22.91 24.82
C TRP F 183 15.08 22.05 25.93
N SER F 184 13.81 22.28 26.23
CA SER F 184 13.00 21.40 27.05
C SER F 184 11.67 21.19 26.36
N VAL F 185 11.25 19.94 26.19
CA VAL F 185 9.97 19.54 25.61
C VAL F 185 9.38 18.45 26.52
N PRO F 186 8.66 18.84 27.58
CA PRO F 186 8.35 17.97 28.72
C PRO F 186 7.27 16.93 28.40
N PHE F 187 7.11 15.94 29.27
CA PHE F 187 5.98 15.01 29.16
C PHE F 187 4.68 15.64 29.66
N ASP F 188 4.70 16.24 30.85
CA ASP F 188 3.51 16.64 31.59
C ASP F 188 3.23 18.14 31.52
N TYR F 189 2.45 18.56 30.51
CA TYR F 189 2.07 19.95 30.28
C TYR F 189 1.12 20.54 31.32
N ASN F 190 0.74 19.82 32.37
CA ASN F 190 0.08 20.42 33.52
C ASN F 190 1.08 21.14 34.45
N PHE F 191 2.32 20.65 34.51
CA PHE F 191 3.38 21.18 35.37
C PHE F 191 4.37 22.07 34.62
N TYR F 192 4.66 21.71 33.36
CA TYR F 192 5.74 22.30 32.56
C TYR F 192 5.24 22.86 31.23
N GLN F 193 6.12 23.52 30.47
CA GLN F 193 5.90 24.02 29.12
C GLN F 193 7.20 23.96 28.33
N ASN F 194 7.13 24.11 27.01
CA ASN F 194 8.33 24.15 26.18
C ASN F 194 9.17 25.39 26.47
N TRP F 195 10.47 25.23 26.68
CA TRP F 195 11.43 26.32 26.86
C TRP F 195 12.68 26.08 26.01
N TRP F 196 13.42 27.13 25.66
CA TRP F 196 14.75 27.04 25.06
C TRP F 196 15.64 28.20 25.49
N ASN F 197 16.94 28.11 25.25
CA ASN F 197 17.87 29.20 25.50
C ASN F 197 19.16 28.98 24.68
N ALA F 198 20.01 29.98 24.56
CA ALA F 198 21.37 29.83 24.06
C ALA F 198 22.31 30.86 24.69
N LYS F 199 23.60 30.53 24.87
CA LYS F 199 24.61 31.45 25.43
C LYS F 199 26.01 31.08 24.94
N LEU F 200 26.95 32.01 25.02
CA LEU F 200 28.38 31.73 24.84
C LEU F 200 29.06 31.62 26.20
N TYR F 201 29.76 30.52 26.45
CA TYR F 201 30.63 30.31 27.60
C TYR F 201 32.10 30.52 27.24
N SER F 202 32.96 30.78 28.23
CA SER F 202 34.40 30.99 28.01
C SER F 202 35.14 29.67 27.74
N GLY F 203 36.10 29.69 26.80
CA GLY F 203 36.92 28.54 26.47
C GLY F 203 36.19 27.43 25.74
N ASN F 204 36.76 26.22 25.77
CA ASN F 204 36.22 25.02 25.15
C ASN F 204 35.61 24.13 26.23
N GLN F 205 34.33 23.78 26.11
CA GLN F 205 33.60 22.97 27.09
C GLN F 205 32.68 21.97 26.37
N ASP F 206 32.62 20.73 26.87
CA ASP F 206 31.53 19.82 26.53
C ASP F 206 30.22 20.27 27.19
N ALA F 207 29.08 20.05 26.55
CA ALA F 207 27.77 20.21 27.18
C ALA F 207 27.58 19.19 28.31
N ASP F 208 27.09 19.63 29.46
CA ASP F 208 26.80 18.79 30.64
C ASP F 208 25.74 19.45 31.54
N TYR F 209 25.44 18.83 32.69
CA TYR F 209 24.35 19.27 33.57
C TYR F 209 24.55 20.70 34.09
N ASP F 210 25.79 21.16 34.30
CA ASP F 210 26.05 22.54 34.69
C ASP F 210 25.71 23.55 33.57
N HIS F 211 25.69 23.16 32.30
CA HIS F 211 25.10 24.00 31.25
C HIS F 211 23.59 23.91 31.24
N TYR F 212 22.99 22.73 31.48
CA TYR F 212 21.54 22.61 31.52
C TYR F 212 20.92 23.50 32.59
N VAL F 213 21.40 23.45 33.85
CA VAL F 213 20.85 24.31 34.89
C VAL F 213 21.15 25.79 34.67
N ASP F 214 22.30 26.15 34.13
CA ASP F 214 22.62 27.55 33.85
C ASP F 214 21.79 28.11 32.68
N LEU F 215 21.48 27.32 31.65
CA LEU F 215 20.64 27.75 30.53
C LEU F 215 19.14 27.68 30.86
N TYR F 216 18.69 26.79 31.73
CA TYR F 216 17.27 26.62 32.05
C TYR F 216 16.78 27.43 33.26
N TYR F 217 17.61 27.65 34.28
CA TYR F 217 17.23 28.41 35.48
C TYR F 217 17.91 29.78 35.55
N ASP F 218 19.24 29.82 35.49
CA ASP F 218 20.01 31.01 35.92
C ASP F 218 20.16 32.09 34.84
N ALA F 219 20.20 31.73 33.54
CA ALA F 219 20.03 32.67 32.43
C ALA F 219 18.59 32.58 31.91
N ASN F 220 17.88 33.71 31.75
CA ASN F 220 16.44 33.72 31.49
C ASN F 220 16.08 32.98 30.18
N PRO F 221 15.38 31.84 30.22
CA PRO F 221 15.03 31.09 29.01
C PRO F 221 13.87 31.75 28.27
N PHE F 222 13.61 31.28 27.06
CA PHE F 222 12.53 31.72 26.18
C PHE F 222 11.41 30.69 26.09
N LYS F 223 10.17 31.13 26.18
CA LYS F 223 8.96 30.31 25.99
C LYS F 223 8.78 29.92 24.51
N ALA F 224 7.85 29.00 24.26
CA ALA F 224 7.38 28.67 22.92
C ALA F 224 6.22 29.58 22.46
N ASN F 225 6.45 30.90 22.37
CA ASN F 225 5.44 31.89 22.00
C ASN F 225 5.84 32.78 20.80
N GLY F 226 6.69 32.28 19.91
CA GLY F 226 7.15 32.98 18.71
C GLY F 226 8.59 33.47 18.77
N TRP F 227 8.95 34.41 17.91
CA TRP F 227 10.33 34.82 17.70
C TRP F 227 10.88 35.76 18.77
N HIS F 228 12.07 35.44 19.26
CA HIS F 228 12.86 36.21 20.22
C HIS F 228 14.26 36.49 19.70
N GLU F 229 14.89 37.57 20.13
CA GLU F 229 16.20 38.03 19.66
C GLU F 229 17.07 38.50 20.84
N ARG F 230 18.37 38.18 20.84
CA ARG F 230 19.24 38.29 22.01
C ARG F 230 20.71 38.39 21.61
N SER F 231 21.43 39.35 22.17
CA SER F 231 22.89 39.46 21.96
C SER F 231 23.66 38.40 22.76
N LEU F 232 24.77 37.92 22.19
CA LEU F 232 25.65 36.90 22.81
C LEU F 232 26.96 37.47 23.36
N GLY F 233 27.28 38.74 23.09
CA GLY F 233 28.62 39.30 23.29
C GLY F 233 29.60 38.82 22.22
N SER F 234 30.85 39.30 22.25
CA SER F 234 31.89 39.03 21.25
C SER F 234 31.47 39.34 19.79
N GLY F 235 30.47 40.21 19.60
CA GLY F 235 29.98 40.64 18.29
C GLY F 235 28.94 39.72 17.65
N LEU F 236 28.44 38.71 18.34
CA LEU F 236 27.34 37.84 17.88
C LEU F 236 26.01 38.16 18.55
N LYS F 237 24.92 37.73 17.91
CA LYS F 237 23.56 37.63 18.47
C LYS F 237 22.86 36.39 17.92
N PHE F 238 21.69 36.09 18.43
CA PHE F 238 20.78 35.15 17.78
C PHE F 238 19.37 35.72 17.71
N CYS F 239 18.59 35.21 16.78
CA CYS F 239 17.15 35.24 16.84
C CYS F 239 16.63 33.81 16.70
N GLY F 240 15.52 33.46 17.32
CA GLY F 240 14.99 32.10 17.22
C GLY F 240 13.58 31.98 17.79
N SER F 241 12.98 30.82 17.60
CA SER F 241 11.65 30.47 18.14
C SER F 241 11.54 28.98 18.38
N MET F 242 10.60 28.55 19.23
CA MET F 242 10.20 27.16 19.35
C MET F 242 8.68 27.05 19.27
N SER F 243 8.15 26.03 18.60
CA SER F 243 6.71 25.74 18.62
C SER F 243 6.28 25.01 19.88
N SER F 244 5.04 25.19 20.33
CA SER F 244 4.52 24.68 21.60
C SER F 244 4.01 23.24 21.54
N SER F 245 4.13 22.55 20.42
CA SER F 245 3.41 21.31 20.13
C SER F 245 3.68 20.13 21.05
N GLY F 246 4.93 19.87 21.40
CA GLY F 246 5.37 18.60 21.99
C GLY F 246 5.97 17.66 20.95
N GLN F 247 5.46 17.68 19.72
CA GLN F 247 6.25 17.34 18.53
C GLN F 247 6.86 18.64 17.97
N ALA F 248 7.70 19.28 18.77
CA ALA F 248 8.16 20.65 18.57
C ALA F 248 9.14 20.79 17.40
N THR F 249 9.27 22.01 16.89
CA THR F 249 10.45 22.48 16.15
C THR F 249 11.11 23.59 16.96
N LEU F 250 12.44 23.58 17.09
CA LEU F 250 13.25 24.69 17.60
C LEU F 250 14.04 25.25 16.43
N GLU F 251 14.07 26.55 16.26
CA GLU F 251 14.71 27.18 15.10
C GLU F 251 15.45 28.44 15.53
N ILE F 252 16.77 28.47 15.33
CA ILE F 252 17.65 29.55 15.76
C ILE F 252 18.54 29.96 14.59
N HIS F 253 18.69 31.26 14.36
CA HIS F 253 19.71 31.82 13.48
C HIS F 253 20.72 32.57 14.32
N VAL F 254 22.00 32.21 14.26
CA VAL F 254 23.07 32.89 15.01
C VAL F 254 23.83 33.75 14.02
N LEU F 255 24.00 35.03 14.34
CA LEU F 255 24.30 36.10 13.38
C LEU F 255 25.35 37.05 13.94
N LYS F 256 26.05 37.79 13.06
CA LYS F 256 26.76 39.01 13.48
C LYS F 256 25.77 40.01 14.07
N GLU F 257 26.14 40.74 15.11
CA GLU F 257 25.20 41.59 15.85
C GLU F 257 24.55 42.70 15.01
N SER F 258 25.26 43.21 14.00
CA SER F 258 24.77 44.21 13.05
C SER F 258 23.76 43.70 12.02
N GLU F 259 23.64 42.38 11.83
CA GLU F 259 22.86 41.77 10.75
C GLU F 259 21.35 41.79 11.02
N THR F 260 20.51 41.95 9.99
CA THR F 260 19.06 41.78 10.12
C THR F 260 18.68 40.29 10.16
N CYS F 261 17.90 39.87 11.16
CA CYS F 261 17.47 38.48 11.29
C CYS F 261 16.64 38.01 10.08
N MET F 262 16.93 36.81 9.57
CA MET F 262 16.20 36.12 8.49
C MET F 262 15.84 37.04 7.29
N ALA G 82 -22.08 -11.41 44.30
CA ALA G 82 -21.38 -10.11 44.38
C ALA G 82 -20.21 -10.03 43.40
N ALA G 83 -19.04 -10.60 43.69
CA ALA G 83 -17.78 -10.29 42.98
C ALA G 83 -17.80 -10.56 41.46
N GLY G 84 -18.51 -11.58 40.99
CA GLY G 84 -18.64 -11.83 39.55
C GLY G 84 -19.27 -10.66 38.77
N THR G 85 -20.30 -10.02 39.33
CA THR G 85 -20.93 -8.85 38.70
C THR G 85 -20.16 -7.55 38.95
N ILE G 86 -19.33 -7.46 39.99
CA ILE G 86 -18.39 -6.33 40.15
C ILE G 86 -17.36 -6.34 39.02
N ILE G 87 -16.72 -7.48 38.73
CA ILE G 87 -15.77 -7.58 37.61
C ILE G 87 -16.49 -7.41 36.26
N ALA G 88 -17.69 -7.95 36.08
CA ALA G 88 -18.44 -7.74 34.82
C ALA G 88 -18.91 -6.29 34.61
N GLY G 89 -19.31 -5.59 35.68
CA GLY G 89 -19.65 -4.17 35.65
C GLY G 89 -18.44 -3.26 35.48
N ALA G 90 -17.28 -3.66 36.00
CA ALA G 90 -16.02 -3.00 35.70
C ALA G 90 -15.68 -3.17 34.21
N GLU G 91 -15.72 -4.38 33.66
CA GLU G 91 -15.41 -4.61 32.24
C GLU G 91 -16.33 -3.81 31.30
N LEU G 92 -17.62 -3.65 31.65
CA LEU G 92 -18.54 -2.75 30.95
C LEU G 92 -18.11 -1.28 31.09
N THR G 93 -17.83 -0.81 32.30
CA THR G 93 -17.46 0.59 32.56
C THR G 93 -16.15 0.97 31.87
N ILE G 94 -15.15 0.09 31.85
CA ILE G 94 -13.90 0.29 31.12
C ILE G 94 -14.17 0.34 29.60
N GLY G 95 -15.11 -0.46 29.10
CA GLY G 95 -15.56 -0.37 27.70
C GLY G 95 -16.17 0.99 27.35
N LEU G 96 -17.00 1.55 28.23
CA LEU G 96 -17.58 2.89 28.04
C LEU G 96 -16.53 4.01 28.11
N LEU G 97 -15.64 3.99 29.10
CA LEU G 97 -14.56 4.98 29.20
C LEU G 97 -13.60 4.89 28.00
N GLN G 98 -13.30 3.69 27.48
CA GLN G 98 -12.53 3.57 26.23
C GLN G 98 -13.26 4.21 25.05
N ASN G 99 -14.58 4.03 24.89
CA ASN G 99 -15.34 4.69 23.83
C ASN G 99 -15.34 6.22 23.98
N LEU G 100 -15.50 6.75 25.19
CA LEU G 100 -15.47 8.20 25.42
C LEU G 100 -14.13 8.80 25.04
N LEU G 101 -13.03 8.24 25.51
CA LEU G 101 -11.70 8.77 25.22
C LEU G 101 -11.30 8.52 23.76
N ASP G 102 -11.71 7.41 23.14
CA ASP G 102 -11.49 7.17 21.70
C ASP G 102 -12.26 8.17 20.82
N VAL G 103 -13.46 8.59 21.21
CA VAL G 103 -14.20 9.68 20.55
C VAL G 103 -13.48 11.01 20.75
N LEU G 104 -13.22 11.45 21.98
CA LEU G 104 -12.58 12.76 22.23
C LEU G 104 -11.18 12.87 21.60
N ALA G 105 -10.44 11.76 21.44
CA ALA G 105 -9.16 11.75 20.75
C ALA G 105 -9.26 11.80 19.21
N ASN G 106 -10.43 11.51 18.63
CA ASN G 106 -10.67 11.49 17.18
C ASN G 106 -11.70 12.53 16.70
N VAL G 107 -12.03 13.52 17.53
CA VAL G 107 -12.82 14.70 17.14
C VAL G 107 -11.80 15.80 16.93
N ASN G 108 -11.54 16.11 15.65
CA ASN G 108 -10.38 16.89 15.25
C ASN G 108 -10.76 18.34 14.95
N ARG G 109 -9.93 19.29 15.37
CA ARG G 109 -10.07 20.72 15.07
C ARG G 109 -8.75 21.26 14.59
N LYS G 110 -8.76 21.98 13.49
CA LYS G 110 -7.59 22.63 12.92
C LYS G 110 -8.03 23.87 12.17
N CYS G 111 -7.15 24.84 12.05
CA CYS G 111 -7.47 26.09 11.37
C CYS G 111 -6.31 26.45 10.46
N ALA G 112 -6.29 26.00 9.22
CA ALA G 112 -5.20 26.34 8.30
C ALA G 112 -5.25 27.83 7.95
N VAL G 113 -4.46 28.64 8.63
CA VAL G 113 -4.37 30.10 8.48
C VAL G 113 -3.46 30.46 7.31
N GLY G 114 -3.97 31.20 6.35
CA GLY G 114 -3.21 31.86 5.29
C GLY G 114 -3.39 33.37 5.39
N VAL G 115 -2.32 34.11 5.64
CA VAL G 115 -2.33 35.58 5.64
C VAL G 115 -1.36 36.09 4.59
N ASP G 116 -1.86 36.84 3.60
CA ASP G 116 -1.10 37.28 2.44
C ASP G 116 -0.76 38.77 2.56
N ASN G 117 0.52 39.11 2.51
CA ASN G 117 1.00 40.47 2.74
C ASN G 117 1.16 41.24 1.41
N GLU G 118 0.11 41.87 0.92
CA GLU G 118 0.17 42.84 -0.17
C GLU G 118 0.25 44.29 0.35
N SER G 119 0.75 44.51 1.58
CA SER G 119 0.73 45.82 2.23
C SER G 119 1.65 46.86 1.61
N GLY G 120 2.66 46.46 0.83
CA GLY G 120 3.78 47.33 0.46
C GLY G 120 4.82 47.53 1.59
N PHE G 121 4.67 46.84 2.72
CA PHE G 121 5.46 46.98 3.95
C PHE G 121 5.93 45.61 4.47
N ARG G 122 7.18 45.54 4.96
CA ARG G 122 7.75 44.37 5.64
C ARG G 122 7.09 44.15 7.00
N TRP G 123 6.67 42.93 7.28
CA TRP G 123 6.20 42.50 8.61
C TRP G 123 7.28 41.67 9.28
N GLN G 124 7.55 41.84 10.56
CA GLN G 124 8.62 41.13 11.26
C GLN G 124 8.30 40.84 12.73
N GLU G 125 9.13 40.02 13.38
CA GLU G 125 9.04 39.64 14.80
C GLU G 125 7.77 38.85 15.12
N GLY G 126 7.48 37.81 14.34
CA GLY G 126 6.23 37.05 14.45
C GLY G 126 6.02 36.37 15.80
N SER G 127 4.97 36.73 16.53
CA SER G 127 4.65 36.24 17.87
C SER G 127 3.26 35.61 17.92
N THR G 128 3.04 34.68 18.85
CA THR G 128 1.84 33.84 18.86
C THR G 128 1.31 33.61 20.27
N TYR G 129 -0.01 33.52 20.40
CA TYR G 129 -0.67 33.11 21.63
C TYR G 129 -1.75 32.09 21.31
N PHE G 130 -1.94 31.09 22.16
CA PHE G 130 -3.05 30.16 22.05
C PHE G 130 -3.88 30.18 23.32
N PHE G 131 -5.16 30.53 23.20
CA PHE G 131 -6.12 30.28 24.28
C PHE G 131 -6.39 28.78 24.40
N SER G 132 -6.43 28.05 23.29
CA SER G 132 -6.41 26.59 23.29
C SER G 132 -5.85 26.04 21.99
N GLY G 133 -5.32 24.82 22.00
CA GLY G 133 -4.59 24.26 20.86
C GLY G 133 -3.13 24.69 20.79
N THR G 134 -2.44 24.27 19.73
CA THR G 134 -1.00 24.45 19.48
C THR G 134 -0.71 24.42 17.97
N ALA G 135 0.54 24.58 17.55
CA ALA G 135 0.99 24.27 16.21
C ALA G 135 2.36 23.60 16.25
N ASP G 136 2.76 22.86 15.21
CA ASP G 136 4.04 22.14 15.18
C ASP G 136 5.18 22.92 14.53
N GLU G 137 4.92 23.71 13.49
CA GLU G 137 5.89 24.64 12.89
C GLU G 137 5.92 26.01 13.59
N ASN G 138 6.90 26.84 13.24
CA ASN G 138 6.97 28.24 13.65
C ASN G 138 6.35 29.16 12.59
N LEU G 139 5.93 30.36 13.00
CA LEU G 139 5.73 31.49 12.10
C LEU G 139 7.05 31.79 11.36
N PRO G 140 7.03 32.28 10.10
CA PRO G 140 8.17 32.97 9.53
C PRO G 140 8.60 34.15 10.42
N TYR G 141 9.89 34.42 10.59
CA TYR G 141 10.33 35.59 11.38
C TYR G 141 9.79 36.90 10.79
N SER G 142 9.75 36.97 9.47
CA SER G 142 9.21 38.09 8.72
C SER G 142 8.48 37.58 7.49
N VAL G 143 7.47 38.32 7.05
CA VAL G 143 6.89 38.14 5.73
C VAL G 143 7.06 39.44 4.96
N SER G 144 7.82 39.38 3.86
CA SER G 144 8.10 40.55 3.04
C SER G 144 6.92 40.90 2.14
N ASP G 145 6.96 42.04 1.47
CA ASP G 145 5.93 42.46 0.52
C ASP G 145 5.71 41.41 -0.60
N GLY G 146 4.46 40.99 -0.82
CA GLY G 146 4.08 40.02 -1.85
C GLY G 146 4.17 38.54 -1.46
N TYR G 147 4.58 38.21 -0.22
CA TYR G 147 4.61 36.84 0.29
C TYR G 147 3.51 36.58 1.35
N ALA G 148 3.28 35.32 1.70
CA ALA G 148 2.24 34.91 2.65
C ALA G 148 2.79 34.13 3.84
N VAL G 149 2.19 34.35 5.01
CA VAL G 149 2.27 33.43 6.16
C VAL G 149 1.28 32.30 5.92
N LEU G 150 1.76 31.07 5.83
CA LEU G 150 0.92 29.87 5.96
C LEU G 150 1.22 29.24 7.32
N TYR G 151 0.20 29.03 8.14
CA TYR G 151 0.33 28.49 9.50
C TYR G 151 -0.77 27.47 9.77
N GLY G 152 -0.45 26.34 10.38
CA GLY G 152 -1.37 25.21 10.60
C GLY G 152 -1.61 24.85 12.06
N PRO G 153 -2.26 25.72 12.86
CA PRO G 153 -2.64 25.40 14.22
C PRO G 153 -3.73 24.32 14.31
N ARG G 154 -3.74 23.58 15.42
CA ARG G 154 -4.57 22.40 15.68
C ARG G 154 -4.90 22.26 17.16
N LYS G 155 -5.91 21.46 17.53
CA LYS G 155 -6.22 21.21 18.95
C LYS G 155 -5.11 20.45 19.67
N THR G 156 -5.12 20.51 21.01
CA THR G 156 -4.22 19.72 21.86
C THR G 156 -4.44 18.22 21.61
N ASN G 157 -3.37 17.44 21.48
CA ASN G 157 -3.45 16.02 21.15
C ASN G 157 -4.08 15.19 22.28
N GLY G 158 -4.62 14.01 21.95
CA GLY G 158 -5.24 13.11 22.93
C GLY G 158 -6.67 13.52 23.32
N PRO G 159 -7.27 12.82 24.28
CA PRO G 159 -8.68 12.94 24.63
C PRO G 159 -8.97 14.17 25.49
N VAL G 160 -8.99 15.35 24.87
CA VAL G 160 -9.30 16.63 25.50
C VAL G 160 -10.31 17.41 24.66
N ALA G 161 -11.33 17.96 25.29
CA ALA G 161 -12.51 18.57 24.65
C ALA G 161 -12.38 20.09 24.47
N THR G 162 -11.26 20.54 23.93
CA THR G 162 -11.00 21.96 23.59
C THR G 162 -10.66 22.11 22.11
N GLY G 163 -11.06 23.24 21.52
CA GLY G 163 -10.82 23.55 20.12
C GLY G 163 -9.47 24.21 19.90
N VAL G 164 -9.26 24.84 18.75
CA VAL G 164 -8.07 25.67 18.50
C VAL G 164 -8.46 27.14 18.42
N VAL G 165 -7.88 27.97 19.28
CA VAL G 165 -8.21 29.39 19.44
C VAL G 165 -6.94 30.15 19.75
N GLY G 166 -6.64 31.23 19.05
CA GLY G 166 -5.35 31.88 19.21
C GLY G 166 -5.23 33.22 18.51
N VAL G 167 -4.04 33.81 18.63
CA VAL G 167 -3.67 35.10 18.06
C VAL G 167 -2.26 35.00 17.47
N LEU G 168 -2.03 35.68 16.36
CA LEU G 168 -0.79 35.78 15.61
C LEU G 168 -0.50 37.26 15.40
N ALA G 169 0.72 37.73 15.62
CA ALA G 169 1.02 39.15 15.47
C ALA G 169 2.40 39.42 14.89
N TYR G 170 2.52 40.50 14.13
CA TYR G 170 3.76 40.97 13.52
C TYR G 170 3.91 42.48 13.70
N TYR G 171 5.11 42.96 13.99
CA TYR G 171 5.40 44.38 13.94
C TYR G 171 5.58 44.82 12.48
N ILE G 172 5.16 46.03 12.14
CA ILE G 172 5.26 46.61 10.79
C ILE G 172 6.02 47.93 10.91
N PRO G 173 7.37 47.90 10.93
CA PRO G 173 8.17 49.07 11.31
C PRO G 173 8.03 50.28 10.38
N SER G 174 7.61 50.07 9.13
CA SER G 174 7.39 51.17 8.17
C SER G 174 6.22 52.09 8.52
N ILE G 175 5.33 51.66 9.43
CA ILE G 175 4.17 52.44 9.94
C ILE G 175 4.16 52.58 11.46
N GLY G 176 4.99 51.84 12.20
CA GLY G 176 5.09 51.94 13.66
C GLY G 176 3.94 51.28 14.43
N LYS G 177 3.34 50.22 13.85
CA LYS G 177 2.17 49.51 14.37
C LYS G 177 2.36 47.99 14.27
N THR G 178 1.59 47.21 15.03
CA THR G 178 1.61 45.75 14.93
C THR G 178 0.28 45.19 14.50
N LEU G 179 0.28 44.39 13.44
CA LEU G 179 -0.87 43.61 13.01
C LEU G 179 -1.07 42.46 13.99
N ALA G 180 -2.30 42.21 14.40
CA ALA G 180 -2.70 40.98 15.05
C ALA G 180 -3.88 40.34 14.32
N VAL G 181 -3.86 39.02 14.18
CA VAL G 181 -4.89 38.19 13.56
C VAL G 181 -5.36 37.17 14.58
N MET G 182 -6.66 36.94 14.72
CA MET G 182 -7.26 36.02 15.69
C MET G 182 -8.17 35.03 14.98
N TRP G 183 -8.22 33.81 15.47
CA TRP G 183 -9.20 32.81 15.04
C TRP G 183 -9.73 32.05 16.25
N SER G 184 -10.95 31.55 16.13
CA SER G 184 -11.53 30.58 17.04
C SER G 184 -12.17 29.47 16.23
N VAL G 185 -11.84 28.22 16.54
CA VAL G 185 -12.40 27.01 15.93
C VAL G 185 -12.74 26.04 17.06
N PRO G 186 -13.94 26.16 17.66
CA PRO G 186 -14.27 25.57 18.96
C PRO G 186 -14.49 24.06 18.90
N PHE G 187 -14.52 23.41 20.06
CA PHE G 187 -14.91 22.01 20.13
C PHE G 187 -16.43 21.84 19.99
N ASP G 188 -17.21 22.59 20.76
CA ASP G 188 -18.63 22.36 20.97
C ASP G 188 -19.52 23.35 20.18
N TYR G 189 -19.87 22.96 18.95
CA TYR G 189 -20.71 23.75 18.06
C TYR G 189 -22.17 23.89 18.48
N ASN G 190 -22.58 23.36 19.63
CA ASN G 190 -23.87 23.71 20.23
C ASN G 190 -23.82 25.07 20.94
N PHE G 191 -22.67 25.44 21.49
CA PHE G 191 -22.47 26.69 22.24
C PHE G 191 -21.79 27.77 21.40
N TYR G 192 -20.86 27.38 20.54
CA TYR G 192 -19.95 28.28 19.82
C TYR G 192 -20.02 28.09 18.30
N GLN G 193 -19.31 28.95 17.56
CA GLN G 193 -19.14 28.87 16.11
C GLN G 193 -17.76 29.41 15.73
N ASN G 194 -17.31 29.18 14.51
CA ASN G 194 -16.05 29.72 14.03
C ASN G 194 -16.10 31.25 13.93
N TRP G 195 -15.10 31.94 14.48
CA TRP G 195 -14.94 33.40 14.37
C TRP G 195 -13.50 33.76 14.02
N TRP G 196 -13.26 34.91 13.41
CA TRP G 196 -11.92 35.49 13.22
C TRP G 196 -11.96 37.01 13.30
N ASN G 197 -10.82 37.66 13.41
CA ASN G 197 -10.70 39.11 13.36
C ASN G 197 -9.25 39.51 13.03
N ALA G 198 -9.01 40.75 12.67
CA ALA G 198 -7.66 41.33 12.62
C ALA G 198 -7.69 42.83 12.92
N LYS G 199 -6.61 43.38 13.50
CA LYS G 199 -6.50 44.81 13.81
C LYS G 199 -5.04 45.24 13.86
N LEU G 200 -4.77 46.54 13.74
CA LEU G 200 -3.46 47.13 14.01
C LEU G 200 -3.47 47.77 15.40
N TYR G 201 -2.53 47.39 16.25
CA TYR G 201 -2.25 48.03 17.55
C TYR G 201 -1.05 48.97 17.47
N SER G 202 -0.94 49.92 18.41
CA SER G 202 0.18 50.87 18.44
C SER G 202 1.48 50.24 18.95
N GLY G 203 2.61 50.60 18.34
CA GLY G 203 3.93 50.12 18.74
C GLY G 203 4.19 48.65 18.43
N ASN G 204 5.17 48.08 19.12
CA ASN G 204 5.58 46.68 18.98
C ASN G 204 5.06 45.88 20.17
N GLN G 205 4.28 44.83 19.93
CA GLN G 205 3.67 44.00 20.98
C GLN G 205 3.73 42.52 20.59
N ASP G 206 4.03 41.66 21.55
CA ASP G 206 3.76 40.22 21.41
C ASP G 206 2.26 39.96 21.51
N ALA G 207 1.76 38.95 20.79
CA ALA G 207 0.40 38.44 20.97
C ALA G 207 0.23 37.82 22.37
N ASP G 208 -0.85 38.14 23.06
CA ASP G 208 -1.20 37.60 24.38
C ASP G 208 -2.70 37.69 24.65
N TYR G 209 -3.15 37.30 25.85
CA TYR G 209 -4.58 37.22 26.19
C TYR G 209 -5.31 38.56 26.06
N ASP G 210 -4.65 39.69 26.31
CA ASP G 210 -5.26 41.00 26.10
C ASP G 210 -5.51 41.32 24.61
N HIS G 211 -4.79 40.70 23.67
CA HIS G 211 -5.19 40.75 22.26
C HIS G 211 -6.31 39.77 21.95
N TYR G 212 -6.33 38.58 22.55
CA TYR G 212 -7.41 37.64 22.32
C TYR G 212 -8.77 38.21 22.71
N VAL G 213 -8.91 38.74 23.93
CA VAL G 213 -10.20 39.33 24.34
C VAL G 213 -10.55 40.60 23.56
N ASP G 214 -9.58 41.42 23.20
CA ASP G 214 -9.87 42.62 22.40
C ASP G 214 -10.27 42.28 20.96
N LEU G 215 -9.68 41.25 20.34
CA LEU G 215 -10.06 40.82 18.99
C LEU G 215 -11.33 39.96 18.97
N TYR G 216 -11.65 39.21 20.02
CA TYR G 216 -12.80 38.31 20.06
C TYR G 216 -14.08 38.93 20.64
N TYR G 217 -13.98 39.84 21.63
CA TYR G 217 -15.14 40.48 22.24
C TYR G 217 -15.29 41.96 21.86
N ASP G 218 -14.25 42.77 22.08
CA ASP G 218 -14.39 44.22 22.10
C ASP G 218 -14.31 44.89 20.72
N ALA G 219 -13.55 44.34 19.76
CA ALA G 219 -13.64 44.70 18.34
C ALA G 219 -14.49 43.65 17.61
N ASN G 220 -15.49 44.07 16.82
CA ASN G 220 -16.49 43.16 16.26
C ASN G 220 -15.86 42.07 15.37
N PRO G 221 -15.89 40.78 15.74
CA PRO G 221 -15.30 39.71 14.95
C PRO G 221 -16.18 39.35 13.75
N PHE G 222 -15.65 38.55 12.84
CA PHE G 222 -16.30 38.04 11.64
C PHE G 222 -16.65 36.57 11.77
N LYS G 223 -17.86 36.19 11.38
CA LYS G 223 -18.33 34.80 11.30
C LYS G 223 -17.64 34.04 10.16
N ALA G 224 -17.82 32.72 10.14
CA ALA G 224 -17.46 31.87 9.01
C ALA G 224 -18.59 31.78 7.95
N ASN G 225 -18.98 32.90 7.34
CA ASN G 225 -20.06 32.98 6.35
C ASN G 225 -19.65 33.63 5.01
N GLY G 226 -18.37 33.53 4.65
CA GLY G 226 -17.82 34.06 3.40
C GLY G 226 -16.96 35.30 3.56
N TRP G 227 -16.75 36.04 2.47
CA TRP G 227 -15.77 37.12 2.42
C TRP G 227 -16.25 38.42 3.05
N HIS G 228 -15.39 39.00 3.90
CA HIS G 228 -15.55 40.29 4.57
C HIS G 228 -14.36 41.21 4.30
N GLU G 229 -14.57 42.52 4.34
CA GLU G 229 -13.56 43.53 4.02
C GLU G 229 -13.62 44.69 5.04
N ARG G 230 -12.47 45.22 5.47
CA ARG G 230 -12.35 46.09 6.64
C ARG G 230 -11.08 46.95 6.57
N SER G 231 -11.21 48.25 6.79
CA SER G 231 -10.04 49.15 6.89
C SER G 231 -9.30 48.97 8.22
N LEU G 232 -7.97 49.12 8.19
CA LEU G 232 -7.09 49.01 9.36
C LEU G 232 -6.58 50.36 9.88
N GLY G 233 -6.80 51.45 9.17
CA GLY G 233 -6.11 52.72 9.39
C GLY G 233 -4.65 52.69 8.89
N SER G 234 -3.94 53.81 8.99
CA SER G 234 -2.58 53.98 8.46
C SER G 234 -2.40 53.62 6.97
N GLY G 235 -3.50 53.66 6.20
CA GLY G 235 -3.51 53.39 4.76
C GLY G 235 -3.62 51.92 4.37
N LEU G 236 -3.83 51.00 5.31
CA LEU G 236 -4.08 49.57 5.05
C LEU G 236 -5.55 49.19 5.19
N LYS G 237 -5.91 48.06 4.58
CA LYS G 237 -7.16 47.31 4.81
C LYS G 237 -6.89 45.81 4.72
N PHE G 238 -7.88 45.00 5.03
CA PHE G 238 -7.87 43.59 4.67
C PHE G 238 -9.19 43.18 4.05
N CYS G 239 -9.16 42.10 3.29
CA CYS G 239 -10.32 41.27 3.00
C CYS G 239 -9.99 39.84 3.39
N GLY G 240 -10.95 39.05 3.85
CA GLY G 240 -10.71 37.68 4.23
C GLY G 240 -11.98 36.88 4.47
N SER G 241 -11.83 35.59 4.68
CA SER G 241 -12.92 34.66 5.01
C SER G 241 -12.42 33.49 5.85
N MET G 242 -13.32 32.82 6.57
CA MET G 242 -13.04 31.53 7.19
C MET G 242 -14.14 30.53 6.82
N SER G 243 -13.78 29.27 6.57
CA SER G 243 -14.77 28.20 6.39
C SER G 243 -15.30 27.69 7.72
N SER G 244 -16.55 27.20 7.75
CA SER G 244 -17.27 26.80 8.97
C SER G 244 -16.97 25.37 9.44
N SER G 245 -16.07 24.64 8.79
CA SER G 245 -15.93 23.19 8.91
C SER G 245 -15.57 22.66 10.30
N GLY G 246 -14.63 23.29 11.00
CA GLY G 246 -13.96 22.71 12.17
C GLY G 246 -12.60 22.10 11.81
N GLN G 247 -12.48 21.51 10.62
CA GLN G 247 -11.20 21.44 9.90
C GLN G 247 -11.09 22.67 8.99
N ALA G 248 -11.07 23.85 9.58
CA ALA G 248 -11.27 25.13 8.91
C ALA G 248 -10.07 25.54 8.05
N THR G 249 -10.31 26.43 7.10
CA THR G 249 -9.30 27.32 6.52
C THR G 249 -9.65 28.76 6.88
N LEU G 250 -8.67 29.57 7.30
CA LEU G 250 -8.78 31.03 7.44
C LEU G 250 -7.92 31.64 6.34
N GLU G 251 -8.43 32.63 5.63
CA GLU G 251 -7.73 33.22 4.49
C GLU G 251 -7.91 34.73 4.48
N ILE G 252 -6.82 35.48 4.58
CA ILE G 252 -6.83 36.95 4.67
C ILE G 252 -5.82 37.51 3.68
N HIS G 253 -6.20 38.55 2.94
CA HIS G 253 -5.29 39.37 2.16
C HIS G 253 -5.23 40.75 2.78
N VAL G 254 -4.05 41.21 3.17
CA VAL G 254 -3.85 42.54 3.76
C VAL G 254 -3.24 43.43 2.70
N LEU G 255 -3.84 44.58 2.44
CA LEU G 255 -3.69 45.36 1.21
C LEU G 255 -3.56 46.86 1.51
N LYS G 256 -2.98 47.63 0.58
CA LYS G 256 -3.17 49.09 0.57
C LYS G 256 -4.66 49.41 0.42
N GLU G 257 -5.16 50.44 1.09
CA GLU G 257 -6.60 50.72 1.16
C GLU G 257 -7.26 50.98 -0.21
N SER G 258 -6.50 51.55 -1.16
CA SER G 258 -6.93 51.81 -2.53
C SER G 258 -7.03 50.57 -3.43
N GLU G 259 -6.44 49.45 -3.04
CA GLU G 259 -6.28 48.25 -3.88
C GLU G 259 -7.58 47.44 -4.00
N THR G 260 -7.85 46.82 -5.15
CA THR G 260 -8.97 45.86 -5.29
C THR G 260 -8.59 44.51 -4.68
N CYS G 261 -9.42 43.94 -3.81
CA CYS G 261 -9.17 42.65 -3.18
C CYS G 261 -9.07 41.51 -4.21
N MET G 262 -8.07 40.63 -4.06
CA MET G 262 -7.86 39.42 -4.86
C MET G 262 -8.03 39.63 -6.38
N ALA H 82 -30.95 -11.38 38.64
CA ALA H 82 -31.04 -9.96 38.29
C ALA H 82 -29.74 -9.43 37.66
N ALA H 83 -28.71 -9.11 38.44
CA ALA H 83 -27.56 -8.29 37.96
C ALA H 83 -26.80 -8.86 36.75
N GLY H 84 -26.68 -10.19 36.63
CA GLY H 84 -26.04 -10.80 35.46
C GLY H 84 -26.72 -10.46 34.12
N THR H 85 -28.06 -10.44 34.09
CA THR H 85 -28.83 -10.05 32.89
C THR H 85 -28.94 -8.54 32.71
N ILE H 86 -28.78 -7.74 33.77
CA ILE H 86 -28.65 -6.28 33.62
C ILE H 86 -27.35 -5.94 32.87
N ILE H 87 -26.20 -6.51 33.26
CA ILE H 87 -24.95 -6.28 32.55
C ILE H 87 -24.99 -6.89 31.13
N ALA H 88 -25.60 -8.07 30.94
CA ALA H 88 -25.72 -8.65 29.59
C ALA H 88 -26.67 -7.86 28.67
N GLY H 89 -27.76 -7.31 29.19
CA GLY H 89 -28.68 -6.43 28.47
C GLY H 89 -28.08 -5.05 28.19
N ALA H 90 -27.23 -4.53 29.09
CA ALA H 90 -26.43 -3.36 28.81
C ALA H 90 -25.44 -3.64 27.66
N GLU H 91 -24.67 -4.72 27.71
CA GLU H 91 -23.72 -5.05 26.64
C GLU H 91 -24.40 -5.21 25.27
N LEU H 92 -25.62 -5.76 25.21
CA LEU H 92 -26.45 -5.79 24.00
C LEU H 92 -26.86 -4.37 23.57
N THR H 93 -27.38 -3.55 24.49
CA THR H 93 -27.85 -2.19 24.19
C THR H 93 -26.71 -1.28 23.71
N ILE H 94 -25.52 -1.37 24.31
CA ILE H 94 -24.34 -0.65 23.85
C ILE H 94 -23.91 -1.14 22.46
N GLY H 95 -24.05 -2.42 22.16
CA GLY H 95 -23.84 -2.95 20.80
C GLY H 95 -24.79 -2.35 19.76
N LEU H 96 -26.07 -2.20 20.09
CA LEU H 96 -27.06 -1.56 19.21
C LEU H 96 -26.79 -0.06 19.02
N LEU H 97 -26.52 0.69 20.08
CA LEU H 97 -26.19 2.11 19.97
C LEU H 97 -24.88 2.33 19.19
N GLN H 98 -23.87 1.46 19.32
CA GLN H 98 -22.69 1.53 18.46
C GLN H 98 -23.04 1.31 16.99
N ASN H 99 -23.90 0.35 16.65
CA ASN H 99 -24.34 0.16 15.25
C ASN H 99 -25.11 1.38 14.72
N LEU H 100 -26.01 1.97 15.50
CA LEU H 100 -26.75 3.15 15.07
C LEU H 100 -25.83 4.33 14.77
N LEU H 101 -24.92 4.66 15.68
CA LEU H 101 -24.01 5.79 15.49
C LEU H 101 -22.95 5.48 14.41
N ASP H 102 -22.49 4.24 14.27
CA ASP H 102 -21.59 3.85 13.17
C ASP H 102 -22.26 3.94 11.79
N VAL H 103 -23.55 3.65 11.68
CA VAL H 103 -24.35 3.90 10.47
C VAL H 103 -24.49 5.40 10.21
N LEU H 104 -25.03 6.19 11.15
CA LEU H 104 -25.24 7.62 10.94
C LEU H 104 -23.94 8.39 10.65
N ALA H 105 -22.78 7.94 11.17
CA ALA H 105 -21.49 8.52 10.86
C ALA H 105 -20.93 8.15 9.47
N ASN H 106 -21.45 7.09 8.83
CA ASN H 106 -21.00 6.58 7.53
C ASN H 106 -22.07 6.66 6.42
N VAL H 107 -23.15 7.43 6.64
CA VAL H 107 -24.13 7.78 5.61
C VAL H 107 -23.76 9.18 5.16
N ASN H 108 -23.15 9.27 3.98
CA ASN H 108 -22.44 10.46 3.53
C ASN H 108 -23.28 11.28 2.55
N ARG H 109 -23.25 12.60 2.69
CA ARG H 109 -23.90 13.54 1.76
C ARG H 109 -22.92 14.64 1.41
N LYS H 110 -22.78 14.93 0.14
CA LYS H 110 -21.94 15.99 -0.39
C LYS H 110 -22.52 16.49 -1.68
N CYS H 111 -22.24 17.73 -2.02
CA CYS H 111 -22.77 18.35 -3.22
C CYS H 111 -21.64 19.10 -3.91
N ALA H 112 -20.87 18.47 -4.79
CA ALA H 112 -19.81 19.16 -5.50
C ALA H 112 -20.39 20.20 -6.48
N VAL H 113 -20.43 21.45 -6.06
CA VAL H 113 -20.98 22.59 -6.82
C VAL H 113 -19.94 23.13 -7.79
N GLY H 114 -20.27 23.17 -9.07
CA GLY H 114 -19.51 23.88 -10.10
C GLY H 114 -20.40 24.97 -10.72
N VAL H 115 -20.02 26.23 -10.59
CA VAL H 115 -20.71 27.35 -11.23
C VAL H 115 -19.74 28.07 -12.16
N ASP H 116 -20.04 28.11 -13.45
CA ASP H 116 -19.16 28.63 -14.49
C ASP H 116 -19.64 30.01 -14.97
N ASN H 117 -18.79 31.02 -14.88
CA ASN H 117 -19.14 32.40 -15.17
C ASN H 117 -18.80 32.78 -16.62
N GLU H 118 -19.70 32.52 -17.56
CA GLU H 118 -19.62 33.05 -18.92
C GLU H 118 -20.46 34.33 -19.09
N SER H 119 -20.70 35.08 -18.01
CA SER H 119 -21.61 36.23 -18.02
C SER H 119 -21.11 37.44 -18.81
N GLY H 120 -19.80 37.54 -19.09
CA GLY H 120 -19.18 38.80 -19.53
C GLY H 120 -18.95 39.83 -18.41
N PHE H 121 -19.25 39.48 -17.16
CA PHE H 121 -19.22 40.34 -15.97
C PHE H 121 -18.45 39.70 -14.81
N ARG H 122 -17.66 40.49 -14.08
CA ARG H 122 -16.97 40.09 -12.84
C ARG H 122 -17.96 39.85 -11.71
N TRP H 123 -17.85 38.72 -11.02
CA TRP H 123 -18.59 38.43 -9.79
C TRP H 123 -17.66 38.59 -8.60
N GLN H 124 -18.08 39.19 -7.49
CA GLN H 124 -17.23 39.45 -6.33
C GLN H 124 -17.98 39.37 -5.00
N GLU H 125 -17.24 39.39 -3.90
CA GLU H 125 -17.75 39.38 -2.51
C GLU H 125 -18.51 38.10 -2.16
N GLY H 126 -17.91 36.94 -2.46
CA GLY H 126 -18.56 35.63 -2.30
C GLY H 126 -19.00 35.30 -0.88
N SER H 127 -20.30 35.14 -0.64
CA SER H 127 -20.90 34.88 0.68
C SER H 127 -21.70 33.59 0.69
N THR H 128 -21.85 32.97 1.86
CA THR H 128 -22.38 31.61 1.97
C THR H 128 -23.31 31.44 3.16
N TYR H 129 -24.34 30.63 3.03
CA TYR H 129 -25.20 30.22 4.13
C TYR H 129 -25.41 28.71 4.06
N PHE H 130 -25.46 28.03 5.20
CA PHE H 130 -25.85 26.63 5.26
C PHE H 130 -27.05 26.45 6.18
N PHE H 131 -28.15 25.93 5.64
CA PHE H 131 -29.24 25.43 6.46
C PHE H 131 -28.81 24.15 7.17
N SER H 132 -28.03 23.30 6.51
CA SER H 132 -27.34 22.18 7.16
C SER H 132 -26.08 21.79 6.40
N GLY H 133 -25.11 21.16 7.06
CA GLY H 133 -23.80 20.89 6.47
C GLY H 133 -22.83 22.08 6.55
N THR H 134 -21.64 21.90 5.97
CA THR H 134 -20.52 22.84 5.99
C THR H 134 -19.62 22.63 4.76
N ALA H 135 -18.55 23.40 4.60
CA ALA H 135 -17.47 23.11 3.67
C ALA H 135 -16.12 23.41 4.31
N ASP H 136 -15.02 22.84 3.81
CA ASP H 136 -13.68 23.03 4.39
C ASP H 136 -12.88 24.16 3.74
N GLU H 137 -13.00 24.37 2.43
CA GLU H 137 -12.42 25.52 1.71
C GLU H 137 -13.33 26.75 1.72
N ASN H 138 -12.80 27.89 1.28
CA ASN H 138 -13.57 29.10 1.03
C ASN H 138 -14.02 29.19 -0.43
N LEU H 139 -15.07 29.97 -0.69
CA LEU H 139 -15.36 30.51 -2.02
C LEU H 139 -14.17 31.34 -2.50
N PRO H 140 -13.86 31.40 -3.81
CA PRO H 140 -13.06 32.48 -4.37
C PRO H 140 -13.66 33.85 -4.01
N TYR H 141 -12.86 34.87 -3.69
CA TYR H 141 -13.41 36.22 -3.42
C TYR H 141 -14.16 36.76 -4.62
N SER H 142 -13.65 36.48 -5.82
CA SER H 142 -14.26 36.84 -7.08
C SER H 142 -14.07 35.73 -8.09
N VAL H 143 -15.00 35.60 -9.02
CA VAL H 143 -14.80 34.80 -10.23
C VAL H 143 -14.93 35.73 -11.43
N SER H 144 -13.85 35.87 -12.19
CA SER H 144 -13.82 36.75 -13.35
C SER H 144 -14.50 36.09 -14.56
N ASP H 145 -14.71 36.84 -15.64
CA ASP H 145 -15.29 36.32 -16.88
C ASP H 145 -14.48 35.12 -17.43
N GLY H 146 -15.17 34.01 -17.71
CA GLY H 146 -14.58 32.80 -18.27
C GLY H 146 -13.98 31.81 -17.26
N TYR H 147 -14.04 32.08 -15.95
CA TYR H 147 -13.61 31.15 -14.90
C TYR H 147 -14.80 30.57 -14.10
N ALA H 148 -14.55 29.54 -13.30
CA ALA H 148 -15.58 28.84 -12.53
C ALA H 148 -15.30 28.84 -11.02
N VAL H 149 -16.37 28.93 -10.23
CA VAL H 149 -16.38 28.54 -8.82
C VAL H 149 -16.52 27.03 -8.75
N LEU H 150 -15.54 26.34 -8.17
CA LEU H 150 -15.69 24.96 -7.72
C LEU H 150 -15.75 24.97 -6.20
N TYR H 151 -16.80 24.40 -5.62
CA TYR H 151 -17.03 24.37 -4.17
C TYR H 151 -17.53 23.00 -3.74
N GLY H 152 -17.03 22.47 -2.63
CA GLY H 152 -17.31 21.11 -2.15
C GLY H 152 -17.96 21.03 -0.77
N PRO H 153 -19.20 21.50 -0.61
CA PRO H 153 -19.95 21.36 0.64
C PRO H 153 -20.33 19.90 0.94
N ARG H 154 -20.47 19.58 2.23
CA ARG H 154 -20.68 18.25 2.79
C ARG H 154 -21.51 18.29 4.07
N LYS H 155 -22.09 17.17 4.52
CA LYS H 155 -22.82 17.12 5.79
C LYS H 155 -21.92 17.37 7.00
N THR H 156 -22.53 17.73 8.13
CA THR H 156 -21.85 17.85 9.42
C THR H 156 -21.20 16.51 9.82
N ASN H 157 -19.96 16.52 10.29
CA ASN H 157 -19.23 15.30 10.60
C ASN H 157 -19.81 14.55 11.81
N GLY H 158 -19.55 13.25 11.92
CA GLY H 158 -20.03 12.41 13.02
C GLY H 158 -21.49 11.97 12.87
N PRO H 159 -22.05 11.31 13.89
CA PRO H 159 -23.34 10.65 13.81
C PRO H 159 -24.52 11.63 13.95
N VAL H 160 -24.80 12.38 12.90
CA VAL H 160 -25.91 13.33 12.82
C VAL H 160 -26.69 13.12 11.52
N ALA H 161 -28.02 13.10 11.59
CA ALA H 161 -28.92 12.72 10.51
C ALA H 161 -29.45 13.92 9.71
N THR H 162 -28.56 14.81 9.29
CA THR H 162 -28.86 15.97 8.44
C THR H 162 -28.04 15.94 7.16
N GLY H 163 -28.62 16.42 6.05
CA GLY H 163 -27.97 16.48 4.75
C GLY H 163 -27.13 17.74 4.58
N VAL H 164 -26.77 18.08 3.34
CA VAL H 164 -26.13 19.36 3.02
C VAL H 164 -27.07 20.25 2.22
N VAL H 165 -27.38 21.43 2.74
CA VAL H 165 -28.36 22.36 2.19
C VAL H 165 -27.86 23.78 2.41
N GLY H 166 -27.83 24.62 1.38
CA GLY H 166 -27.19 25.92 1.52
C GLY H 166 -27.41 26.86 0.36
N VAL H 167 -26.82 28.05 0.46
CA VAL H 167 -26.89 29.13 -0.51
C VAL H 167 -25.50 29.73 -0.68
N LEU H 168 -25.16 30.14 -1.89
CA LEU H 168 -23.92 30.77 -2.31
C LEU H 168 -24.29 32.04 -3.07
N ALA H 169 -23.65 33.17 -2.82
CA ALA H 169 -24.01 34.41 -3.50
C ALA H 169 -22.82 35.30 -3.82
N TYR H 170 -22.91 36.02 -4.92
CA TYR H 170 -21.90 36.98 -5.39
C TYR H 170 -22.56 38.26 -5.86
N TYR H 171 -21.97 39.41 -5.55
CA TYR H 171 -22.38 40.67 -6.15
C TYR H 171 -21.82 40.77 -7.58
N ILE H 172 -22.56 41.38 -8.49
CA ILE H 172 -22.17 41.56 -9.90
C ILE H 172 -22.24 43.05 -10.21
N PRO H 173 -21.20 43.84 -9.89
CA PRO H 173 -21.28 45.30 -9.88
C PRO H 173 -21.53 45.93 -11.26
N SER H 174 -21.24 45.23 -12.35
CA SER H 174 -21.49 45.71 -13.71
C SER H 174 -22.98 45.80 -14.07
N ILE H 175 -23.86 45.17 -13.28
CA ILE H 175 -25.33 45.19 -13.45
C ILE H 175 -26.08 45.66 -12.19
N GLY H 176 -25.41 45.76 -11.03
CA GLY H 176 -26.00 46.24 -9.79
C GLY H 176 -26.92 45.22 -9.09
N LYS H 177 -26.64 43.92 -9.26
CA LYS H 177 -27.44 42.79 -8.76
C LYS H 177 -26.55 41.73 -8.12
N THR H 178 -27.11 40.85 -7.30
CA THR H 178 -26.39 39.71 -6.74
C THR H 178 -26.97 38.39 -7.17
N LEU H 179 -26.14 37.53 -7.73
CA LEU H 179 -26.47 36.14 -8.02
C LEU H 179 -26.52 35.36 -6.71
N ALA H 180 -27.55 34.55 -6.52
CA ALA H 180 -27.56 33.51 -5.50
C ALA H 180 -27.86 32.15 -6.12
N VAL H 181 -27.18 31.11 -5.66
CA VAL H 181 -27.32 29.71 -6.07
C VAL H 181 -27.66 28.89 -4.83
N MET H 182 -28.61 27.97 -4.91
CA MET H 182 -29.07 27.15 -3.78
C MET H 182 -29.01 25.68 -4.17
N TRP H 183 -28.69 24.82 -3.21
CA TRP H 183 -28.80 23.37 -3.37
C TRP H 183 -29.39 22.75 -2.11
N SER H 184 -30.05 21.62 -2.26
CA SER H 184 -30.45 20.74 -1.17
C SER H 184 -30.07 19.31 -1.53
N VAL H 185 -29.37 18.63 -0.64
CA VAL H 185 -28.98 17.22 -0.76
C VAL H 185 -29.29 16.54 0.57
N PRO H 186 -30.53 16.06 0.77
CA PRO H 186 -31.07 15.72 2.09
C PRO H 186 -30.52 14.41 2.65
N PHE H 187 -30.73 14.16 3.94
CA PHE H 187 -30.43 12.86 4.52
C PHE H 187 -31.46 11.80 4.14
N ASP H 188 -32.75 12.11 4.31
CA ASP H 188 -33.83 11.13 4.26
C ASP H 188 -34.63 11.18 2.95
N TYR H 189 -34.20 10.39 1.98
CA TYR H 189 -34.82 10.28 0.66
C TYR H 189 -36.21 9.63 0.64
N ASN H 190 -36.77 9.25 1.79
CA ASN H 190 -38.19 8.89 1.87
C ASN H 190 -39.09 10.14 1.91
N PHE H 191 -38.61 11.24 2.47
CA PHE H 191 -39.35 12.49 2.62
C PHE H 191 -38.96 13.53 1.57
N TYR H 192 -37.69 13.58 1.20
CA TYR H 192 -37.09 14.64 0.38
C TYR H 192 -36.41 14.09 -0.88
N GLN H 193 -35.94 15.00 -1.74
CA GLN H 193 -35.14 14.70 -2.93
C GLN H 193 -34.16 15.85 -3.19
N ASN H 194 -33.17 15.64 -4.05
CA ASN H 194 -32.24 16.69 -4.42
C ASN H 194 -32.94 17.82 -5.19
N TRP H 195 -32.73 19.07 -4.80
CA TRP H 195 -33.23 20.26 -5.49
C TRP H 195 -32.13 21.31 -5.64
N TRP H 196 -32.22 22.19 -6.62
CA TRP H 196 -31.37 23.39 -6.74
C TRP H 196 -32.13 24.56 -7.35
N ASN H 197 -31.59 25.76 -7.28
CA ASN H 197 -32.16 26.93 -7.94
C ASN H 197 -31.08 28.02 -8.07
N ALA H 198 -31.31 29.04 -8.88
CA ALA H 198 -30.51 30.27 -8.88
C ALA H 198 -31.36 31.48 -9.28
N LYS H 199 -31.03 32.67 -8.78
CA LYS H 199 -31.74 33.92 -9.11
C LYS H 199 -30.83 35.13 -8.93
N LEU H 200 -31.17 36.26 -9.55
CA LEU H 200 -30.55 37.55 -9.27
C LEU H 200 -31.45 38.37 -8.35
N TYR H 201 -30.91 38.84 -7.23
CA TYR H 201 -31.55 39.80 -6.32
C TYR H 201 -31.03 41.22 -6.54
N SER H 202 -31.78 42.23 -6.11
CA SER H 202 -31.38 43.64 -6.25
C SER H 202 -30.30 44.04 -5.24
N GLY H 203 -29.33 44.84 -5.68
CA GLY H 203 -28.26 45.36 -4.82
C GLY H 203 -27.24 44.30 -4.39
N ASN H 204 -26.50 44.60 -3.32
CA ASN H 204 -25.49 43.74 -2.74
C ASN H 204 -26.04 43.11 -1.46
N GLN H 205 -26.05 41.77 -1.39
CA GLN H 205 -26.60 41.02 -0.25
C GLN H 205 -25.69 39.82 0.08
N ASP H 206 -25.47 39.56 1.37
CA ASP H 206 -24.96 38.27 1.81
C ASP H 206 -26.04 37.19 1.68
N ALA H 207 -25.65 35.95 1.38
CA ALA H 207 -26.55 34.80 1.46
C ALA H 207 -26.99 34.54 2.90
N ASP H 208 -28.28 34.31 3.13
CA ASP H 208 -28.87 34.01 4.44
C ASP H 208 -30.19 33.26 4.30
N TYR H 209 -30.87 32.97 5.42
CA TYR H 209 -32.08 32.14 5.43
C TYR H 209 -33.22 32.70 4.56
N ASP H 210 -33.34 34.03 4.43
CA ASP H 210 -34.33 34.62 3.53
C ASP H 210 -34.02 34.37 2.04
N HIS H 211 -32.78 34.09 1.65
CA HIS H 211 -32.49 33.57 0.32
C HIS H 211 -32.77 32.08 0.23
N TYR H 212 -32.50 31.29 1.27
CA TYR H 212 -32.80 29.86 1.24
C TYR H 212 -34.28 29.59 1.03
N VAL H 213 -35.17 30.21 1.82
CA VAL H 213 -36.61 29.99 1.64
C VAL H 213 -37.14 30.58 0.33
N ASP H 214 -36.61 31.70 -0.14
CA ASP H 214 -37.05 32.27 -1.42
C ASP H 214 -36.57 31.43 -2.62
N LEU H 215 -35.38 30.84 -2.57
CA LEU H 215 -34.89 29.96 -3.64
C LEU H 215 -35.46 28.54 -3.56
N TYR H 216 -35.81 28.03 -2.39
CA TYR H 216 -36.31 26.65 -2.23
C TYR H 216 -37.84 26.52 -2.27
N TYR H 217 -38.60 27.51 -1.79
CA TYR H 217 -40.07 27.46 -1.80
C TYR H 217 -40.70 28.42 -2.81
N ASP H 218 -40.37 29.70 -2.74
CA ASP H 218 -41.15 30.75 -3.40
C ASP H 218 -40.81 30.99 -4.88
N ALA H 219 -39.55 30.79 -5.30
CA ALA H 219 -39.17 30.67 -6.71
C ALA H 219 -39.03 29.19 -7.08
N ASN H 220 -39.65 28.73 -8.16
CA ASN H 220 -39.77 27.30 -8.48
C ASN H 220 -38.39 26.62 -8.64
N PRO H 221 -37.98 25.70 -7.76
CA PRO H 221 -36.68 25.05 -7.84
C PRO H 221 -36.68 23.96 -8.93
N PHE H 222 -35.50 23.45 -9.24
CA PHE H 222 -35.26 22.39 -10.21
C PHE H 222 -34.90 21.07 -9.53
N LYS H 223 -35.49 19.97 -9.97
CA LYS H 223 -35.18 18.61 -9.53
C LYS H 223 -33.80 18.16 -10.05
N ALA H 224 -33.31 17.03 -9.52
CA ALA H 224 -32.15 16.32 -10.05
C ALA H 224 -32.52 15.33 -11.18
N ASN H 225 -33.09 15.82 -12.30
CA ASN H 225 -33.55 15.01 -13.43
C ASN H 225 -32.94 15.43 -14.79
N GLY H 226 -31.75 16.04 -14.78
CA GLY H 226 -31.02 16.46 -15.98
C GLY H 226 -31.00 17.97 -16.20
N TRP H 227 -30.71 18.41 -17.41
CA TRP H 227 -30.44 19.81 -17.72
C TRP H 227 -31.68 20.68 -17.84
N HIS H 228 -31.65 21.83 -17.17
CA HIS H 228 -32.66 22.88 -17.19
C HIS H 228 -32.04 24.23 -17.56
N GLU H 229 -32.83 25.13 -18.15
CA GLU H 229 -32.39 26.44 -18.65
C GLU H 229 -33.41 27.53 -18.28
N ARG H 230 -32.94 28.72 -17.88
CA ARG H 230 -33.76 29.75 -17.21
C ARG H 230 -33.15 31.13 -17.37
N SER H 231 -33.94 32.12 -17.77
CA SER H 231 -33.50 33.52 -17.83
C SER H 231 -33.42 34.14 -16.43
N LEU H 232 -32.45 35.04 -16.22
CA LEU H 232 -32.22 35.75 -14.96
C LEU H 232 -32.67 37.22 -14.97
N GLY H 233 -33.05 37.76 -16.14
CA GLY H 233 -33.19 39.20 -16.34
C GLY H 233 -31.84 39.91 -16.44
N SER H 234 -31.84 41.22 -16.69
CA SER H 234 -30.63 42.03 -16.91
C SER H 234 -29.70 41.51 -18.02
N GLY H 235 -30.23 40.71 -18.94
CA GLY H 235 -29.49 40.15 -20.08
C GLY H 235 -28.72 38.86 -19.80
N LEU H 236 -28.87 38.25 -18.63
CA LEU H 236 -28.29 36.95 -18.29
C LEU H 236 -29.31 35.80 -18.32
N LYS H 237 -28.80 34.58 -18.44
CA LYS H 237 -29.52 33.31 -18.19
C LYS H 237 -28.58 32.31 -17.55
N PHE H 238 -29.10 31.17 -17.14
CA PHE H 238 -28.29 30.00 -16.84
C PHE H 238 -28.85 28.76 -17.49
N CYS H 239 -27.99 27.76 -17.66
CA CYS H 239 -28.39 26.37 -17.81
C CYS H 239 -27.63 25.56 -16.77
N GLY H 240 -28.22 24.48 -16.25
CA GLY H 240 -27.55 23.66 -15.25
C GLY H 240 -28.27 22.36 -14.98
N SER H 241 -27.65 21.49 -14.19
CA SER H 241 -28.21 20.22 -13.75
C SER H 241 -27.65 19.81 -12.40
N MET H 242 -28.34 18.93 -11.67
CA MET H 242 -27.80 18.25 -10.50
C MET H 242 -28.02 16.74 -10.62
N SER H 243 -27.05 15.92 -10.21
CA SER H 243 -27.24 14.48 -10.12
C SER H 243 -28.00 14.08 -8.85
N SER H 244 -28.74 12.97 -8.89
CA SER H 244 -29.64 12.52 -7.81
C SER H 244 -28.95 11.70 -6.71
N SER H 245 -27.64 11.53 -6.76
CA SER H 245 -26.92 10.53 -5.98
C SER H 245 -26.99 10.66 -4.46
N GLY H 246 -26.86 11.86 -3.92
CA GLY H 246 -26.57 12.09 -2.49
C GLY H 246 -25.08 12.34 -2.23
N GLN H 247 -24.20 11.69 -2.99
CA GLN H 247 -22.87 12.22 -3.29
C GLN H 247 -22.95 13.01 -4.61
N ALA H 248 -23.75 14.08 -4.60
CA ALA H 248 -24.20 14.78 -5.80
C ALA H 248 -23.09 15.60 -6.45
N THR H 249 -23.29 15.92 -7.73
CA THR H 249 -22.66 17.07 -8.40
C THR H 249 -23.75 18.06 -8.79
N LEU H 250 -23.55 19.36 -8.57
CA LEU H 250 -24.37 20.44 -9.11
C LEU H 250 -23.51 21.18 -10.13
N GLU H 251 -24.05 21.46 -11.31
CA GLU H 251 -23.30 22.06 -12.41
C GLU H 251 -24.14 23.11 -13.13
N ILE H 252 -23.69 24.36 -13.12
CA ILE H 252 -24.40 25.50 -13.68
C ILE H 252 -23.46 26.29 -14.57
N HIS H 253 -23.92 26.70 -15.75
CA HIS H 253 -23.25 27.68 -16.60
C HIS H 253 -24.11 28.93 -16.64
N VAL H 254 -23.58 30.08 -16.24
CA VAL H 254 -24.29 31.36 -16.27
C VAL H 254 -23.77 32.15 -17.44
N LEU H 255 -24.67 32.63 -18.31
CA LEU H 255 -24.38 33.02 -19.69
C LEU H 255 -25.09 34.32 -20.05
N LYS H 256 -24.60 35.04 -21.08
CA LYS H 256 -25.42 36.05 -21.76
C LYS H 256 -26.66 35.38 -22.37
N GLU H 257 -27.81 36.04 -22.35
CA GLU H 257 -29.08 35.41 -22.74
C GLU H 257 -29.12 34.90 -24.19
N SER H 258 -28.40 35.57 -25.09
CA SER H 258 -28.26 35.18 -26.50
C SER H 258 -27.37 33.95 -26.77
N GLU H 259 -26.56 33.54 -25.79
CA GLU H 259 -25.53 32.51 -25.98
C GLU H 259 -26.09 31.08 -26.00
N THR H 260 -25.53 30.18 -26.79
CA THR H 260 -25.88 28.74 -26.74
C THR H 260 -25.22 28.07 -25.53
N CYS H 261 -25.99 27.35 -24.72
CA CYS H 261 -25.47 26.66 -23.54
C CYS H 261 -24.42 25.59 -23.92
N MET H 262 -23.31 25.54 -23.18
CA MET H 262 -22.23 24.54 -23.30
C MET H 262 -21.80 24.25 -24.75
#